data_4MRG
# 
_entry.id   4MRG 
# 
_audit_conform.dict_name       mmcif_pdbx.dic 
_audit_conform.dict_version    5.399 
_audit_conform.dict_location   http://mmcif.pdb.org/dictionaries/ascii/mmcif_pdbx.dic 
# 
loop_
_database_2.database_id 
_database_2.database_code 
_database_2.pdbx_database_accession 
_database_2.pdbx_DOI 
PDB   4MRG         pdb_00004mrg 10.2210/pdb4mrg/pdb 
RCSB  RCSB082273   ?            ?                   
WWPDB D_1000082273 ?            ?                   
# 
loop_
_pdbx_audit_revision_history.ordinal 
_pdbx_audit_revision_history.data_content_type 
_pdbx_audit_revision_history.major_revision 
_pdbx_audit_revision_history.minor_revision 
_pdbx_audit_revision_history.revision_date 
1 'Structure model' 1 0 2014-04-16 
2 'Structure model' 1 1 2023-09-20 
3 'Structure model' 1 2 2024-11-20 
# 
_pdbx_audit_revision_details.ordinal             1 
_pdbx_audit_revision_details.revision_ordinal    1 
_pdbx_audit_revision_details.data_content_type   'Structure model' 
_pdbx_audit_revision_details.provider            repository 
_pdbx_audit_revision_details.type                'Initial release' 
_pdbx_audit_revision_details.description         ? 
_pdbx_audit_revision_details.details             ? 
# 
loop_
_pdbx_audit_revision_group.ordinal 
_pdbx_audit_revision_group.revision_ordinal 
_pdbx_audit_revision_group.data_content_type 
_pdbx_audit_revision_group.group 
1 2 'Structure model' 'Data collection'        
2 2 'Structure model' 'Database references'    
3 2 'Structure model' 'Derived calculations'   
4 2 'Structure model' 'Refinement description' 
5 3 'Structure model' 'Structure summary'      
# 
loop_
_pdbx_audit_revision_category.ordinal 
_pdbx_audit_revision_category.revision_ordinal 
_pdbx_audit_revision_category.data_content_type 
_pdbx_audit_revision_category.category 
1 2 'Structure model' chem_comp_atom                
2 2 'Structure model' chem_comp_bond                
3 2 'Structure model' database_2                    
4 2 'Structure model' pdbx_initial_refinement_model 
5 2 'Structure model' struct_ref_seq_dif            
6 2 'Structure model' struct_site                   
7 3 'Structure model' pdbx_entry_details            
8 3 'Structure model' pdbx_modification_feature     
# 
loop_
_pdbx_audit_revision_item.ordinal 
_pdbx_audit_revision_item.revision_ordinal 
_pdbx_audit_revision_item.data_content_type 
_pdbx_audit_revision_item.item 
1 2 'Structure model' '_database_2.pdbx_DOI'                
2 2 'Structure model' '_database_2.pdbx_database_accession' 
3 2 'Structure model' '_struct_ref_seq_dif.details'         
4 2 'Structure model' '_struct_site.pdbx_auth_asym_id'      
5 2 'Structure model' '_struct_site.pdbx_auth_comp_id'      
6 2 'Structure model' '_struct_site.pdbx_auth_seq_id'       
# 
_pdbx_database_status.entry_id                        4MRG 
_pdbx_database_status.status_code                     REL 
_pdbx_database_status.deposit_site                    RCSB 
_pdbx_database_status.process_site                    RCSB 
_pdbx_database_status.recvd_initial_deposition_date   2013-09-17 
_pdbx_database_status.status_code_sf                  REL 
_pdbx_database_status.status_code_mr                  ? 
_pdbx_database_status.SG_entry                        ? 
_pdbx_database_status.status_code_cs                  ? 
_pdbx_database_status.methods_development_category    ? 
_pdbx_database_status.pdb_format_compatible           Y 
_pdbx_database_status.status_code_nmr_data            ? 
# 
loop_
_pdbx_database_related.db_name 
_pdbx_database_related.db_id 
_pdbx_database_related.details 
_pdbx_database_related.content_type 
PDB 4MRD . unspecified 
PDB 4MRE . unspecified 
PDB 4MRF . unspecified 
PDB 4MRH . unspecified 
PDB 4NP3 . unspecified 
PDB 4NP2 . unspecified 
# 
loop_
_audit_author.name 
_audit_author.pdbx_ordinal 
'Liu, L.K.'  1 
'Finzel, B.' 2 
# 
loop_
_citation.id 
_citation.title 
_citation.journal_abbrev 
_citation.journal_volume 
_citation.page_first 
_citation.page_last 
_citation.year 
_citation.journal_id_ASTM 
_citation.country 
_citation.journal_id_ISSN 
_citation.journal_id_CSD 
_citation.book_publisher 
_citation.pdbx_database_id_PubMed 
_citation.pdbx_database_id_DOI 
primary 
;Fragment-Based Identification of an Inducible Binding Site on Cell Surface Receptor CD44 for the Design of Protein-Carbohydrate Interaction Inhibitors.
;
J.Med.Chem.          57 2714 2725 2014 JMCMAR US 0022-2623 0151 ? 24606063 10.1021/jm5000276 
1       'Structures of the Cd44-hyaluronan complex provide insight into a fundamental carbohydrate-protein interaction.' 
Nat.Struct.Mol.Biol. 14 234  239  2007 ?      US 1545-9993 ?    ? 17293874 10.1038/nsmb1201  
# 
loop_
_citation_author.citation_id 
_citation_author.name 
_citation_author.ordinal 
_citation_author.identifier_ORCID 
primary 'Liu, L.K.'      1 ? 
primary 'Finzel, B.C.'   2 ? 
1       'Banerji, S.'    3 ? 
1       'Wright, A.J.'   4 ? 
1       'Noble, M.'      5 ? 
1       'Mahoney, D.J.'  6 ? 
1       'Campbell, I.D.' 7 ? 
1       'Day, A.J.'      8 ? 
1       'Jackson, D.G.'  9 ? 
# 
loop_
_entity.id 
_entity.type 
_entity.src_method 
_entity.pdbx_description 
_entity.formula_weight 
_entity.pdbx_number_of_molecules 
_entity.pdbx_ec 
_entity.pdbx_mutation 
_entity.pdbx_fragment 
_entity.details 
1 polymer     man 'CD44 antigen'                        16724.604 1  ? 'H23M, Q24N' 'HYALURONAN BINDING DOMAIN, RESIDUES 23-174' ? 
2 non-polymer syn 1,2,3,4-tetrahydroisoquinolin-5-amine 148.205   1  ? ?            ?                                            ? 
3 non-polymer syn 'DIMETHYL SULFOXIDE'                  78.133    1  ? ?            ?                                            ? 
4 non-polymer syn GLYCEROL                              92.094    2  ? ?            ?                                            ? 
5 non-polymer syn 'SULFATE ION'                         96.063    1  ? ?            ?                                            ? 
6 water       nat water                                 18.015    85 ? ?            ?                                            ? 
# 
_entity_name_com.entity_id   1 
_entity_name_com.name        
;Extracellular matrix receptor III, ECMR-III, GP90 lymphocyte homing/adhesion receptor, HUTCH-I, Hermes antigen, Hyaluronate receptor, Lymphocyte antigen 24, Ly-24, Phagocytic glycoprotein 1, PGP-1, Phagocytic glycoprotein I, PGP-I
;
# 
_entity_poly.entity_id                      1 
_entity_poly.type                           'polypeptide(L)' 
_entity_poly.nstd_linkage                   no 
_entity_poly.nstd_monomer                   no 
_entity_poly.pdbx_seq_one_letter_code       
;NQIDLNVTCRYAGVFHVEKNGRYSISRTEAADLCQAFNSTLPTMDQMKLALSKGFETCRYGFIEGNVVIPRIHPNAICAA
NHTGVYILVTSNTSHYDTYCFNASAPPEEDCTSVTDLPNSFDGPVTITIVNRDGTRYSKKGEYRTHQEDI
;
_entity_poly.pdbx_seq_one_letter_code_can   
;NQIDLNVTCRYAGVFHVEKNGRYSISRTEAADLCQAFNSTLPTMDQMKLALSKGFETCRYGFIEGNVVIPRIHPNAICAA
NHTGVYILVTSNTSHYDTYCFNASAPPEEDCTSVTDLPNSFDGPVTITIVNRDGTRYSKKGEYRTHQEDI
;
_entity_poly.pdbx_strand_id                 A 
_entity_poly.pdbx_target_identifier         ? 
# 
loop_
_pdbx_entity_nonpoly.entity_id 
_pdbx_entity_nonpoly.name 
_pdbx_entity_nonpoly.comp_id 
2 1,2,3,4-tetrahydroisoquinolin-5-amine 24W 
3 'DIMETHYL SULFOXIDE'                  DMS 
4 GLYCEROL                              GOL 
5 'SULFATE ION'                         SO4 
6 water                                 HOH 
# 
loop_
_entity_poly_seq.entity_id 
_entity_poly_seq.num 
_entity_poly_seq.mon_id 
_entity_poly_seq.hetero 
1 1   ASN n 
1 2   GLN n 
1 3   ILE n 
1 4   ASP n 
1 5   LEU n 
1 6   ASN n 
1 7   VAL n 
1 8   THR n 
1 9   CYS n 
1 10  ARG n 
1 11  TYR n 
1 12  ALA n 
1 13  GLY n 
1 14  VAL n 
1 15  PHE n 
1 16  HIS n 
1 17  VAL n 
1 18  GLU n 
1 19  LYS n 
1 20  ASN n 
1 21  GLY n 
1 22  ARG n 
1 23  TYR n 
1 24  SER n 
1 25  ILE n 
1 26  SER n 
1 27  ARG n 
1 28  THR n 
1 29  GLU n 
1 30  ALA n 
1 31  ALA n 
1 32  ASP n 
1 33  LEU n 
1 34  CYS n 
1 35  GLN n 
1 36  ALA n 
1 37  PHE n 
1 38  ASN n 
1 39  SER n 
1 40  THR n 
1 41  LEU n 
1 42  PRO n 
1 43  THR n 
1 44  MET n 
1 45  ASP n 
1 46  GLN n 
1 47  MET n 
1 48  LYS n 
1 49  LEU n 
1 50  ALA n 
1 51  LEU n 
1 52  SER n 
1 53  LYS n 
1 54  GLY n 
1 55  PHE n 
1 56  GLU n 
1 57  THR n 
1 58  CYS n 
1 59  ARG n 
1 60  TYR n 
1 61  GLY n 
1 62  PHE n 
1 63  ILE n 
1 64  GLU n 
1 65  GLY n 
1 66  ASN n 
1 67  VAL n 
1 68  VAL n 
1 69  ILE n 
1 70  PRO n 
1 71  ARG n 
1 72  ILE n 
1 73  HIS n 
1 74  PRO n 
1 75  ASN n 
1 76  ALA n 
1 77  ILE n 
1 78  CYS n 
1 79  ALA n 
1 80  ALA n 
1 81  ASN n 
1 82  HIS n 
1 83  THR n 
1 84  GLY n 
1 85  VAL n 
1 86  TYR n 
1 87  ILE n 
1 88  LEU n 
1 89  VAL n 
1 90  THR n 
1 91  SER n 
1 92  ASN n 
1 93  THR n 
1 94  SER n 
1 95  HIS n 
1 96  TYR n 
1 97  ASP n 
1 98  THR n 
1 99  TYR n 
1 100 CYS n 
1 101 PHE n 
1 102 ASN n 
1 103 ALA n 
1 104 SER n 
1 105 ALA n 
1 106 PRO n 
1 107 PRO n 
1 108 GLU n 
1 109 GLU n 
1 110 ASP n 
1 111 CYS n 
1 112 THR n 
1 113 SER n 
1 114 VAL n 
1 115 THR n 
1 116 ASP n 
1 117 LEU n 
1 118 PRO n 
1 119 ASN n 
1 120 SER n 
1 121 PHE n 
1 122 ASP n 
1 123 GLY n 
1 124 PRO n 
1 125 VAL n 
1 126 THR n 
1 127 ILE n 
1 128 THR n 
1 129 ILE n 
1 130 VAL n 
1 131 ASN n 
1 132 ARG n 
1 133 ASP n 
1 134 GLY n 
1 135 THR n 
1 136 ARG n 
1 137 TYR n 
1 138 SER n 
1 139 LYS n 
1 140 LYS n 
1 141 GLY n 
1 142 GLU n 
1 143 TYR n 
1 144 ARG n 
1 145 THR n 
1 146 HIS n 
1 147 GLN n 
1 148 GLU n 
1 149 ASP n 
1 150 ILE n 
# 
_entity_src_gen.entity_id                          1 
_entity_src_gen.pdbx_src_id                        1 
_entity_src_gen.pdbx_alt_source_flag               sample 
_entity_src_gen.pdbx_seq_type                      ? 
_entity_src_gen.pdbx_beg_seq_num                   ? 
_entity_src_gen.pdbx_end_seq_num                   ? 
_entity_src_gen.gene_src_common_name               mouse 
_entity_src_gen.gene_src_genus                     ? 
_entity_src_gen.pdbx_gene_src_gene                 'Cd44, Cd44 Ly-24, Ly-24' 
_entity_src_gen.gene_src_species                   ? 
_entity_src_gen.gene_src_strain                    ? 
_entity_src_gen.gene_src_tissue                    ? 
_entity_src_gen.gene_src_tissue_fraction           ? 
_entity_src_gen.gene_src_details                   ? 
_entity_src_gen.pdbx_gene_src_fragment             ? 
_entity_src_gen.pdbx_gene_src_scientific_name      'Mus musculus' 
_entity_src_gen.pdbx_gene_src_ncbi_taxonomy_id     10090 
_entity_src_gen.pdbx_gene_src_variant              ? 
_entity_src_gen.pdbx_gene_src_cell_line            ? 
_entity_src_gen.pdbx_gene_src_atcc                 ? 
_entity_src_gen.pdbx_gene_src_organ                ? 
_entity_src_gen.pdbx_gene_src_organelle            ? 
_entity_src_gen.pdbx_gene_src_cell                 ? 
_entity_src_gen.pdbx_gene_src_cellular_location    ? 
_entity_src_gen.host_org_common_name               ? 
_entity_src_gen.pdbx_host_org_scientific_name      'Escherichia coli' 
_entity_src_gen.pdbx_host_org_ncbi_taxonomy_id     469008 
_entity_src_gen.host_org_genus                     ? 
_entity_src_gen.pdbx_host_org_gene                 ? 
_entity_src_gen.pdbx_host_org_organ                ? 
_entity_src_gen.host_org_species                   ? 
_entity_src_gen.pdbx_host_org_tissue               ? 
_entity_src_gen.pdbx_host_org_tissue_fraction      ? 
_entity_src_gen.pdbx_host_org_strain               'BL21(DE3)' 
_entity_src_gen.pdbx_host_org_variant              ? 
_entity_src_gen.pdbx_host_org_cell_line            ? 
_entity_src_gen.pdbx_host_org_atcc                 ? 
_entity_src_gen.pdbx_host_org_culture_collection   ? 
_entity_src_gen.pdbx_host_org_cell                 ? 
_entity_src_gen.pdbx_host_org_organelle            ? 
_entity_src_gen.pdbx_host_org_cellular_location    ? 
_entity_src_gen.pdbx_host_org_vector_type          plasmid 
_entity_src_gen.pdbx_host_org_vector               ? 
_entity_src_gen.host_org_details                   ? 
_entity_src_gen.expression_system_id               ? 
_entity_src_gen.plasmid_name                       pMCSG7 
_entity_src_gen.plasmid_details                    ? 
_entity_src_gen.pdbx_description                   ? 
# 
loop_
_chem_comp.id 
_chem_comp.type 
_chem_comp.mon_nstd_flag 
_chem_comp.name 
_chem_comp.pdbx_synonyms 
_chem_comp.formula 
_chem_comp.formula_weight 
24W non-polymer         . 1,2,3,4-tetrahydroisoquinolin-5-amine ?                               'C9 H12 N2'      148.205 
ALA 'L-peptide linking' y ALANINE                               ?                               'C3 H7 N O2'     89.093  
ARG 'L-peptide linking' y ARGININE                              ?                               'C6 H15 N4 O2 1' 175.209 
ASN 'L-peptide linking' y ASPARAGINE                            ?                               'C4 H8 N2 O3'    132.118 
ASP 'L-peptide linking' y 'ASPARTIC ACID'                       ?                               'C4 H7 N O4'     133.103 
CYS 'L-peptide linking' y CYSTEINE                              ?                               'C3 H7 N O2 S'   121.158 
DMS non-polymer         . 'DIMETHYL SULFOXIDE'                  ?                               'C2 H6 O S'      78.133  
GLN 'L-peptide linking' y GLUTAMINE                             ?                               'C5 H10 N2 O3'   146.144 
GLU 'L-peptide linking' y 'GLUTAMIC ACID'                       ?                               'C5 H9 N O4'     147.129 
GLY 'peptide linking'   y GLYCINE                               ?                               'C2 H5 N O2'     75.067  
GOL non-polymer         . GLYCEROL                              'GLYCERIN; PROPANE-1,2,3-TRIOL' 'C3 H8 O3'       92.094  
HIS 'L-peptide linking' y HISTIDINE                             ?                               'C6 H10 N3 O2 1' 156.162 
HOH non-polymer         . WATER                                 ?                               'H2 O'           18.015  
ILE 'L-peptide linking' y ISOLEUCINE                            ?                               'C6 H13 N O2'    131.173 
LEU 'L-peptide linking' y LEUCINE                               ?                               'C6 H13 N O2'    131.173 
LYS 'L-peptide linking' y LYSINE                                ?                               'C6 H15 N2 O2 1' 147.195 
MET 'L-peptide linking' y METHIONINE                            ?                               'C5 H11 N O2 S'  149.211 
PHE 'L-peptide linking' y PHENYLALANINE                         ?                               'C9 H11 N O2'    165.189 
PRO 'L-peptide linking' y PROLINE                               ?                               'C5 H9 N O2'     115.130 
SER 'L-peptide linking' y SERINE                                ?                               'C3 H7 N O3'     105.093 
SO4 non-polymer         . 'SULFATE ION'                         ?                               'O4 S -2'        96.063  
THR 'L-peptide linking' y THREONINE                             ?                               'C4 H9 N O3'     119.119 
TYR 'L-peptide linking' y TYROSINE                              ?                               'C9 H11 N O3'    181.189 
VAL 'L-peptide linking' y VALINE                                ?                               'C5 H11 N O2'    117.146 
# 
loop_
_pdbx_poly_seq_scheme.asym_id 
_pdbx_poly_seq_scheme.entity_id 
_pdbx_poly_seq_scheme.seq_id 
_pdbx_poly_seq_scheme.mon_id 
_pdbx_poly_seq_scheme.ndb_seq_num 
_pdbx_poly_seq_scheme.pdb_seq_num 
_pdbx_poly_seq_scheme.auth_seq_num 
_pdbx_poly_seq_scheme.pdb_mon_id 
_pdbx_poly_seq_scheme.auth_mon_id 
_pdbx_poly_seq_scheme.pdb_strand_id 
_pdbx_poly_seq_scheme.pdb_ins_code 
_pdbx_poly_seq_scheme.hetero 
A 1 1   ASN 1   24  24  ASN ASN A . n 
A 1 2   GLN 2   25  25  GLN GLN A . n 
A 1 3   ILE 3   26  26  ILE ILE A . n 
A 1 4   ASP 4   27  27  ASP ASP A . n 
A 1 5   LEU 5   28  28  LEU LEU A . n 
A 1 6   ASN 6   29  29  ASN ASN A . n 
A 1 7   VAL 7   30  30  VAL VAL A . n 
A 1 8   THR 8   31  31  THR THR A . n 
A 1 9   CYS 9   32  32  CYS CYS A . n 
A 1 10  ARG 10  33  33  ARG ARG A . n 
A 1 11  TYR 11  34  34  TYR TYR A . n 
A 1 12  ALA 12  35  35  ALA ALA A . n 
A 1 13  GLY 13  36  36  GLY GLY A . n 
A 1 14  VAL 14  37  37  VAL VAL A . n 
A 1 15  PHE 15  38  38  PHE PHE A . n 
A 1 16  HIS 16  39  39  HIS HIS A . n 
A 1 17  VAL 17  40  40  VAL VAL A . n 
A 1 18  GLU 18  41  41  GLU GLU A . n 
A 1 19  LYS 19  42  42  LYS LYS A . n 
A 1 20  ASN 20  43  43  ASN ASN A . n 
A 1 21  GLY 21  44  44  GLY GLY A . n 
A 1 22  ARG 22  45  45  ARG ARG A . n 
A 1 23  TYR 23  46  46  TYR TYR A . n 
A 1 24  SER 24  47  47  SER SER A . n 
A 1 25  ILE 25  48  48  ILE ILE A . n 
A 1 26  SER 26  49  49  SER SER A . n 
A 1 27  ARG 27  50  50  ARG ARG A . n 
A 1 28  THR 28  51  51  THR THR A . n 
A 1 29  GLU 29  52  52  GLU GLU A . n 
A 1 30  ALA 30  53  53  ALA ALA A . n 
A 1 31  ALA 31  54  54  ALA ALA A . n 
A 1 32  ASP 32  55  55  ASP ASP A . n 
A 1 33  LEU 33  56  56  LEU LEU A . n 
A 1 34  CYS 34  57  57  CYS CYS A . n 
A 1 35  GLN 35  58  58  GLN GLN A . n 
A 1 36  ALA 36  59  59  ALA ALA A . n 
A 1 37  PHE 37  60  60  PHE PHE A . n 
A 1 38  ASN 38  61  61  ASN ASN A . n 
A 1 39  SER 39  62  62  SER SER A . n 
A 1 40  THR 40  63  63  THR THR A . n 
A 1 41  LEU 41  64  64  LEU LEU A . n 
A 1 42  PRO 42  65  65  PRO PRO A . n 
A 1 43  THR 43  66  66  THR THR A . n 
A 1 44  MET 44  67  67  MET MET A . n 
A 1 45  ASP 45  68  68  ASP ASP A . n 
A 1 46  GLN 46  69  69  GLN GLN A . n 
A 1 47  MET 47  70  70  MET MET A . n 
A 1 48  LYS 48  71  71  LYS LYS A . n 
A 1 49  LEU 49  72  72  LEU LEU A . n 
A 1 50  ALA 50  73  73  ALA ALA A . n 
A 1 51  LEU 51  74  74  LEU LEU A . n 
A 1 52  SER 52  75  75  SER SER A . n 
A 1 53  LYS 53  76  76  LYS LYS A . n 
A 1 54  GLY 54  77  77  GLY GLY A . n 
A 1 55  PHE 55  78  78  PHE PHE A . n 
A 1 56  GLU 56  79  79  GLU GLU A . n 
A 1 57  THR 57  80  80  THR THR A . n 
A 1 58  CYS 58  81  81  CYS CYS A . n 
A 1 59  ARG 59  82  82  ARG ARG A . n 
A 1 60  TYR 60  83  83  TYR TYR A . n 
A 1 61  GLY 61  84  84  GLY GLY A . n 
A 1 62  PHE 62  85  85  PHE PHE A . n 
A 1 63  ILE 63  86  86  ILE ILE A . n 
A 1 64  GLU 64  87  87  GLU GLU A . n 
A 1 65  GLY 65  88  88  GLY GLY A . n 
A 1 66  ASN 66  89  89  ASN ASN A . n 
A 1 67  VAL 67  90  90  VAL VAL A . n 
A 1 68  VAL 68  91  91  VAL VAL A . n 
A 1 69  ILE 69  92  92  ILE ILE A . n 
A 1 70  PRO 70  93  93  PRO PRO A . n 
A 1 71  ARG 71  94  94  ARG ARG A . n 
A 1 72  ILE 72  95  95  ILE ILE A . n 
A 1 73  HIS 73  96  96  HIS HIS A . n 
A 1 74  PRO 74  97  97  PRO PRO A . n 
A 1 75  ASN 75  98  98  ASN ASN A . n 
A 1 76  ALA 76  99  99  ALA ALA A . n 
A 1 77  ILE 77  100 100 ILE ILE A . n 
A 1 78  CYS 78  101 101 CYS CYS A . n 
A 1 79  ALA 79  102 102 ALA ALA A . n 
A 1 80  ALA 80  103 103 ALA ALA A . n 
A 1 81  ASN 81  104 104 ASN ASN A . n 
A 1 82  HIS 82  105 105 HIS HIS A . n 
A 1 83  THR 83  106 106 THR THR A . n 
A 1 84  GLY 84  107 107 GLY GLY A . n 
A 1 85  VAL 85  108 108 VAL VAL A . n 
A 1 86  TYR 86  109 109 TYR TYR A . n 
A 1 87  ILE 87  110 110 ILE ILE A . n 
A 1 88  LEU 88  111 111 LEU LEU A . n 
A 1 89  VAL 89  112 112 VAL VAL A . n 
A 1 90  THR 90  113 113 THR THR A . n 
A 1 91  SER 91  114 114 SER SER A . n 
A 1 92  ASN 92  115 115 ASN ASN A . n 
A 1 93  THR 93  116 116 THR THR A . n 
A 1 94  SER 94  117 117 SER SER A . n 
A 1 95  HIS 95  118 118 HIS HIS A . n 
A 1 96  TYR 96  119 119 TYR TYR A . n 
A 1 97  ASP 97  120 120 ASP ASP A . n 
A 1 98  THR 98  121 121 THR THR A . n 
A 1 99  TYR 99  122 122 TYR TYR A . n 
A 1 100 CYS 100 123 123 CYS CYS A . n 
A 1 101 PHE 101 124 124 PHE PHE A . n 
A 1 102 ASN 102 125 125 ASN ASN A . n 
A 1 103 ALA 103 126 126 ALA ALA A . n 
A 1 104 SER 104 127 127 SER SER A . n 
A 1 105 ALA 105 128 128 ALA ALA A . n 
A 1 106 PRO 106 129 129 PRO PRO A . n 
A 1 107 PRO 107 130 130 PRO PRO A . n 
A 1 108 GLU 108 131 131 GLU GLU A . n 
A 1 109 GLU 109 132 132 GLU GLU A . n 
A 1 110 ASP 110 133 133 ASP ASP A . n 
A 1 111 CYS 111 134 134 CYS CYS A . n 
A 1 112 THR 112 135 135 THR THR A . n 
A 1 113 SER 113 136 136 SER SER A . n 
A 1 114 VAL 114 137 137 VAL VAL A . n 
A 1 115 THR 115 138 138 THR THR A . n 
A 1 116 ASP 116 139 139 ASP ASP A . n 
A 1 117 LEU 117 140 140 LEU LEU A . n 
A 1 118 PRO 118 141 141 PRO PRO A . n 
A 1 119 ASN 119 142 142 ASN ASN A . n 
A 1 120 SER 120 143 143 SER SER A . n 
A 1 121 PHE 121 144 144 PHE PHE A . n 
A 1 122 ASP 122 145 145 ASP ASP A . n 
A 1 123 GLY 123 146 146 GLY GLY A . n 
A 1 124 PRO 124 147 147 PRO PRO A . n 
A 1 125 VAL 125 148 148 VAL VAL A . n 
A 1 126 THR 126 149 149 THR THR A . n 
A 1 127 ILE 127 150 150 ILE ILE A . n 
A 1 128 THR 128 151 151 THR THR A . n 
A 1 129 ILE 129 152 152 ILE ILE A . n 
A 1 130 VAL 130 153 153 VAL VAL A . n 
A 1 131 ASN 131 154 154 ASN ASN A . n 
A 1 132 ARG 132 155 155 ARG ARG A . n 
A 1 133 ASP 133 156 156 ASP ASP A . n 
A 1 134 GLY 134 157 157 GLY GLY A . n 
A 1 135 THR 135 158 158 THR THR A . n 
A 1 136 ARG 136 159 159 ARG ARG A . n 
A 1 137 TYR 137 160 160 TYR TYR A . n 
A 1 138 SER 138 161 161 SER SER A . n 
A 1 139 LYS 139 162 162 LYS LYS A . n 
A 1 140 LYS 140 163 163 LYS LYS A . n 
A 1 141 GLY 141 164 164 GLY GLY A . n 
A 1 142 GLU 142 165 165 GLU GLU A . n 
A 1 143 TYR 143 166 166 TYR TYR A . n 
A 1 144 ARG 144 167 167 ARG ARG A . n 
A 1 145 THR 145 168 168 THR THR A . n 
A 1 146 HIS 146 169 169 HIS HIS A . n 
A 1 147 GLN 147 170 170 GLN GLN A . n 
A 1 148 GLU 148 171 171 GLU GLU A . n 
A 1 149 ASP 149 172 172 ASP ASP A . n 
A 1 150 ILE 150 173 173 ILE ILE A . n 
# 
loop_
_pdbx_nonpoly_scheme.asym_id 
_pdbx_nonpoly_scheme.entity_id 
_pdbx_nonpoly_scheme.mon_id 
_pdbx_nonpoly_scheme.ndb_seq_num 
_pdbx_nonpoly_scheme.pdb_seq_num 
_pdbx_nonpoly_scheme.auth_seq_num 
_pdbx_nonpoly_scheme.pdb_mon_id 
_pdbx_nonpoly_scheme.auth_mon_id 
_pdbx_nonpoly_scheme.pdb_strand_id 
_pdbx_nonpoly_scheme.pdb_ins_code 
B 2 24W 1  201 1  24W DRG A . 
C 3 DMS 1  202 1  DMS DMS A . 
D 4 GOL 1  203 1  GOL GOL A . 
E 4 GOL 1  204 1  GOL GOL A . 
F 5 SO4 1  205 1  SO4 SO4 A . 
G 6 HOH 1  301 1  HOH HOH A . 
G 6 HOH 2  302 2  HOH HOH A . 
G 6 HOH 3  303 3  HOH HOH A . 
G 6 HOH 4  304 4  HOH HOH A . 
G 6 HOH 5  305 5  HOH HOH A . 
G 6 HOH 6  306 6  HOH HOH A . 
G 6 HOH 7  307 7  HOH HOH A . 
G 6 HOH 8  308 8  HOH HOH A . 
G 6 HOH 9  309 9  HOH HOH A . 
G 6 HOH 10 310 10 HOH HOH A . 
G 6 HOH 11 311 11 HOH HOH A . 
G 6 HOH 12 312 12 HOH HOH A . 
G 6 HOH 13 313 13 HOH HOH A . 
G 6 HOH 14 314 14 HOH HOH A . 
G 6 HOH 15 315 15 HOH HOH A . 
G 6 HOH 16 316 16 HOH HOH A . 
G 6 HOH 17 317 17 HOH HOH A . 
G 6 HOH 18 318 18 HOH HOH A . 
G 6 HOH 19 319 19 HOH HOH A . 
G 6 HOH 20 320 20 HOH HOH A . 
G 6 HOH 21 321 21 HOH HOH A . 
G 6 HOH 22 322 22 HOH HOH A . 
G 6 HOH 23 323 23 HOH HOH A . 
G 6 HOH 24 324 24 HOH HOH A . 
G 6 HOH 25 325 25 HOH HOH A . 
G 6 HOH 26 326 26 HOH HOH A . 
G 6 HOH 27 327 27 HOH HOH A . 
G 6 HOH 28 328 28 HOH HOH A . 
G 6 HOH 29 329 29 HOH HOH A . 
G 6 HOH 30 330 30 HOH HOH A . 
G 6 HOH 31 331 31 HOH HOH A . 
G 6 HOH 32 332 32 HOH HOH A . 
G 6 HOH 33 333 33 HOH HOH A . 
G 6 HOH 34 334 34 HOH HOH A . 
G 6 HOH 35 335 35 HOH HOH A . 
G 6 HOH 36 336 36 HOH HOH A . 
G 6 HOH 37 337 37 HOH HOH A . 
G 6 HOH 38 338 38 HOH HOH A . 
G 6 HOH 39 339 39 HOH HOH A . 
G 6 HOH 40 340 40 HOH HOH A . 
G 6 HOH 41 341 41 HOH HOH A . 
G 6 HOH 42 342 42 HOH HOH A . 
G 6 HOH 43 343 43 HOH HOH A . 
G 6 HOH 44 344 44 HOH HOH A . 
G 6 HOH 45 345 45 HOH HOH A . 
G 6 HOH 46 346 46 HOH HOH A . 
G 6 HOH 47 347 47 HOH HOH A . 
G 6 HOH 48 348 48 HOH HOH A . 
G 6 HOH 49 349 49 HOH HOH A . 
G 6 HOH 50 350 50 HOH HOH A . 
G 6 HOH 51 351 51 HOH HOH A . 
G 6 HOH 52 352 52 HOH HOH A . 
G 6 HOH 53 353 53 HOH HOH A . 
G 6 HOH 54 354 54 HOH HOH A . 
G 6 HOH 55 355 55 HOH HOH A . 
G 6 HOH 56 356 56 HOH HOH A . 
G 6 HOH 57 357 57 HOH HOH A . 
G 6 HOH 58 358 58 HOH HOH A . 
G 6 HOH 59 359 59 HOH HOH A . 
G 6 HOH 60 360 60 HOH HOH A . 
G 6 HOH 61 361 61 HOH HOH A . 
G 6 HOH 62 362 62 HOH HOH A . 
G 6 HOH 63 363 63 HOH HOH A . 
G 6 HOH 64 364 64 HOH HOH A . 
G 6 HOH 65 365 65 HOH HOH A . 
G 6 HOH 66 366 66 HOH HOH A . 
G 6 HOH 67 367 67 HOH HOH A . 
G 6 HOH 68 368 68 HOH HOH A . 
G 6 HOH 69 369 69 HOH HOH A . 
G 6 HOH 70 370 70 HOH HOH A . 
G 6 HOH 71 371 71 HOH HOH A . 
G 6 HOH 72 372 72 HOH HOH A . 
G 6 HOH 73 373 73 HOH HOH A . 
G 6 HOH 74 374 74 HOH HOH A . 
G 6 HOH 75 375 75 HOH HOH A . 
G 6 HOH 76 376 76 HOH HOH A . 
G 6 HOH 77 377 77 HOH HOH A . 
G 6 HOH 78 378 78 HOH HOH A . 
G 6 HOH 79 379 79 HOH HOH A . 
G 6 HOH 80 380 80 HOH HOH A . 
G 6 HOH 81 381 81 HOH HOH A . 
G 6 HOH 82 382 82 HOH HOH A . 
G 6 HOH 83 383 83 HOH HOH A . 
G 6 HOH 84 384 84 HOH HOH A . 
G 6 HOH 85 385 85 HOH HOH A . 
# 
loop_
_software.pdbx_ordinal 
_software.name 
_software.version 
_software.date 
_software.type 
_software.contact_author 
_software.contact_author_email 
_software.classification 
_software.location 
_software.language 
_software.citation_id 
1 XSCALE      .     ?                          package 'Wolfgang Kabsch'    ?                           'data scaling'    
http://www.mpimf-heidelberg.mpg.de/~kabsch/xds/html_doc/xscale_program.html ?          ? 
2 PHASER      2.1.4 'Wed Jun 16 18:01:28 2010' program 'Randy J. Read'      cimr-phaser@lists.cam.ac.uk phasing           
http://www-structmed.cimr.cam.ac.uk/phaser/                                 ?          ? 
3 REFMAC      .     ?                          program 'Garib N. Murshudov' garib@ysbl.york.ac.uk       refinement        
http://www.ccp4.ac.uk/dist/html/refmac5.html                                Fortran_77 ? 
4 PDB_EXTRACT 3.11  'April 22, 2011'           package PDB                  deposit@deposit.rcsb.org    'data extraction' 
http://sw-tools.pdb.org/apps/PDB_EXTRACT/                                   C++        ? 
5 Blu-Ice     .     ?                          ?       ?                    ?                           'data collection' ? ? ? 
# 
_cell.length_a           30.850 
_cell.length_b           81.580 
_cell.length_c           32.130 
_cell.angle_alpha        90.000 
_cell.angle_beta         117.930 
_cell.angle_gamma        90.000 
_cell.entry_id           4MRG 
_cell.pdbx_unique_axis   ? 
_cell.Z_PDB              2 
_cell.length_a_esd       ? 
_cell.length_b_esd       ? 
_cell.length_c_esd       ? 
_cell.angle_alpha_esd    ? 
_cell.angle_beta_esd     ? 
_cell.angle_gamma_esd    ? 
# 
_symmetry.space_group_name_H-M             'P 1 21 1' 
_symmetry.entry_id                         4MRG 
_symmetry.Int_Tables_number                4 
_symmetry.pdbx_full_space_group_name_H-M   ? 
_symmetry.cell_setting                     ? 
_symmetry.space_group_name_Hall            ? 
# 
_exptl.crystals_number   1 
_exptl.entry_id          4MRG 
_exptl.method            'X-RAY DIFFRACTION' 
# 
_exptl_crystal.id                    1 
_exptl_crystal.density_Matthews      2.14 
_exptl_crystal.density_meas          ? 
_exptl_crystal.density_percent_sol   42.41 
_exptl_crystal.description           ? 
_exptl_crystal.F_000                 ? 
_exptl_crystal.preparation           ? 
# 
_exptl_crystal_grow.crystal_id      1 
_exptl_crystal_grow.method          'VAPOR DIFFUSION, HANGING DROP' 
_exptl_crystal_grow.pH              6.5 
_exptl_crystal_grow.temp            298 
_exptl_crystal_grow.pdbx_details    
'30% PEG MME 5000, 100 mM MES, 200 mM (NH4)2SO4, pH 6.5, VAPOR DIFFUSION, HANGING DROP, temperature 298K' 
_exptl_crystal_grow.temp_details    ? 
_exptl_crystal_grow.pdbx_pH_range   ? 
# 
_diffrn.id                     1 
_diffrn.ambient_temp           100 
_diffrn.ambient_temp_details   ? 
_diffrn.crystal_id             1 
# 
_diffrn_detector.diffrn_id              1 
_diffrn_detector.detector               CCD 
_diffrn_detector.type                   NOIR-1 
_diffrn_detector.pdbx_collection_date   2012-12-16 
_diffrn_detector.details                ? 
# 
_diffrn_radiation.diffrn_id                        1 
_diffrn_radiation.pdbx_diffrn_protocol             'SINGLE WAVELENGTH' 
_diffrn_radiation.monochromator                    'Rosenbaum-Rock monochromator Si 111' 
_diffrn_radiation.wavelength_id                    1 
_diffrn_radiation.pdbx_monochromatic_or_laue_m_l   M 
_diffrn_radiation.pdbx_scattering_type             x-ray 
# 
_diffrn_radiation_wavelength.id           1 
_diffrn_radiation_wavelength.wavelength   1.000 
_diffrn_radiation_wavelength.wt           1.0 
# 
_diffrn_source.diffrn_id                   1 
_diffrn_source.source                      SYNCHROTRON 
_diffrn_source.type                        'ALS BEAMLINE 4.2.2' 
_diffrn_source.pdbx_wavelength_list        1.000 
_diffrn_source.pdbx_wavelength             ? 
_diffrn_source.pdbx_synchrotron_site       ALS 
_diffrn_source.pdbx_synchrotron_beamline   4.2.2 
# 
_reflns.entry_id                     4MRG 
_reflns.observed_criterion_sigma_F   ? 
_reflns.observed_criterion_sigma_I   ? 
_reflns.d_resolution_high            1.69 
_reflns.d_resolution_low             40.8 
_reflns.number_all                   56490 
_reflns.number_obs                   56490 
_reflns.percent_possible_obs         95.7 
_reflns.pdbx_Rmerge_I_obs            0.039 
_reflns.pdbx_Rsym_value              0.046 
_reflns.pdbx_netI_over_sigmaI        27.2 
_reflns.B_iso_Wilson_estimate        18.4 
_reflns.pdbx_redundancy              3.7 
_reflns.R_free_details               ? 
_reflns.limit_h_max                  ? 
_reflns.limit_h_min                  ? 
_reflns.limit_k_max                  ? 
_reflns.limit_k_min                  ? 
_reflns.limit_l_max                  ? 
_reflns.limit_l_min                  ? 
_reflns.observed_criterion_F_max     ? 
_reflns.observed_criterion_F_min     ? 
_reflns.pdbx_chi_squared             ? 
_reflns.pdbx_scaling_rejects         ? 
_reflns.pdbx_ordinal                 1 
_reflns.pdbx_diffrn_id               1 
# 
_reflns_shell.d_res_high             1.69 
_reflns_shell.d_res_low              1.73 
_reflns_shell.percent_possible_obs   ? 
_reflns_shell.percent_possible_all   74.8 
_reflns_shell.Rmerge_I_obs           0.197 
_reflns_shell.meanI_over_sigI_obs    5.3 
_reflns_shell.pdbx_Rsym_value        0.243 
_reflns_shell.pdbx_redundancy        2.7 
_reflns_shell.number_unique_all      871 
_reflns_shell.number_measured_all    ? 
_reflns_shell.number_measured_obs    ? 
_reflns_shell.number_unique_obs      ? 
_reflns_shell.pdbx_chi_squared       ? 
_reflns_shell.pdbx_ordinal           1 
_reflns_shell.pdbx_diffrn_id         1 
# 
_refine.entry_id                                 4MRG 
_refine.ls_d_res_high                            1.69 
_refine.ls_d_res_low                             40.8 
_refine.pdbx_ls_sigma_F                          ? 
_refine.pdbx_data_cutoff_high_absF               ? 
_refine.pdbx_data_cutoff_low_absF                ? 
_refine.ls_percent_reflns_obs                    96.66 
_refine.ls_number_reflns_obs                     15170 
_refine.ls_number_reflns_all                     ? 
_refine.pdbx_ls_cross_valid_method               THROUGHOUT 
_refine.pdbx_R_Free_selection_details            RANDOM 
_refine.details                                  
'HYDROGENS HAVE BEEN ADDED IN THE RIDING POSITIONS U VALUES      : REFINED INDIVIDUALLY' 
_refine.ls_R_factor_all                          ? 
_refine.ls_R_factor_obs                          0.1627 
_refine.ls_R_factor_R_work                       0.1604 
_refine.ls_wR_factor_R_work                      0.1536 
_refine.ls_R_factor_R_free                       0.2060 
_refine.ls_wR_factor_R_free                      0.1951 
_refine.ls_percent_reflns_R_free                 5.1000 
_refine.ls_number_reflns_R_free                  778 
_refine.ls_R_factor_R_free_error                 ? 
_refine.B_iso_mean                               10.7180 
_refine.solvent_model_param_bsol                 ? 
_refine.solvent_model_param_ksol                 ? 
_refine.pdbx_isotropic_thermal_model             ? 
_refine.aniso_B[1][1]                            -0.3900 
_refine.aniso_B[2][2]                            0.2700 
_refine.aniso_B[3][3]                            -0.0500 
_refine.aniso_B[1][2]                            -0.0000 
_refine.aniso_B[1][3]                            -0.1800 
_refine.aniso_B[2][3]                            -0.0000 
_refine.correlation_coeff_Fo_to_Fc               0.9550 
_refine.correlation_coeff_Fo_to_Fc_free          0.9190 
_refine.overall_SU_R_Cruickshank_DPI             0.1081 
_refine.overall_SU_R_free                        0.1098 
_refine.pdbx_overall_ESU_R                       0.1080 
_refine.pdbx_overall_ESU_R_Free                  0.1100 
_refine.overall_SU_ML                            0.0620 
_refine.overall_SU_B                             1.8110 
_refine.solvent_model_details                    MASK 
_refine.pdbx_solvent_vdw_probe_radii             1.4000 
_refine.pdbx_solvent_ion_probe_radii             0.8000 
_refine.pdbx_solvent_shrinkage_radii             0.8000 
_refine.ls_number_parameters                     ? 
_refine.ls_number_restraints                     ? 
_refine.pdbx_starting_model                      'pdb entry 2JCP' 
_refine.pdbx_method_to_determine_struct          'MOLECULAR REPLACEMENT' 
_refine.pdbx_stereochemistry_target_values       'MAXIMUM LIKELIHOOD' 
_refine.pdbx_stereochem_target_val_spec_case     ? 
_refine.overall_FOM_work_R_set                   0.8898 
_refine.B_iso_max                                43.540 
_refine.B_iso_min                                2.870 
_refine.pdbx_overall_phase_error                 ? 
_refine.occupancy_max                            1.000 
_refine.occupancy_min                            0.500 
_refine.pdbx_ls_sigma_I                          ? 
_refine.ls_redundancy_reflns_obs                 ? 
_refine.ls_R_factor_R_free_error_details         ? 
_refine.pdbx_data_cutoff_high_rms_absF           ? 
_refine.overall_FOM_free_R_set                   ? 
_refine.pdbx_diffrn_id                           1 
_refine.pdbx_refine_id                           'X-RAY DIFFRACTION' 
_refine.pdbx_TLS_residual_ADP_flag               ? 
_refine.pdbx_overall_SU_R_free_Cruickshank_DPI   ? 
_refine.pdbx_overall_SU_R_Blow_DPI               ? 
_refine.pdbx_overall_SU_R_free_Blow_DPI          ? 
# 
_refine_hist.pdbx_refine_id                   'X-RAY DIFFRACTION' 
_refine_hist.cycle_id                         LAST 
_refine_hist.pdbx_number_atoms_protein        1171 
_refine_hist.pdbx_number_atoms_nucleic_acid   0 
_refine_hist.pdbx_number_atoms_ligand         32 
_refine_hist.number_atoms_solvent             85 
_refine_hist.number_atoms_total               1288 
_refine_hist.d_res_high                       1.69 
_refine_hist.d_res_low                        40.8 
# 
loop_
_refine_ls_restr.type 
_refine_ls_restr.number 
_refine_ls_restr.dev_ideal 
_refine_ls_restr.dev_ideal_target 
_refine_ls_restr.weight 
_refine_ls_restr.pdbx_restraint_function 
_refine_ls_restr.pdbx_refine_id 
r_bond_refined_d       1294 0.016  0.021  ? ? 'X-RAY DIFFRACTION' 
r_angle_refined_deg    1767 1.563  1.959  ? ? 'X-RAY DIFFRACTION' 
r_dihedral_angle_1_deg 162  7.046  5.000  ? ? 'X-RAY DIFFRACTION' 
r_dihedral_angle_2_deg 63   33.889 23.810 ? ? 'X-RAY DIFFRACTION' 
r_dihedral_angle_3_deg 201  11.548 15.000 ? ? 'X-RAY DIFFRACTION' 
r_dihedral_angle_4_deg 10   19.259 15.000 ? ? 'X-RAY DIFFRACTION' 
r_chiral_restr         193  0.107  0.200  ? ? 'X-RAY DIFFRACTION' 
r_gen_planes_refined   1011 0.008  0.021  ? ? 'X-RAY DIFFRACTION' 
r_mcbond_it            789  0.874  1.500  ? ? 'X-RAY DIFFRACTION' 
r_mcangle_it           1294 1.434  2.000  ? ? 'X-RAY DIFFRACTION' 
r_scbond_it            505  2.544  3.000  ? ? 'X-RAY DIFFRACTION' 
r_scangle_it           473  4.015  4.500  ? ? 'X-RAY DIFFRACTION' 
# 
_refine_ls_shell.d_res_high                       1.6910 
_refine_ls_shell.d_res_low                        1.7350 
_refine_ls_shell.pdbx_total_number_of_bins_used   20 
_refine_ls_shell.percent_reflns_obs               80.76 
_refine_ls_shell.number_reflns_R_work             876 
_refine_ls_shell.R_factor_all                     ? 
_refine_ls_shell.R_factor_R_work                  0.1840 
_refine_ls_shell.R_factor_R_free                  0.1690 
_refine_ls_shell.percent_reflns_R_free            ? 
_refine_ls_shell.number_reflns_R_free             43 
_refine_ls_shell.R_factor_R_free_error            ? 
_refine_ls_shell.number_reflns_all                919 
_refine_ls_shell.number_reflns_obs                876 
_refine_ls_shell.redundancy_reflns_obs            ? 
_refine_ls_shell.pdbx_refine_id                   'X-RAY DIFFRACTION' 
# 
_struct.entry_id                  4MRG 
_struct.title                     'Crystal structure of the murine cd44 hyaluronan binding domain complex with a small molecule' 
_struct.pdbx_model_details        ? 
_struct.pdbx_CASP_flag            ? 
_struct.pdbx_model_type_details   ? 
# 
_struct_keywords.entry_id        4MRG 
_struct_keywords.text            'Link module, Cell receptor, Hyaluronan binding, Cell surface, Cell adhesion-inhibitor complex' 
_struct_keywords.pdbx_keywords   'Cell adhesion/inhibitor' 
# 
loop_
_struct_asym.id 
_struct_asym.pdbx_blank_PDB_chainid_flag 
_struct_asym.pdbx_modified 
_struct_asym.entity_id 
_struct_asym.details 
A N N 1 ? 
B N N 2 ? 
C N N 3 ? 
D N N 4 ? 
E N N 4 ? 
F N N 5 ? 
G N N 6 ? 
# 
_struct_ref.id                         1 
_struct_ref.db_name                    UNP 
_struct_ref.db_code                    CD44_MOUSE 
_struct_ref.pdbx_db_accession          P15379 
_struct_ref.entity_id                  1 
_struct_ref.pdbx_seq_one_letter_code   
;QIDLNVTCRYAGVFHVEKNGRYSISRTEAADLCQAFNSTLPTMDQMKLALSKGFETCRYGFIEGNVVIPRIHPNAICAAN
HTGVYILVTSNTSHYDTYCFNASAPPEEDCTSVTDLPNSFDGPVTITIVNRDGTRYSKKGEYRTHQEDI
;
_struct_ref.pdbx_align_begin           23 
_struct_ref.pdbx_db_isoform            ? 
# 
_struct_ref_seq.align_id                      1 
_struct_ref_seq.ref_id                        1 
_struct_ref_seq.pdbx_PDB_id_code              4MRG 
_struct_ref_seq.pdbx_strand_id                A 
_struct_ref_seq.seq_align_beg                 2 
_struct_ref_seq.pdbx_seq_align_beg_ins_code   ? 
_struct_ref_seq.seq_align_end                 150 
_struct_ref_seq.pdbx_seq_align_end_ins_code   ? 
_struct_ref_seq.pdbx_db_accession             P15379 
_struct_ref_seq.db_align_beg                  23 
_struct_ref_seq.pdbx_db_align_beg_ins_code    ? 
_struct_ref_seq.db_align_end                  171 
_struct_ref_seq.pdbx_db_align_end_ins_code    ? 
_struct_ref_seq.pdbx_auth_seq_align_beg       25 
_struct_ref_seq.pdbx_auth_seq_align_end       173 
# 
_struct_ref_seq_dif.align_id                     1 
_struct_ref_seq_dif.pdbx_pdb_id_code             4MRG 
_struct_ref_seq_dif.mon_id                       ASN 
_struct_ref_seq_dif.pdbx_pdb_strand_id           A 
_struct_ref_seq_dif.seq_num                      1 
_struct_ref_seq_dif.pdbx_pdb_ins_code            ? 
_struct_ref_seq_dif.pdbx_seq_db_name             UNP 
_struct_ref_seq_dif.pdbx_seq_db_accession_code   P15379 
_struct_ref_seq_dif.db_mon_id                    ? 
_struct_ref_seq_dif.pdbx_seq_db_seq_num          ? 
_struct_ref_seq_dif.details                      'expression tag' 
_struct_ref_seq_dif.pdbx_auth_seq_num            24 
_struct_ref_seq_dif.pdbx_ordinal                 1 
# 
_pdbx_struct_assembly.id                   1 
_pdbx_struct_assembly.details              author_and_software_defined_assembly 
_pdbx_struct_assembly.method_details       PISA 
_pdbx_struct_assembly.oligomeric_details   monomeric 
_pdbx_struct_assembly.oligomeric_count     1 
# 
_pdbx_struct_assembly_gen.assembly_id       1 
_pdbx_struct_assembly_gen.oper_expression   1 
_pdbx_struct_assembly_gen.asym_id_list      A,B,C,D,E,F,G 
# 
_pdbx_struct_oper_list.id                   1 
_pdbx_struct_oper_list.type                 'identity operation' 
_pdbx_struct_oper_list.name                 1_555 
_pdbx_struct_oper_list.symmetry_operation   x,y,z 
_pdbx_struct_oper_list.matrix[1][1]         1.0000000000 
_pdbx_struct_oper_list.matrix[1][2]         0.0000000000 
_pdbx_struct_oper_list.matrix[1][3]         0.0000000000 
_pdbx_struct_oper_list.vector[1]            0.0000000000 
_pdbx_struct_oper_list.matrix[2][1]         0.0000000000 
_pdbx_struct_oper_list.matrix[2][2]         1.0000000000 
_pdbx_struct_oper_list.matrix[2][3]         0.0000000000 
_pdbx_struct_oper_list.vector[2]            0.0000000000 
_pdbx_struct_oper_list.matrix[3][1]         0.0000000000 
_pdbx_struct_oper_list.matrix[3][2]         0.0000000000 
_pdbx_struct_oper_list.matrix[3][3]         1.0000000000 
_pdbx_struct_oper_list.vector[3]            0.0000000000 
# 
_struct_biol.id        1 
_struct_biol.details   ? 
# 
loop_
_struct_conf.conf_type_id 
_struct_conf.id 
_struct_conf.pdbx_PDB_helix_id 
_struct_conf.beg_label_comp_id 
_struct_conf.beg_label_asym_id 
_struct_conf.beg_label_seq_id 
_struct_conf.pdbx_beg_PDB_ins_code 
_struct_conf.end_label_comp_id 
_struct_conf.end_label_asym_id 
_struct_conf.end_label_seq_id 
_struct_conf.pdbx_end_PDB_ins_code 
_struct_conf.beg_auth_comp_id 
_struct_conf.beg_auth_asym_id 
_struct_conf.beg_auth_seq_id 
_struct_conf.end_auth_comp_id 
_struct_conf.end_auth_asym_id 
_struct_conf.end_auth_seq_id 
_struct_conf.pdbx_PDB_helix_class 
_struct_conf.details 
_struct_conf.pdbx_PDB_helix_length 
HELX_P HELX_P1 1 SER A 26  ? PHE A 37  ? SER A 49  PHE A 60  1 ? 12 
HELX_P HELX_P2 2 THR A 43  ? LYS A 53  ? THR A 66  LYS A 76  1 ? 11 
HELX_P HELX_P3 3 HIS A 146 ? ILE A 150 ? HIS A 169 ILE A 173 5 ? 5  
# 
_struct_conf_type.id          HELX_P 
_struct_conf_type.criteria    ? 
_struct_conf_type.reference   ? 
# 
loop_
_struct_conn.id 
_struct_conn.conn_type_id 
_struct_conn.pdbx_leaving_atom_flag 
_struct_conn.pdbx_PDB_id 
_struct_conn.ptnr1_label_asym_id 
_struct_conn.ptnr1_label_comp_id 
_struct_conn.ptnr1_label_seq_id 
_struct_conn.ptnr1_label_atom_id 
_struct_conn.pdbx_ptnr1_label_alt_id 
_struct_conn.pdbx_ptnr1_PDB_ins_code 
_struct_conn.pdbx_ptnr1_standard_comp_id 
_struct_conn.ptnr1_symmetry 
_struct_conn.ptnr2_label_asym_id 
_struct_conn.ptnr2_label_comp_id 
_struct_conn.ptnr2_label_seq_id 
_struct_conn.ptnr2_label_atom_id 
_struct_conn.pdbx_ptnr2_label_alt_id 
_struct_conn.pdbx_ptnr2_PDB_ins_code 
_struct_conn.ptnr1_auth_asym_id 
_struct_conn.ptnr1_auth_comp_id 
_struct_conn.ptnr1_auth_seq_id 
_struct_conn.ptnr2_auth_asym_id 
_struct_conn.ptnr2_auth_comp_id 
_struct_conn.ptnr2_auth_seq_id 
_struct_conn.ptnr2_symmetry 
_struct_conn.pdbx_ptnr3_label_atom_id 
_struct_conn.pdbx_ptnr3_label_seq_id 
_struct_conn.pdbx_ptnr3_label_comp_id 
_struct_conn.pdbx_ptnr3_label_asym_id 
_struct_conn.pdbx_ptnr3_label_alt_id 
_struct_conn.pdbx_ptnr3_PDB_ins_code 
_struct_conn.details 
_struct_conn.pdbx_dist_value 
_struct_conn.pdbx_value_order 
_struct_conn.pdbx_role 
disulf1 disulf ? ? A CYS 9  SG ? ? ? 1_555 A CYS 111 SG ? ? A CYS 32 A CYS 134 1_555 ? ? ? ? ? ? ? 2.066 ? ? 
disulf2 disulf ? ? A CYS 34 SG ? ? ? 1_555 A CYS 100 SG ? ? A CYS 57 A CYS 123 1_555 ? ? ? ? ? ? ? 2.078 ? ? 
disulf3 disulf ? ? A CYS 58 SG ? ? ? 1_555 A CYS 78  SG ? ? A CYS 81 A CYS 101 1_555 ? ? ? ? ? ? ? 2.070 ? ? 
# 
_struct_conn_type.id          disulf 
_struct_conn_type.criteria    ? 
_struct_conn_type.reference   ? 
# 
loop_
_pdbx_modification_feature.ordinal 
_pdbx_modification_feature.label_comp_id 
_pdbx_modification_feature.label_asym_id 
_pdbx_modification_feature.label_seq_id 
_pdbx_modification_feature.label_alt_id 
_pdbx_modification_feature.modified_residue_label_comp_id 
_pdbx_modification_feature.modified_residue_label_asym_id 
_pdbx_modification_feature.modified_residue_label_seq_id 
_pdbx_modification_feature.modified_residue_label_alt_id 
_pdbx_modification_feature.auth_comp_id 
_pdbx_modification_feature.auth_asym_id 
_pdbx_modification_feature.auth_seq_id 
_pdbx_modification_feature.PDB_ins_code 
_pdbx_modification_feature.symmetry 
_pdbx_modification_feature.modified_residue_auth_comp_id 
_pdbx_modification_feature.modified_residue_auth_asym_id 
_pdbx_modification_feature.modified_residue_auth_seq_id 
_pdbx_modification_feature.modified_residue_PDB_ins_code 
_pdbx_modification_feature.modified_residue_symmetry 
_pdbx_modification_feature.comp_id_linking_atom 
_pdbx_modification_feature.modified_residue_id_linking_atom 
_pdbx_modification_feature.modified_residue_id 
_pdbx_modification_feature.ref_pcm_id 
_pdbx_modification_feature.ref_comp_id 
_pdbx_modification_feature.type 
_pdbx_modification_feature.category 
1 CYS A 9  ? CYS A 111 ? CYS A 32 ? 1_555 CYS A 134 ? 1_555 SG SG . . . None 'Disulfide bridge' 
2 CYS A 34 ? CYS A 100 ? CYS A 57 ? 1_555 CYS A 123 ? 1_555 SG SG . . . None 'Disulfide bridge' 
3 CYS A 58 ? CYS A 78  ? CYS A 81 ? 1_555 CYS A 101 ? 1_555 SG SG . . . None 'Disulfide bridge' 
# 
loop_
_struct_sheet.id 
_struct_sheet.type 
_struct_sheet.number_strands 
_struct_sheet.details 
A ? 8 ? 
B ? 2 ? 
# 
loop_
_struct_sheet_order.sheet_id 
_struct_sheet_order.range_id_1 
_struct_sheet_order.range_id_2 
_struct_sheet_order.offset 
_struct_sheet_order.sense 
A 1 2 ? anti-parallel 
A 2 3 ? anti-parallel 
A 3 4 ? parallel      
A 4 5 ? anti-parallel 
A 5 6 ? anti-parallel 
A 6 7 ? parallel      
A 7 8 ? anti-parallel 
B 1 2 ? anti-parallel 
# 
loop_
_struct_sheet_range.sheet_id 
_struct_sheet_range.id 
_struct_sheet_range.beg_label_comp_id 
_struct_sheet_range.beg_label_asym_id 
_struct_sheet_range.beg_label_seq_id 
_struct_sheet_range.pdbx_beg_PDB_ins_code 
_struct_sheet_range.end_label_comp_id 
_struct_sheet_range.end_label_asym_id 
_struct_sheet_range.end_label_seq_id 
_struct_sheet_range.pdbx_end_PDB_ins_code 
_struct_sheet_range.beg_auth_comp_id 
_struct_sheet_range.beg_auth_asym_id 
_struct_sheet_range.beg_auth_seq_id 
_struct_sheet_range.end_auth_comp_id 
_struct_sheet_range.end_auth_asym_id 
_struct_sheet_range.end_auth_seq_id 
A 1 GLY A 84  ? ILE A 87  ? GLY A 107 ILE A 110 
A 2 VAL A 67  ? ARG A 71  ? VAL A 90  ARG A 94  
A 3 GLY A 61  ? PHE A 62  ? GLY A 84  PHE A 85  
A 4 ASP A 97  ? PHE A 101 ? ASP A 120 PHE A 124 
A 5 VAL A 14  ? LYS A 19  ? VAL A 37  LYS A 42  
A 6 GLN A 2   ? VAL A 7   ? GLN A 25  VAL A 30  
A 7 PHE A 121 ? ASN A 131 ? PHE A 144 ASN A 154 
A 8 ARG A 136 ? GLU A 142 ? ARG A 159 GLU A 165 
B 1 ARG A 10  ? TYR A 11  ? ARG A 33  TYR A 34  
B 2 GLU A 109 ? ASP A 110 ? GLU A 132 ASP A 133 
# 
loop_
_pdbx_struct_sheet_hbond.sheet_id 
_pdbx_struct_sheet_hbond.range_id_1 
_pdbx_struct_sheet_hbond.range_id_2 
_pdbx_struct_sheet_hbond.range_1_label_atom_id 
_pdbx_struct_sheet_hbond.range_1_label_comp_id 
_pdbx_struct_sheet_hbond.range_1_label_asym_id 
_pdbx_struct_sheet_hbond.range_1_label_seq_id 
_pdbx_struct_sheet_hbond.range_1_PDB_ins_code 
_pdbx_struct_sheet_hbond.range_1_auth_atom_id 
_pdbx_struct_sheet_hbond.range_1_auth_comp_id 
_pdbx_struct_sheet_hbond.range_1_auth_asym_id 
_pdbx_struct_sheet_hbond.range_1_auth_seq_id 
_pdbx_struct_sheet_hbond.range_2_label_atom_id 
_pdbx_struct_sheet_hbond.range_2_label_comp_id 
_pdbx_struct_sheet_hbond.range_2_label_asym_id 
_pdbx_struct_sheet_hbond.range_2_label_seq_id 
_pdbx_struct_sheet_hbond.range_2_PDB_ins_code 
_pdbx_struct_sheet_hbond.range_2_auth_atom_id 
_pdbx_struct_sheet_hbond.range_2_auth_comp_id 
_pdbx_struct_sheet_hbond.range_2_auth_asym_id 
_pdbx_struct_sheet_hbond.range_2_auth_seq_id 
A 1 2 O GLY A 84  ? O GLY A 107 N ARG A 71  ? N ARG A 94  
A 2 3 O VAL A 68  ? O VAL A 91  N GLY A 61  ? N GLY A 84  
A 3 4 N PHE A 62  ? N PHE A 85  O TYR A 99  ? O TYR A 122 
A 4 5 O THR A 98  ? O THR A 121 N VAL A 17  ? N VAL A 40  
A 5 6 O GLU A 18  ? O GLU A 41  N ASN A 6   ? N ASN A 29  
A 6 7 N LEU A 5   ? N LEU A 28  O VAL A 130 ? O VAL A 153 
A 7 8 N ILE A 127 ? N ILE A 150 O LYS A 139 ? O LYS A 162 
B 1 2 N ARG A 10  ? N ARG A 33  O ASP A 110 ? O ASP A 133 
# 
loop_
_struct_site.id 
_struct_site.pdbx_evidence_code 
_struct_site.pdbx_auth_asym_id 
_struct_site.pdbx_auth_comp_id 
_struct_site.pdbx_auth_seq_id 
_struct_site.pdbx_auth_ins_code 
_struct_site.pdbx_num_residues 
_struct_site.details 
AC1 Software A 24W 201 ? 10 'BINDING SITE FOR RESIDUE 24W A 201' 
AC2 Software A DMS 202 ? 10 'BINDING SITE FOR RESIDUE DMS A 202' 
AC3 Software A GOL 203 ? 7  'BINDING SITE FOR RESIDUE GOL A 203' 
AC4 Software A GOL 204 ? 7  'BINDING SITE FOR RESIDUE GOL A 204' 
AC5 Software A SO4 205 ? 6  'BINDING SITE FOR RESIDUE SO4 A 205' 
# 
loop_
_struct_site_gen.id 
_struct_site_gen.site_id 
_struct_site_gen.pdbx_num_res 
_struct_site_gen.label_comp_id 
_struct_site_gen.label_asym_id 
_struct_site_gen.label_seq_id 
_struct_site_gen.pdbx_auth_ins_code 
_struct_site_gen.auth_comp_id 
_struct_site_gen.auth_asym_id 
_struct_site_gen.auth_seq_id 
_struct_site_gen.label_atom_id 
_struct_site_gen.label_alt_id 
_struct_site_gen.symmetry 
_struct_site_gen.details 
1  AC1 10 ASN A 6   ? ASN A 29  . ? 1_555 ? 
2  AC1 10 VAL A 7   ? VAL A 30  . ? 1_555 ? 
3  AC1 10 THR A 8   ? THR A 31  . ? 1_555 ? 
4  AC1 10 GLU A 18  ? GLU A 41  . ? 1_555 ? 
5  AC1 10 ASP A 45  ? ASP A 68  . ? 1_655 ? 
6  AC1 10 VAL A 130 ? VAL A 153 . ? 1_555 ? 
7  AC1 10 ARG A 132 ? ARG A 155 . ? 1_555 ? 
8  AC1 10 GOL E .   ? GOL A 204 . ? 1_555 ? 
9  AC1 10 HOH G .   ? HOH A 301 . ? 1_555 ? 
10 AC1 10 HOH G .   ? HOH A 307 . ? 1_555 ? 
11 AC2 10 CYS A 9   ? CYS A 32  . ? 1_555 ? 
12 AC2 10 GLY A 65  ? GLY A 88  . ? 1_554 ? 
13 AC2 10 ASN A 66  ? ASN A 89  . ? 1_554 ? 
14 AC2 10 CYS A 111 ? CYS A 134 . ? 1_555 ? 
15 AC2 10 THR A 112 ? THR A 135 . ? 1_555 ? 
16 AC2 10 SER A 113 ? SER A 136 . ? 1_555 ? 
17 AC2 10 ARG A 132 ? ARG A 155 . ? 1_555 ? 
18 AC2 10 ASP A 133 ? ASP A 156 . ? 1_555 ? 
19 AC2 10 HOH G .   ? HOH A 327 . ? 1_555 ? 
20 AC2 10 HOH G .   ? HOH A 350 . ? 1_555 ? 
21 AC3 7  TYR A 23  ? TYR A 46  . ? 1_555 ? 
22 AC3 7  CYS A 58  ? CYS A 81  . ? 1_555 ? 
23 AC3 7  TYR A 60  ? TYR A 83  . ? 1_555 ? 
24 AC3 7  ILE A 77  ? ILE A 100 . ? 1_555 ? 
25 AC3 7  CYS A 78  ? CYS A 101 . ? 1_555 ? 
26 AC3 7  ALA A 79  ? ALA A 102 . ? 1_555 ? 
27 AC3 7  GLU A 108 ? GLU A 131 . ? 1_656 ? 
28 AC4 7  GLU A 18  ? GLU A 41  . ? 1_555 ? 
29 AC4 7  ASP A 45  ? ASP A 68  . ? 1_655 ? 
30 AC4 7  ARG A 59  ? ARG A 82  . ? 1_555 ? 
31 AC4 7  24W B .   ? 24W A 201 . ? 1_555 ? 
32 AC4 7  HOH G .   ? HOH A 331 . ? 1_555 ? 
33 AC4 7  HOH G .   ? HOH A 343 . ? 1_555 ? 
34 AC4 7  HOH G .   ? HOH A 378 . ? 1_555 ? 
35 AC5 6  ARG A 10  ? ARG A 33  . ? 1_555 ? 
36 AC5 6  PHE A 15  ? PHE A 38  . ? 1_555 ? 
37 AC5 6  PHE A 37  ? PHE A 60  . ? 1_555 ? 
38 AC5 6  SER A 39  ? SER A 62  . ? 1_555 ? 
39 AC5 6  ASN A 102 ? ASN A 125 . ? 1_555 ? 
40 AC5 6  VAL A 114 ? VAL A 137 . ? 1_555 ? 
# 
_pdbx_entry_details.entry_id                   4MRG 
_pdbx_entry_details.compound_details           ? 
_pdbx_entry_details.source_details             ? 
_pdbx_entry_details.nonpolymer_details         ? 
_pdbx_entry_details.sequence_details           ? 
_pdbx_entry_details.has_ligand_of_interest     ? 
_pdbx_entry_details.has_protein_modification   Y 
# 
loop_
_pdbx_validate_rmsd_angle.id 
_pdbx_validate_rmsd_angle.PDB_model_num 
_pdbx_validate_rmsd_angle.auth_atom_id_1 
_pdbx_validate_rmsd_angle.auth_asym_id_1 
_pdbx_validate_rmsd_angle.auth_comp_id_1 
_pdbx_validate_rmsd_angle.auth_seq_id_1 
_pdbx_validate_rmsd_angle.PDB_ins_code_1 
_pdbx_validate_rmsd_angle.label_alt_id_1 
_pdbx_validate_rmsd_angle.auth_atom_id_2 
_pdbx_validate_rmsd_angle.auth_asym_id_2 
_pdbx_validate_rmsd_angle.auth_comp_id_2 
_pdbx_validate_rmsd_angle.auth_seq_id_2 
_pdbx_validate_rmsd_angle.PDB_ins_code_2 
_pdbx_validate_rmsd_angle.label_alt_id_2 
_pdbx_validate_rmsd_angle.auth_atom_id_3 
_pdbx_validate_rmsd_angle.auth_asym_id_3 
_pdbx_validate_rmsd_angle.auth_comp_id_3 
_pdbx_validate_rmsd_angle.auth_seq_id_3 
_pdbx_validate_rmsd_angle.PDB_ins_code_3 
_pdbx_validate_rmsd_angle.label_alt_id_3 
_pdbx_validate_rmsd_angle.angle_value 
_pdbx_validate_rmsd_angle.angle_target_value 
_pdbx_validate_rmsd_angle.angle_deviation 
_pdbx_validate_rmsd_angle.angle_standard_deviation 
_pdbx_validate_rmsd_angle.linker_flag 
1 1 NE A ARG 33  ? ? CZ A ARG 33  ? ? NH1 A ARG 33  ? ? 116.64 120.30 -3.66 0.50 N 
2 1 NE A ARG 159 ? A CZ A ARG 159 ? A NH2 A ARG 159 ? A 117.11 120.30 -3.19 0.50 N 
# 
loop_
_pdbx_validate_torsion.id 
_pdbx_validate_torsion.PDB_model_num 
_pdbx_validate_torsion.auth_comp_id 
_pdbx_validate_torsion.auth_asym_id 
_pdbx_validate_torsion.auth_seq_id 
_pdbx_validate_torsion.PDB_ins_code 
_pdbx_validate_torsion.label_alt_id 
_pdbx_validate_torsion.phi 
_pdbx_validate_torsion.psi 
1 1 SER A 47  ? ? -164.95 14.42   
2 1 GLU A 131 ? ? -120.82 -130.99 
# 
_pdbx_phasing_MR.entry_id                     4MRG 
_pdbx_phasing_MR.method_rotation              ? 
_pdbx_phasing_MR.method_translation           ? 
_pdbx_phasing_MR.model_details                'Phaser MODE: MR_AUTO' 
_pdbx_phasing_MR.R_factor                     32.850 
_pdbx_phasing_MR.R_rigid_body                 ? 
_pdbx_phasing_MR.correlation_coeff_Fo_to_Fc   ? 
_pdbx_phasing_MR.correlation_coeff_Io_to_Ic   ? 
_pdbx_phasing_MR.d_res_high_rotation          2.500 
_pdbx_phasing_MR.d_res_low_rotation           19.640 
_pdbx_phasing_MR.d_res_high_translation       2.500 
_pdbx_phasing_MR.d_res_low_translation        19.640 
_pdbx_phasing_MR.packing                      ? 
_pdbx_phasing_MR.reflns_percent_rotation      ? 
_pdbx_phasing_MR.reflns_percent_translation   ? 
_pdbx_phasing_MR.sigma_F_rotation             ? 
_pdbx_phasing_MR.sigma_F_translation          ? 
_pdbx_phasing_MR.sigma_I_rotation             ? 
_pdbx_phasing_MR.sigma_I_translation          ? 
# 
_phasing.method   MR 
# 
loop_
_chem_comp_atom.comp_id 
_chem_comp_atom.atom_id 
_chem_comp_atom.type_symbol 
_chem_comp_atom.pdbx_aromatic_flag 
_chem_comp_atom.pdbx_stereo_config 
_chem_comp_atom.pdbx_ordinal 
24W CAG  C N N 1   
24W NAH  N N N 2   
24W CAE  C N N 3   
24W CAF  C N N 4   
24W CAK  C Y N 5   
24W CAJ  C Y N 6   
24W CAD  C Y N 7   
24W CAB  C Y N 8   
24W CAC  C Y N 9   
24W CAI  C Y N 10  
24W NAA  N N N 11  
24W H1   H N N 12  
24W H2   H N N 13  
24W H3   H N N 14  
24W H5   H N N 15  
24W H6   H N N 16  
24W H7   H N N 17  
24W H8   H N N 18  
24W H9   H N N 19  
24W H10  H N N 20  
24W H11  H N N 21  
24W H12  H N N 22  
24W H13  H N N 23  
ALA N    N N N 24  
ALA CA   C N S 25  
ALA C    C N N 26  
ALA O    O N N 27  
ALA CB   C N N 28  
ALA OXT  O N N 29  
ALA H    H N N 30  
ALA H2   H N N 31  
ALA HA   H N N 32  
ALA HB1  H N N 33  
ALA HB2  H N N 34  
ALA HB3  H N N 35  
ALA HXT  H N N 36  
ARG N    N N N 37  
ARG CA   C N S 38  
ARG C    C N N 39  
ARG O    O N N 40  
ARG CB   C N N 41  
ARG CG   C N N 42  
ARG CD   C N N 43  
ARG NE   N N N 44  
ARG CZ   C N N 45  
ARG NH1  N N N 46  
ARG NH2  N N N 47  
ARG OXT  O N N 48  
ARG H    H N N 49  
ARG H2   H N N 50  
ARG HA   H N N 51  
ARG HB2  H N N 52  
ARG HB3  H N N 53  
ARG HG2  H N N 54  
ARG HG3  H N N 55  
ARG HD2  H N N 56  
ARG HD3  H N N 57  
ARG HE   H N N 58  
ARG HH11 H N N 59  
ARG HH12 H N N 60  
ARG HH21 H N N 61  
ARG HH22 H N N 62  
ARG HXT  H N N 63  
ASN N    N N N 64  
ASN CA   C N S 65  
ASN C    C N N 66  
ASN O    O N N 67  
ASN CB   C N N 68  
ASN CG   C N N 69  
ASN OD1  O N N 70  
ASN ND2  N N N 71  
ASN OXT  O N N 72  
ASN H    H N N 73  
ASN H2   H N N 74  
ASN HA   H N N 75  
ASN HB2  H N N 76  
ASN HB3  H N N 77  
ASN HD21 H N N 78  
ASN HD22 H N N 79  
ASN HXT  H N N 80  
ASP N    N N N 81  
ASP CA   C N S 82  
ASP C    C N N 83  
ASP O    O N N 84  
ASP CB   C N N 85  
ASP CG   C N N 86  
ASP OD1  O N N 87  
ASP OD2  O N N 88  
ASP OXT  O N N 89  
ASP H    H N N 90  
ASP H2   H N N 91  
ASP HA   H N N 92  
ASP HB2  H N N 93  
ASP HB3  H N N 94  
ASP HD2  H N N 95  
ASP HXT  H N N 96  
CYS N    N N N 97  
CYS CA   C N R 98  
CYS C    C N N 99  
CYS O    O N N 100 
CYS CB   C N N 101 
CYS SG   S N N 102 
CYS OXT  O N N 103 
CYS H    H N N 104 
CYS H2   H N N 105 
CYS HA   H N N 106 
CYS HB2  H N N 107 
CYS HB3  H N N 108 
CYS HG   H N N 109 
CYS HXT  H N N 110 
DMS S    S N N 111 
DMS O    O N N 112 
DMS C1   C N N 113 
DMS C2   C N N 114 
DMS H11  H N N 115 
DMS H12  H N N 116 
DMS H13  H N N 117 
DMS H21  H N N 118 
DMS H22  H N N 119 
DMS H23  H N N 120 
GLN N    N N N 121 
GLN CA   C N S 122 
GLN C    C N N 123 
GLN O    O N N 124 
GLN CB   C N N 125 
GLN CG   C N N 126 
GLN CD   C N N 127 
GLN OE1  O N N 128 
GLN NE2  N N N 129 
GLN OXT  O N N 130 
GLN H    H N N 131 
GLN H2   H N N 132 
GLN HA   H N N 133 
GLN HB2  H N N 134 
GLN HB3  H N N 135 
GLN HG2  H N N 136 
GLN HG3  H N N 137 
GLN HE21 H N N 138 
GLN HE22 H N N 139 
GLN HXT  H N N 140 
GLU N    N N N 141 
GLU CA   C N S 142 
GLU C    C N N 143 
GLU O    O N N 144 
GLU CB   C N N 145 
GLU CG   C N N 146 
GLU CD   C N N 147 
GLU OE1  O N N 148 
GLU OE2  O N N 149 
GLU OXT  O N N 150 
GLU H    H N N 151 
GLU H2   H N N 152 
GLU HA   H N N 153 
GLU HB2  H N N 154 
GLU HB3  H N N 155 
GLU HG2  H N N 156 
GLU HG3  H N N 157 
GLU HE2  H N N 158 
GLU HXT  H N N 159 
GLY N    N N N 160 
GLY CA   C N N 161 
GLY C    C N N 162 
GLY O    O N N 163 
GLY OXT  O N N 164 
GLY H    H N N 165 
GLY H2   H N N 166 
GLY HA2  H N N 167 
GLY HA3  H N N 168 
GLY HXT  H N N 169 
GOL C1   C N N 170 
GOL O1   O N N 171 
GOL C2   C N N 172 
GOL O2   O N N 173 
GOL C3   C N N 174 
GOL O3   O N N 175 
GOL H11  H N N 176 
GOL H12  H N N 177 
GOL HO1  H N N 178 
GOL H2   H N N 179 
GOL HO2  H N N 180 
GOL H31  H N N 181 
GOL H32  H N N 182 
GOL HO3  H N N 183 
HIS N    N N N 184 
HIS CA   C N S 185 
HIS C    C N N 186 
HIS O    O N N 187 
HIS CB   C N N 188 
HIS CG   C Y N 189 
HIS ND1  N Y N 190 
HIS CD2  C Y N 191 
HIS CE1  C Y N 192 
HIS NE2  N Y N 193 
HIS OXT  O N N 194 
HIS H    H N N 195 
HIS H2   H N N 196 
HIS HA   H N N 197 
HIS HB2  H N N 198 
HIS HB3  H N N 199 
HIS HD1  H N N 200 
HIS HD2  H N N 201 
HIS HE1  H N N 202 
HIS HE2  H N N 203 
HIS HXT  H N N 204 
HOH O    O N N 205 
HOH H1   H N N 206 
HOH H2   H N N 207 
ILE N    N N N 208 
ILE CA   C N S 209 
ILE C    C N N 210 
ILE O    O N N 211 
ILE CB   C N S 212 
ILE CG1  C N N 213 
ILE CG2  C N N 214 
ILE CD1  C N N 215 
ILE OXT  O N N 216 
ILE H    H N N 217 
ILE H2   H N N 218 
ILE HA   H N N 219 
ILE HB   H N N 220 
ILE HG12 H N N 221 
ILE HG13 H N N 222 
ILE HG21 H N N 223 
ILE HG22 H N N 224 
ILE HG23 H N N 225 
ILE HD11 H N N 226 
ILE HD12 H N N 227 
ILE HD13 H N N 228 
ILE HXT  H N N 229 
LEU N    N N N 230 
LEU CA   C N S 231 
LEU C    C N N 232 
LEU O    O N N 233 
LEU CB   C N N 234 
LEU CG   C N N 235 
LEU CD1  C N N 236 
LEU CD2  C N N 237 
LEU OXT  O N N 238 
LEU H    H N N 239 
LEU H2   H N N 240 
LEU HA   H N N 241 
LEU HB2  H N N 242 
LEU HB3  H N N 243 
LEU HG   H N N 244 
LEU HD11 H N N 245 
LEU HD12 H N N 246 
LEU HD13 H N N 247 
LEU HD21 H N N 248 
LEU HD22 H N N 249 
LEU HD23 H N N 250 
LEU HXT  H N N 251 
LYS N    N N N 252 
LYS CA   C N S 253 
LYS C    C N N 254 
LYS O    O N N 255 
LYS CB   C N N 256 
LYS CG   C N N 257 
LYS CD   C N N 258 
LYS CE   C N N 259 
LYS NZ   N N N 260 
LYS OXT  O N N 261 
LYS H    H N N 262 
LYS H2   H N N 263 
LYS HA   H N N 264 
LYS HB2  H N N 265 
LYS HB3  H N N 266 
LYS HG2  H N N 267 
LYS HG3  H N N 268 
LYS HD2  H N N 269 
LYS HD3  H N N 270 
LYS HE2  H N N 271 
LYS HE3  H N N 272 
LYS HZ1  H N N 273 
LYS HZ2  H N N 274 
LYS HZ3  H N N 275 
LYS HXT  H N N 276 
MET N    N N N 277 
MET CA   C N S 278 
MET C    C N N 279 
MET O    O N N 280 
MET CB   C N N 281 
MET CG   C N N 282 
MET SD   S N N 283 
MET CE   C N N 284 
MET OXT  O N N 285 
MET H    H N N 286 
MET H2   H N N 287 
MET HA   H N N 288 
MET HB2  H N N 289 
MET HB3  H N N 290 
MET HG2  H N N 291 
MET HG3  H N N 292 
MET HE1  H N N 293 
MET HE2  H N N 294 
MET HE3  H N N 295 
MET HXT  H N N 296 
PHE N    N N N 297 
PHE CA   C N S 298 
PHE C    C N N 299 
PHE O    O N N 300 
PHE CB   C N N 301 
PHE CG   C Y N 302 
PHE CD1  C Y N 303 
PHE CD2  C Y N 304 
PHE CE1  C Y N 305 
PHE CE2  C Y N 306 
PHE CZ   C Y N 307 
PHE OXT  O N N 308 
PHE H    H N N 309 
PHE H2   H N N 310 
PHE HA   H N N 311 
PHE HB2  H N N 312 
PHE HB3  H N N 313 
PHE HD1  H N N 314 
PHE HD2  H N N 315 
PHE HE1  H N N 316 
PHE HE2  H N N 317 
PHE HZ   H N N 318 
PHE HXT  H N N 319 
PRO N    N N N 320 
PRO CA   C N S 321 
PRO C    C N N 322 
PRO O    O N N 323 
PRO CB   C N N 324 
PRO CG   C N N 325 
PRO CD   C N N 326 
PRO OXT  O N N 327 
PRO H    H N N 328 
PRO HA   H N N 329 
PRO HB2  H N N 330 
PRO HB3  H N N 331 
PRO HG2  H N N 332 
PRO HG3  H N N 333 
PRO HD2  H N N 334 
PRO HD3  H N N 335 
PRO HXT  H N N 336 
SER N    N N N 337 
SER CA   C N S 338 
SER C    C N N 339 
SER O    O N N 340 
SER CB   C N N 341 
SER OG   O N N 342 
SER OXT  O N N 343 
SER H    H N N 344 
SER H2   H N N 345 
SER HA   H N N 346 
SER HB2  H N N 347 
SER HB3  H N N 348 
SER HG   H N N 349 
SER HXT  H N N 350 
SO4 S    S N N 351 
SO4 O1   O N N 352 
SO4 O2   O N N 353 
SO4 O3   O N N 354 
SO4 O4   O N N 355 
THR N    N N N 356 
THR CA   C N S 357 
THR C    C N N 358 
THR O    O N N 359 
THR CB   C N R 360 
THR OG1  O N N 361 
THR CG2  C N N 362 
THR OXT  O N N 363 
THR H    H N N 364 
THR H2   H N N 365 
THR HA   H N N 366 
THR HB   H N N 367 
THR HG1  H N N 368 
THR HG21 H N N 369 
THR HG22 H N N 370 
THR HG23 H N N 371 
THR HXT  H N N 372 
TYR N    N N N 373 
TYR CA   C N S 374 
TYR C    C N N 375 
TYR O    O N N 376 
TYR CB   C N N 377 
TYR CG   C Y N 378 
TYR CD1  C Y N 379 
TYR CD2  C Y N 380 
TYR CE1  C Y N 381 
TYR CE2  C Y N 382 
TYR CZ   C Y N 383 
TYR OH   O N N 384 
TYR OXT  O N N 385 
TYR H    H N N 386 
TYR H2   H N N 387 
TYR HA   H N N 388 
TYR HB2  H N N 389 
TYR HB3  H N N 390 
TYR HD1  H N N 391 
TYR HD2  H N N 392 
TYR HE1  H N N 393 
TYR HE2  H N N 394 
TYR HH   H N N 395 
TYR HXT  H N N 396 
VAL N    N N N 397 
VAL CA   C N S 398 
VAL C    C N N 399 
VAL O    O N N 400 
VAL CB   C N N 401 
VAL CG1  C N N 402 
VAL CG2  C N N 403 
VAL OXT  O N N 404 
VAL H    H N N 405 
VAL H2   H N N 406 
VAL HA   H N N 407 
VAL HB   H N N 408 
VAL HG11 H N N 409 
VAL HG12 H N N 410 
VAL HG13 H N N 411 
VAL HG21 H N N 412 
VAL HG22 H N N 413 
VAL HG23 H N N 414 
VAL HXT  H N N 415 
# 
loop_
_chem_comp_bond.comp_id 
_chem_comp_bond.atom_id_1 
_chem_comp_bond.atom_id_2 
_chem_comp_bond.value_order 
_chem_comp_bond.pdbx_aromatic_flag 
_chem_comp_bond.pdbx_stereo_config 
_chem_comp_bond.pdbx_ordinal 
24W CAC CAB  doub Y N 1   
24W CAC CAI  sing Y N 2   
24W CAB CAD  sing Y N 3   
24W NAA CAI  sing N N 4   
24W CAI CAK  doub Y N 5   
24W CAD CAJ  doub Y N 6   
24W CAK CAJ  sing Y N 7   
24W CAK CAF  sing N N 8   
24W CAJ CAG  sing N N 9   
24W CAF CAE  sing N N 10  
24W CAG NAH  sing N N 11  
24W CAE NAH  sing N N 12  
24W CAG H1   sing N N 13  
24W CAG H2   sing N N 14  
24W NAH H3   sing N N 15  
24W CAE H5   sing N N 16  
24W CAE H6   sing N N 17  
24W CAF H7   sing N N 18  
24W CAF H8   sing N N 19  
24W CAD H9   sing N N 20  
24W CAB H10  sing N N 21  
24W CAC H11  sing N N 22  
24W NAA H12  sing N N 23  
24W NAA H13  sing N N 24  
ALA N   CA   sing N N 25  
ALA N   H    sing N N 26  
ALA N   H2   sing N N 27  
ALA CA  C    sing N N 28  
ALA CA  CB   sing N N 29  
ALA CA  HA   sing N N 30  
ALA C   O    doub N N 31  
ALA C   OXT  sing N N 32  
ALA CB  HB1  sing N N 33  
ALA CB  HB2  sing N N 34  
ALA CB  HB3  sing N N 35  
ALA OXT HXT  sing N N 36  
ARG N   CA   sing N N 37  
ARG N   H    sing N N 38  
ARG N   H2   sing N N 39  
ARG CA  C    sing N N 40  
ARG CA  CB   sing N N 41  
ARG CA  HA   sing N N 42  
ARG C   O    doub N N 43  
ARG C   OXT  sing N N 44  
ARG CB  CG   sing N N 45  
ARG CB  HB2  sing N N 46  
ARG CB  HB3  sing N N 47  
ARG CG  CD   sing N N 48  
ARG CG  HG2  sing N N 49  
ARG CG  HG3  sing N N 50  
ARG CD  NE   sing N N 51  
ARG CD  HD2  sing N N 52  
ARG CD  HD3  sing N N 53  
ARG NE  CZ   sing N N 54  
ARG NE  HE   sing N N 55  
ARG CZ  NH1  sing N N 56  
ARG CZ  NH2  doub N N 57  
ARG NH1 HH11 sing N N 58  
ARG NH1 HH12 sing N N 59  
ARG NH2 HH21 sing N N 60  
ARG NH2 HH22 sing N N 61  
ARG OXT HXT  sing N N 62  
ASN N   CA   sing N N 63  
ASN N   H    sing N N 64  
ASN N   H2   sing N N 65  
ASN CA  C    sing N N 66  
ASN CA  CB   sing N N 67  
ASN CA  HA   sing N N 68  
ASN C   O    doub N N 69  
ASN C   OXT  sing N N 70  
ASN CB  CG   sing N N 71  
ASN CB  HB2  sing N N 72  
ASN CB  HB3  sing N N 73  
ASN CG  OD1  doub N N 74  
ASN CG  ND2  sing N N 75  
ASN ND2 HD21 sing N N 76  
ASN ND2 HD22 sing N N 77  
ASN OXT HXT  sing N N 78  
ASP N   CA   sing N N 79  
ASP N   H    sing N N 80  
ASP N   H2   sing N N 81  
ASP CA  C    sing N N 82  
ASP CA  CB   sing N N 83  
ASP CA  HA   sing N N 84  
ASP C   O    doub N N 85  
ASP C   OXT  sing N N 86  
ASP CB  CG   sing N N 87  
ASP CB  HB2  sing N N 88  
ASP CB  HB3  sing N N 89  
ASP CG  OD1  doub N N 90  
ASP CG  OD2  sing N N 91  
ASP OD2 HD2  sing N N 92  
ASP OXT HXT  sing N N 93  
CYS N   CA   sing N N 94  
CYS N   H    sing N N 95  
CYS N   H2   sing N N 96  
CYS CA  C    sing N N 97  
CYS CA  CB   sing N N 98  
CYS CA  HA   sing N N 99  
CYS C   O    doub N N 100 
CYS C   OXT  sing N N 101 
CYS CB  SG   sing N N 102 
CYS CB  HB2  sing N N 103 
CYS CB  HB3  sing N N 104 
CYS SG  HG   sing N N 105 
CYS OXT HXT  sing N N 106 
DMS S   O    doub N N 107 
DMS S   C1   sing N N 108 
DMS S   C2   sing N N 109 
DMS C1  H11  sing N N 110 
DMS C1  H12  sing N N 111 
DMS C1  H13  sing N N 112 
DMS C2  H21  sing N N 113 
DMS C2  H22  sing N N 114 
DMS C2  H23  sing N N 115 
GLN N   CA   sing N N 116 
GLN N   H    sing N N 117 
GLN N   H2   sing N N 118 
GLN CA  C    sing N N 119 
GLN CA  CB   sing N N 120 
GLN CA  HA   sing N N 121 
GLN C   O    doub N N 122 
GLN C   OXT  sing N N 123 
GLN CB  CG   sing N N 124 
GLN CB  HB2  sing N N 125 
GLN CB  HB3  sing N N 126 
GLN CG  CD   sing N N 127 
GLN CG  HG2  sing N N 128 
GLN CG  HG3  sing N N 129 
GLN CD  OE1  doub N N 130 
GLN CD  NE2  sing N N 131 
GLN NE2 HE21 sing N N 132 
GLN NE2 HE22 sing N N 133 
GLN OXT HXT  sing N N 134 
GLU N   CA   sing N N 135 
GLU N   H    sing N N 136 
GLU N   H2   sing N N 137 
GLU CA  C    sing N N 138 
GLU CA  CB   sing N N 139 
GLU CA  HA   sing N N 140 
GLU C   O    doub N N 141 
GLU C   OXT  sing N N 142 
GLU CB  CG   sing N N 143 
GLU CB  HB2  sing N N 144 
GLU CB  HB3  sing N N 145 
GLU CG  CD   sing N N 146 
GLU CG  HG2  sing N N 147 
GLU CG  HG3  sing N N 148 
GLU CD  OE1  doub N N 149 
GLU CD  OE2  sing N N 150 
GLU OE2 HE2  sing N N 151 
GLU OXT HXT  sing N N 152 
GLY N   CA   sing N N 153 
GLY N   H    sing N N 154 
GLY N   H2   sing N N 155 
GLY CA  C    sing N N 156 
GLY CA  HA2  sing N N 157 
GLY CA  HA3  sing N N 158 
GLY C   O    doub N N 159 
GLY C   OXT  sing N N 160 
GLY OXT HXT  sing N N 161 
GOL C1  O1   sing N N 162 
GOL C1  C2   sing N N 163 
GOL C1  H11  sing N N 164 
GOL C1  H12  sing N N 165 
GOL O1  HO1  sing N N 166 
GOL C2  O2   sing N N 167 
GOL C2  C3   sing N N 168 
GOL C2  H2   sing N N 169 
GOL O2  HO2  sing N N 170 
GOL C3  O3   sing N N 171 
GOL C3  H31  sing N N 172 
GOL C3  H32  sing N N 173 
GOL O3  HO3  sing N N 174 
HIS N   CA   sing N N 175 
HIS N   H    sing N N 176 
HIS N   H2   sing N N 177 
HIS CA  C    sing N N 178 
HIS CA  CB   sing N N 179 
HIS CA  HA   sing N N 180 
HIS C   O    doub N N 181 
HIS C   OXT  sing N N 182 
HIS CB  CG   sing N N 183 
HIS CB  HB2  sing N N 184 
HIS CB  HB3  sing N N 185 
HIS CG  ND1  sing Y N 186 
HIS CG  CD2  doub Y N 187 
HIS ND1 CE1  doub Y N 188 
HIS ND1 HD1  sing N N 189 
HIS CD2 NE2  sing Y N 190 
HIS CD2 HD2  sing N N 191 
HIS CE1 NE2  sing Y N 192 
HIS CE1 HE1  sing N N 193 
HIS NE2 HE2  sing N N 194 
HIS OXT HXT  sing N N 195 
HOH O   H1   sing N N 196 
HOH O   H2   sing N N 197 
ILE N   CA   sing N N 198 
ILE N   H    sing N N 199 
ILE N   H2   sing N N 200 
ILE CA  C    sing N N 201 
ILE CA  CB   sing N N 202 
ILE CA  HA   sing N N 203 
ILE C   O    doub N N 204 
ILE C   OXT  sing N N 205 
ILE CB  CG1  sing N N 206 
ILE CB  CG2  sing N N 207 
ILE CB  HB   sing N N 208 
ILE CG1 CD1  sing N N 209 
ILE CG1 HG12 sing N N 210 
ILE CG1 HG13 sing N N 211 
ILE CG2 HG21 sing N N 212 
ILE CG2 HG22 sing N N 213 
ILE CG2 HG23 sing N N 214 
ILE CD1 HD11 sing N N 215 
ILE CD1 HD12 sing N N 216 
ILE CD1 HD13 sing N N 217 
ILE OXT HXT  sing N N 218 
LEU N   CA   sing N N 219 
LEU N   H    sing N N 220 
LEU N   H2   sing N N 221 
LEU CA  C    sing N N 222 
LEU CA  CB   sing N N 223 
LEU CA  HA   sing N N 224 
LEU C   O    doub N N 225 
LEU C   OXT  sing N N 226 
LEU CB  CG   sing N N 227 
LEU CB  HB2  sing N N 228 
LEU CB  HB3  sing N N 229 
LEU CG  CD1  sing N N 230 
LEU CG  CD2  sing N N 231 
LEU CG  HG   sing N N 232 
LEU CD1 HD11 sing N N 233 
LEU CD1 HD12 sing N N 234 
LEU CD1 HD13 sing N N 235 
LEU CD2 HD21 sing N N 236 
LEU CD2 HD22 sing N N 237 
LEU CD2 HD23 sing N N 238 
LEU OXT HXT  sing N N 239 
LYS N   CA   sing N N 240 
LYS N   H    sing N N 241 
LYS N   H2   sing N N 242 
LYS CA  C    sing N N 243 
LYS CA  CB   sing N N 244 
LYS CA  HA   sing N N 245 
LYS C   O    doub N N 246 
LYS C   OXT  sing N N 247 
LYS CB  CG   sing N N 248 
LYS CB  HB2  sing N N 249 
LYS CB  HB3  sing N N 250 
LYS CG  CD   sing N N 251 
LYS CG  HG2  sing N N 252 
LYS CG  HG3  sing N N 253 
LYS CD  CE   sing N N 254 
LYS CD  HD2  sing N N 255 
LYS CD  HD3  sing N N 256 
LYS CE  NZ   sing N N 257 
LYS CE  HE2  sing N N 258 
LYS CE  HE3  sing N N 259 
LYS NZ  HZ1  sing N N 260 
LYS NZ  HZ2  sing N N 261 
LYS NZ  HZ3  sing N N 262 
LYS OXT HXT  sing N N 263 
MET N   CA   sing N N 264 
MET N   H    sing N N 265 
MET N   H2   sing N N 266 
MET CA  C    sing N N 267 
MET CA  CB   sing N N 268 
MET CA  HA   sing N N 269 
MET C   O    doub N N 270 
MET C   OXT  sing N N 271 
MET CB  CG   sing N N 272 
MET CB  HB2  sing N N 273 
MET CB  HB3  sing N N 274 
MET CG  SD   sing N N 275 
MET CG  HG2  sing N N 276 
MET CG  HG3  sing N N 277 
MET SD  CE   sing N N 278 
MET CE  HE1  sing N N 279 
MET CE  HE2  sing N N 280 
MET CE  HE3  sing N N 281 
MET OXT HXT  sing N N 282 
PHE N   CA   sing N N 283 
PHE N   H    sing N N 284 
PHE N   H2   sing N N 285 
PHE CA  C    sing N N 286 
PHE CA  CB   sing N N 287 
PHE CA  HA   sing N N 288 
PHE C   O    doub N N 289 
PHE C   OXT  sing N N 290 
PHE CB  CG   sing N N 291 
PHE CB  HB2  sing N N 292 
PHE CB  HB3  sing N N 293 
PHE CG  CD1  doub Y N 294 
PHE CG  CD2  sing Y N 295 
PHE CD1 CE1  sing Y N 296 
PHE CD1 HD1  sing N N 297 
PHE CD2 CE2  doub Y N 298 
PHE CD2 HD2  sing N N 299 
PHE CE1 CZ   doub Y N 300 
PHE CE1 HE1  sing N N 301 
PHE CE2 CZ   sing Y N 302 
PHE CE2 HE2  sing N N 303 
PHE CZ  HZ   sing N N 304 
PHE OXT HXT  sing N N 305 
PRO N   CA   sing N N 306 
PRO N   CD   sing N N 307 
PRO N   H    sing N N 308 
PRO CA  C    sing N N 309 
PRO CA  CB   sing N N 310 
PRO CA  HA   sing N N 311 
PRO C   O    doub N N 312 
PRO C   OXT  sing N N 313 
PRO CB  CG   sing N N 314 
PRO CB  HB2  sing N N 315 
PRO CB  HB3  sing N N 316 
PRO CG  CD   sing N N 317 
PRO CG  HG2  sing N N 318 
PRO CG  HG3  sing N N 319 
PRO CD  HD2  sing N N 320 
PRO CD  HD3  sing N N 321 
PRO OXT HXT  sing N N 322 
SER N   CA   sing N N 323 
SER N   H    sing N N 324 
SER N   H2   sing N N 325 
SER CA  C    sing N N 326 
SER CA  CB   sing N N 327 
SER CA  HA   sing N N 328 
SER C   O    doub N N 329 
SER C   OXT  sing N N 330 
SER CB  OG   sing N N 331 
SER CB  HB2  sing N N 332 
SER CB  HB3  sing N N 333 
SER OG  HG   sing N N 334 
SER OXT HXT  sing N N 335 
SO4 S   O1   doub N N 336 
SO4 S   O2   doub N N 337 
SO4 S   O3   sing N N 338 
SO4 S   O4   sing N N 339 
THR N   CA   sing N N 340 
THR N   H    sing N N 341 
THR N   H2   sing N N 342 
THR CA  C    sing N N 343 
THR CA  CB   sing N N 344 
THR CA  HA   sing N N 345 
THR C   O    doub N N 346 
THR C   OXT  sing N N 347 
THR CB  OG1  sing N N 348 
THR CB  CG2  sing N N 349 
THR CB  HB   sing N N 350 
THR OG1 HG1  sing N N 351 
THR CG2 HG21 sing N N 352 
THR CG2 HG22 sing N N 353 
THR CG2 HG23 sing N N 354 
THR OXT HXT  sing N N 355 
TYR N   CA   sing N N 356 
TYR N   H    sing N N 357 
TYR N   H2   sing N N 358 
TYR CA  C    sing N N 359 
TYR CA  CB   sing N N 360 
TYR CA  HA   sing N N 361 
TYR C   O    doub N N 362 
TYR C   OXT  sing N N 363 
TYR CB  CG   sing N N 364 
TYR CB  HB2  sing N N 365 
TYR CB  HB3  sing N N 366 
TYR CG  CD1  doub Y N 367 
TYR CG  CD2  sing Y N 368 
TYR CD1 CE1  sing Y N 369 
TYR CD1 HD1  sing N N 370 
TYR CD2 CE2  doub Y N 371 
TYR CD2 HD2  sing N N 372 
TYR CE1 CZ   doub Y N 373 
TYR CE1 HE1  sing N N 374 
TYR CE2 CZ   sing Y N 375 
TYR CE2 HE2  sing N N 376 
TYR CZ  OH   sing N N 377 
TYR OH  HH   sing N N 378 
TYR OXT HXT  sing N N 379 
VAL N   CA   sing N N 380 
VAL N   H    sing N N 381 
VAL N   H2   sing N N 382 
VAL CA  C    sing N N 383 
VAL CA  CB   sing N N 384 
VAL CA  HA   sing N N 385 
VAL C   O    doub N N 386 
VAL C   OXT  sing N N 387 
VAL CB  CG1  sing N N 388 
VAL CB  CG2  sing N N 389 
VAL CB  HB   sing N N 390 
VAL CG1 HG11 sing N N 391 
VAL CG1 HG12 sing N N 392 
VAL CG1 HG13 sing N N 393 
VAL CG2 HG21 sing N N 394 
VAL CG2 HG22 sing N N 395 
VAL CG2 HG23 sing N N 396 
VAL OXT HXT  sing N N 397 
# 
_pdbx_initial_refinement_model.id               1 
_pdbx_initial_refinement_model.entity_id_list   ? 
_pdbx_initial_refinement_model.type             'experimental model' 
_pdbx_initial_refinement_model.source_name      PDB 
_pdbx_initial_refinement_model.accession_code   2JCP 
_pdbx_initial_refinement_model.details          'pdb entry 2JCP' 
# 
_atom_sites.entry_id                    4MRG 
_atom_sites.fract_transf_matrix[1][1]   0.00918417 
_atom_sites.fract_transf_matrix[1][2]   0.02844961 
_atom_sites.fract_transf_matrix[1][3]   -0.02126556 
_atom_sites.fract_transf_matrix[2][1]   -0.00243546 
_atom_sites.fract_transf_matrix[2][2]   0.00768717 
_atom_sites.fract_transf_matrix[2][3]   0.00923226 
_atom_sites.fract_transf_matrix[3][1]   0.03362058 
_atom_sites.fract_transf_matrix[3][2]   0.01050921 
_atom_sites.fract_transf_matrix[3][3]   0.00011868 
_atom_sites.fract_transf_vector[1]      0.093232 
_atom_sites.fract_transf_vector[2]      -0.003489 
_atom_sites.fract_transf_vector[3]      0.080723 
# 
loop_
_atom_type.symbol 
C 
N 
O 
S 
# 
loop_
_atom_site.group_PDB 
_atom_site.id 
_atom_site.type_symbol 
_atom_site.label_atom_id 
_atom_site.label_alt_id 
_atom_site.label_comp_id 
_atom_site.label_asym_id 
_atom_site.label_entity_id 
_atom_site.label_seq_id 
_atom_site.pdbx_PDB_ins_code 
_atom_site.Cartn_x 
_atom_site.Cartn_y 
_atom_site.Cartn_z 
_atom_site.occupancy 
_atom_site.B_iso_or_equiv 
_atom_site.pdbx_formal_charge 
_atom_site.auth_seq_id 
_atom_site.auth_comp_id 
_atom_site.auth_asym_id 
_atom_site.auth_atom_id 
_atom_site.pdbx_PDB_model_num 
ATOM   1    N N   . ASN A 1 1   ? -4.831  21.454  0.373   1.00 22.32 ? 24  ASN A N   1 
ATOM   2    C CA  . ASN A 1 1   ? -4.090  20.550  1.298   1.00 20.99 ? 24  ASN A CA  1 
ATOM   3    C C   . ASN A 1 1   ? -4.719  19.179  1.181   1.00 19.40 ? 24  ASN A C   1 
ATOM   4    O O   . ASN A 1 1   ? -5.646  18.853  1.929   1.00 17.67 ? 24  ASN A O   1 
ATOM   5    C CB  . ASN A 1 1   ? -4.189  21.025  2.750   1.00 21.82 ? 24  ASN A CB  1 
ATOM   6    C CG  . ASN A 1 1   ? -3.212  20.318  3.642   1.00 23.77 ? 24  ASN A CG  1 
ATOM   7    O OD1 . ASN A 1 1   ? -2.489  19.399  3.195   1.00 26.44 ? 24  ASN A OD1 1 
ATOM   8    N ND2 . ASN A 1 1   ? -3.157  20.727  4.905   1.00 24.45 ? 24  ASN A ND2 1 
ATOM   9    N N   . GLN A 1 2   ? -4.220  18.402  0.218   1.00 17.86 ? 25  GLN A N   1 
ATOM   10   C CA  . GLN A 1 2   ? -4.953  17.250  -0.316  1.00 17.11 ? 25  GLN A CA  1 
ATOM   11   C C   . GLN A 1 2   ? -3.990  16.111  -0.652  1.00 15.42 ? 25  GLN A C   1 
ATOM   12   O O   . GLN A 1 2   ? -2.916  16.349  -1.211  1.00 16.00 ? 25  GLN A O   1 
ATOM   13   C CB  . GLN A 1 2   ? -5.716  17.694  -1.573  1.00 18.03 ? 25  GLN A CB  1 
ATOM   14   C CG  . GLN A 1 2   ? -6.927  16.841  -1.942  1.00 21.46 ? 25  GLN A CG  1 
ATOM   15   C CD  . GLN A 1 2   ? -6.585  15.605  -2.777  1.00 25.23 ? 25  GLN A CD  1 
ATOM   16   O OE1 . GLN A 1 2   ? -5.710  15.638  -3.666  1.00 28.05 ? 25  GLN A OE1 1 
ATOM   17   N NE2 . GLN A 1 2   ? -7.293  14.504  -2.503  1.00 24.13 ? 25  GLN A NE2 1 
ATOM   18   N N   . ILE A 1 3   ? -4.376  14.880  -0.315  1.00 12.77 ? 26  ILE A N   1 
ATOM   19   C CA  . ILE A 1 3   ? -3.558  13.677  -0.585  1.00 10.96 ? 26  ILE A CA  1 
ATOM   20   C C   . ILE A 1 3   ? -4.484  12.627  -1.191  1.00 10.20 ? 26  ILE A C   1 
ATOM   21   O O   . ILE A 1 3   ? -5.553  12.350  -0.615  1.00 11.29 ? 26  ILE A O   1 
ATOM   22   C CB  . ILE A 1 3   ? -2.935  13.134  0.716   1.00 10.59 ? 26  ILE A CB  1 
ATOM   23   C CG1 . ILE A 1 3   ? -1.958  14.153  1.334   1.00 9.39  ? 26  ILE A CG1 1 
ATOM   24   C CG2 . ILE A 1 3   ? -2.200  11.809  0.493   1.00 11.94 ? 26  ILE A CG2 1 
ATOM   25   C CD1 . ILE A 1 3   ? -1.279  13.640  2.614   1.00 12.22 ? 26  ILE A CD1 1 
ATOM   26   N N   . ASP A 1 4   ? -4.092  12.065  -2.341  1.00 8.92  ? 27  ASP A N   1 
ATOM   27   C CA  . ASP A 1 4   ? -4.831  10.930  -2.966  1.00 8.33  ? 27  ASP A CA  1 
ATOM   28   C C   . ASP A 1 4   ? -4.133  9.659   -2.472  1.00 7.60  ? 27  ASP A C   1 
ATOM   29   O O   . ASP A 1 4   ? -2.909  9.603   -2.420  1.00 7.00  ? 27  ASP A O   1 
ATOM   30   C CB  . ASP A 1 4   ? -4.757  10.895  -4.497  1.00 10.08 ? 27  ASP A CB  1 
ATOM   31   C CG  . ASP A 1 4   ? -5.765  11.824  -5.224  1.00 14.71 ? 27  ASP A CG  1 
ATOM   32   O OD1 . ASP A 1 4   ? -6.706  12.356  -4.642  1.00 12.82 ? 27  ASP A OD1 1 
ATOM   33   O OD2 . ASP A 1 4   ? -5.566  12.014  -6.450  1.00 21.39 ? 27  ASP A OD2 1 
ATOM   34   N N   . LEU A 1 5   ? -4.920  8.657   -2.108  1.00 6.43  ? 28  LEU A N   1 
ATOM   35   C CA  . LEU A 1 5   ? -4.335  7.351   -1.759  1.00 6.01  ? 28  LEU A CA  1 
ATOM   36   C C   . LEU A 1 5   ? -4.937  6.360   -2.725  1.00 5.71  ? 28  LEU A C   1 
ATOM   37   O O   . LEU A 1 5   ? -6.125  6.068   -2.642  1.00 6.34  ? 28  LEU A O   1 
ATOM   38   C CB  . LEU A 1 5   ? -4.644  6.944   -0.302  1.00 7.26  ? 28  LEU A CB  1 
ATOM   39   C CG  . LEU A 1 5   ? -4.034  7.851   0.772   1.00 5.15  ? 28  LEU A CG  1 
ATOM   40   C CD1 . LEU A 1 5   ? -4.613  7.482   2.142   1.00 7.19  ? 28  LEU A CD1 1 
ATOM   41   C CD2 . LEU A 1 5   ? -2.505  7.782   0.851   1.00 4.71  ? 28  LEU A CD2 1 
ATOM   42   N N   . ASN A 1 6   ? -4.124  5.853   -3.653  1.00 5.02  ? 29  ASN A N   1 
ATOM   43   C CA  . ASN A 1 6   ? -4.634  4.928   -4.650  1.00 5.72  ? 29  ASN A CA  1 
ATOM   44   C C   . ASN A 1 6   ? -4.508  3.547   -4.090  1.00 5.23  ? 29  ASN A C   1 
ATOM   45   O O   . ASN A 1 6   ? -3.402  3.153   -3.727  1.00 5.62  ? 29  ASN A O   1 
ATOM   46   C CB  . ASN A 1 6   ? -3.765  4.986   -5.914  1.00 5.67  ? 29  ASN A CB  1 
ATOM   47   C CG  . ASN A 1 6   ? -3.839  6.315   -6.610  1.00 6.65  ? 29  ASN A CG  1 
ATOM   48   O OD1 . ASN A 1 6   ? -4.814  7.075   -6.485  1.00 8.19  ? 29  ASN A OD1 1 
ATOM   49   N ND2 . ASN A 1 6   ? -2.773  6.633   -7.337  1.00 6.66  ? 29  ASN A ND2 1 
ATOM   50   N N   . VAL A 1 7   ? -5.607  2.814   -4.037  1.00 4.98  ? 30  VAL A N   1 
ATOM   51   C CA  . VAL A 1 7   ? -5.577  1.497   -3.357  1.00 4.95  ? 30  VAL A CA  1 
ATOM   52   C C   . VAL A 1 7   ? -6.044  0.381   -4.296  1.00 5.68  ? 30  VAL A C   1 
ATOM   53   O O   . VAL A 1 7   ? -6.908  0.561   -5.172  1.00 5.01  ? 30  VAL A O   1 
ATOM   54   C CB  . VAL A 1 7   ? -6.446  1.469   -2.094  1.00 6.85  ? 30  VAL A CB  1 
ATOM   55   C CG1 . VAL A 1 7   ? -5.991  2.536   -1.068  1.00 6.03  ? 30  VAL A CG1 1 
ATOM   56   C CG2 . VAL A 1 7   ? -7.929  1.720   -2.439  1.00 7.28  ? 30  VAL A CG2 1 
ATOM   57   N N   . THR A 1 8   ? -5.455  -0.778  -4.089  1.00 4.37  ? 31  THR A N   1 
ATOM   58   C CA  . THR A 1 8   ? -5.789  -1.979  -4.863  1.00 4.41  ? 31  THR A CA  1 
ATOM   59   C C   . THR A 1 8   ? -6.782  -2.916  -4.182  1.00 4.41  ? 31  THR A C   1 
ATOM   60   O O   . THR A 1 8   ? -7.142  -2.750  -3.031  1.00 4.62  ? 31  THR A O   1 
ATOM   61   C CB  . THR A 1 8   ? -4.537  -2.836  -5.189  1.00 4.00  ? 31  THR A CB  1 
ATOM   62   O OG1 . THR A 1 8   ? -4.004  -3.438  -3.982  1.00 3.90  ? 31  THR A OG1 1 
ATOM   63   C CG2 . THR A 1 8   ? -3.462  -1.997  -5.890  1.00 3.98  ? 31  THR A CG2 1 
ATOM   64   N N   . CYS A 1 9   ? -7.217  -3.922  -4.942  1.00 4.54  ? 32  CYS A N   1 
ATOM   65   C CA  . CYS A 1 9   ? -7.861  -5.094  -4.355  1.00 4.55  ? 32  CYS A CA  1 
ATOM   66   C C   . CYS A 1 9   ? -7.000  -5.634  -3.244  1.00 4.92  ? 32  CYS A C   1 
ATOM   67   O O   . CYS A 1 9   ? -5.763  -5.462  -3.285  1.00 5.54  ? 32  CYS A O   1 
ATOM   68   C CB  . CYS A 1 9   ? -7.855  -6.198  -5.405  1.00 4.53  ? 32  CYS A CB  1 
ATOM   69   S SG  . CYS A 1 9   ? -8.824  -5.831  -6.887  1.00 7.75  ? 32  CYS A SG  1 
ATOM   70   N N   . ARG A 1 10  ? -7.627  -6.359  -2.307  1.00 3.92  ? 33  ARG A N   1 
ATOM   71   C CA  . ARG A 1 10  ? -6.897  -7.062  -1.260  1.00 5.76  ? 33  ARG A CA  1 
ATOM   72   C C   . ARG A 1 10  ? -6.780  -8.507  -1.662  1.00 5.27  ? 33  ARG A C   1 
ATOM   73   O O   . ARG A 1 10  ? -7.723  -9.094  -2.208  1.00 5.71  ? 33  ARG A O   1 
ATOM   74   C CB  . ARG A 1 10  ? -7.623  -6.987  0.098   1.00 4.90  ? 33  ARG A CB  1 
ATOM   75   C CG  . ARG A 1 10  ? -7.329  -5.650  0.885   1.00 5.67  ? 33  ARG A CG  1 
ATOM   76   C CD  . ARG A 1 10  ? -7.862  -4.374  0.188   1.00 3.12  ? 33  ARG A CD  1 
ATOM   77   N NE  . ARG A 1 10  ? -9.328  -4.469  0.191   1.00 5.05  ? 33  ARG A NE  1 
ATOM   78   C CZ  . ARG A 1 10  ? -10.151 -4.051  -0.767  1.00 8.29  ? 33  ARG A CZ  1 
ATOM   79   N NH1 . ARG A 1 10  ? -11.453 -4.277  -0.579  1.00 6.19  ? 33  ARG A NH1 1 
ATOM   80   N NH2 . ARG A 1 10  ? -9.710  -3.397  -1.852  1.00 7.44  ? 33  ARG A NH2 1 
ATOM   81   N N   . TYR A 1 11  ? -5.625  -9.094  -1.383  1.00 4.38  ? 34  TYR A N   1 
ATOM   82   C CA  . TYR A 1 11  ? -5.415  -10.507 -1.593  1.00 4.91  ? 34  TYR A CA  1 
ATOM   83   C C   . TYR A 1 11  ? -4.910  -11.093 -0.309  1.00 4.52  ? 34  TYR A C   1 
ATOM   84   O O   . TYR A 1 11  ? -3.854  -10.732 0.125   1.00 5.41  ? 34  TYR A O   1 
ATOM   85   C CB  . TYR A 1 11  ? -4.349  -10.668 -2.697  1.00 3.24  ? 34  TYR A CB  1 
ATOM   86   C CG  . TYR A 1 11  ? -4.893  -10.321 -4.031  1.00 6.50  ? 34  TYR A CG  1 
ATOM   87   C CD1 . TYR A 1 11  ? -5.509  -11.304 -4.811  1.00 7.27  ? 34  TYR A CD1 1 
ATOM   88   C CD2 . TYR A 1 11  ? -4.833  -9.015  -4.508  1.00 8.54  ? 34  TYR A CD2 1 
ATOM   89   C CE1 . TYR A 1 11  ? -6.008  -11.001 -6.039  1.00 10.84 ? 34  TYR A CE1 1 
ATOM   90   C CE2 . TYR A 1 11  ? -5.364  -8.699  -5.767  1.00 12.55 ? 34  TYR A CE2 1 
ATOM   91   C CZ  . TYR A 1 11  ? -5.940  -9.711  -6.513  1.00 11.03 ? 34  TYR A CZ  1 
ATOM   92   O OH  . TYR A 1 11  ? -6.505  -9.475  -7.759  1.00 17.31 ? 34  TYR A OH  1 
ATOM   93   N N   . ALA A 1 12  ? -5.701  -11.979 0.329   1.00 4.75  ? 35  ALA A N   1 
ATOM   94   C CA  . ALA A 1 12  ? -5.373  -12.455 1.665   1.00 4.52  ? 35  ALA A CA  1 
ATOM   95   C C   . ALA A 1 12  ? -5.027  -11.285 2.597   1.00 4.89  ? 35  ALA A C   1 
ATOM   96   O O   . ALA A 1 12  ? -4.089  -11.369 3.383   1.00 5.09  ? 35  ALA A O   1 
ATOM   97   C CB  . ALA A 1 12  ? -4.243  -13.521 1.616   1.00 5.39  ? 35  ALA A CB  1 
ATOM   98   N N   . GLY A 1 13  ? -5.785  -10.188 2.477   1.00 3.62  ? 36  GLY A N   1 
ATOM   99   C CA  . GLY A 1 13  ? -5.576  -9.063  3.408   1.00 4.00  ? 36  GLY A CA  1 
ATOM   100  C C   . GLY A 1 13  ? -4.553  -8.040  2.940   1.00 4.68  ? 36  GLY A C   1 
ATOM   101  O O   . GLY A 1 13  ? -4.495  -6.936  3.485   1.00 5.30  ? 36  GLY A O   1 
ATOM   102  N N   . VAL A 1 14  ? -3.729  -8.414  1.967   1.00 4.65  ? 37  VAL A N   1 
ATOM   103  C CA  . VAL A 1 14  ? -2.629  -7.561  1.495   1.00 3.98  ? 37  VAL A CA  1 
ATOM   104  C C   . VAL A 1 14  ? -3.066  -6.659  0.334   1.00 4.41  ? 37  VAL A C   1 
ATOM   105  O O   . VAL A 1 14  ? -3.682  -7.123  -0.627  1.00 4.91  ? 37  VAL A O   1 
ATOM   106  C CB  . VAL A 1 14  ? -1.413  -8.393  1.008   1.00 5.92  ? 37  VAL A CB  1 
ATOM   107  C CG1 . VAL A 1 14  ? -0.258  -7.491  0.605   1.00 5.35  ? 37  VAL A CG1 1 
ATOM   108  C CG2 . VAL A 1 14  ? -0.943  -9.258  2.139   1.00 4.89  ? 37  VAL A CG2 1 
ATOM   109  N N   . PHE A 1 15  ? -2.721  -5.377  0.423   1.00 4.01  ? 38  PHE A N   1 
ATOM   110  C CA  . PHE A 1 15  ? -3.025  -4.446  -0.681  1.00 5.10  ? 38  PHE A CA  1 
ATOM   111  C C   . PHE A 1 15  ? -1.890  -3.464  -0.884  1.00 4.81  ? 38  PHE A C   1 
ATOM   112  O O   . PHE A 1 15  ? -1.025  -3.327  -0.026  1.00 5.17  ? 38  PHE A O   1 
ATOM   113  C CB  . PHE A 1 15  ? -4.364  -3.691  -0.502  1.00 5.95  ? 38  PHE A CB  1 
ATOM   114  C CG  . PHE A 1 15  ? -4.489  -2.898  0.781   1.00 6.79  ? 38  PHE A CG  1 
ATOM   115  C CD1 . PHE A 1 15  ? -4.531  -1.486  0.744   1.00 4.71  ? 38  PHE A CD1 1 
ATOM   116  C CD2 . PHE A 1 15  ? -4.605  -3.550  2.017   1.00 5.45  ? 38  PHE A CD2 1 
ATOM   117  C CE1 . PHE A 1 15  ? -4.730  -0.745  1.908   1.00 5.44  ? 38  PHE A CE1 1 
ATOM   118  C CE2 . PHE A 1 15  ? -4.742  -2.814  3.205   1.00 5.32  ? 38  PHE A CE2 1 
ATOM   119  C CZ  . PHE A 1 15  ? -4.788  -1.392  3.142   1.00 6.05  ? 38  PHE A CZ  1 
ATOM   120  N N   . HIS A 1 16  ? -1.929  -2.804  -2.042  1.00 4.25  ? 39  HIS A N   1 
ATOM   121  C CA  . HIS A 1 16  ? -0.922  -1.777  -2.444  1.00 4.48  ? 39  HIS A CA  1 
ATOM   122  C C   . HIS A 1 16  ? -1.526  -0.361  -2.336  1.00 4.87  ? 39  HIS A C   1 
ATOM   123  O O   . HIS A 1 16  ? -2.681  -0.165  -2.732  1.00 4.76  ? 39  HIS A O   1 
ATOM   124  C CB  . HIS A 1 16  ? -0.492  -2.101  -3.897  1.00 4.75  ? 39  HIS A CB  1 
ATOM   125  C CG  . HIS A 1 16  ? 0.356   -1.061  -4.552  1.00 4.54  ? 39  HIS A CG  1 
ATOM   126  N ND1 . HIS A 1 16  ? -0.005  -0.445  -5.738  1.00 6.01  ? 39  HIS A ND1 1 
ATOM   127  C CD2 . HIS A 1 16  ? 1.561   -0.537  -4.205  1.00 6.13  ? 39  HIS A CD2 1 
ATOM   128  C CE1 . HIS A 1 16  ? 0.936   0.416   -6.088  1.00 4.72  ? 39  HIS A CE1 1 
ATOM   129  N NE2 . HIS A 1 16  ? 1.901   0.370   -5.180  1.00 5.37  ? 39  HIS A NE2 1 
ATOM   130  N N   . VAL A 1 17  ? -0.759  0.615   -1.811  1.00 5.41  ? 40  VAL A N   1 
ATOM   131  C CA  . VAL A 1 17  ? -1.213  2.002   -1.687  1.00 5.43  ? 40  VAL A CA  1 
ATOM   132  C C   . VAL A 1 17  ? -0.155  2.890   -2.347  1.00 5.28  ? 40  VAL A C   1 
ATOM   133  O O   . VAL A 1 17  ? 1.039   2.792   -2.013  1.00 5.55  ? 40  VAL A O   1 
ATOM   134  C CB  . VAL A 1 17  ? -1.360  2.424   -0.195  1.00 5.89  ? 40  VAL A CB  1 
ATOM   135  C CG1 . VAL A 1 17  ? -1.999  3.871   -0.080  1.00 4.59  ? 40  VAL A CG1 1 
ATOM   136  C CG2 . VAL A 1 17  ? -2.188  1.394   0.613   1.00 5.71  ? 40  VAL A CG2 1 
ATOM   137  N N   . GLU A 1 18  ? -0.587  3.776   -3.255  1.00 5.98  ? 41  GLU A N   1 
ATOM   138  C CA  . GLU A 1 18  ? 0.298   4.820   -3.827  1.00 6.44  ? 41  GLU A CA  1 
ATOM   139  C C   . GLU A 1 18  ? -0.166  6.143   -3.333  1.00 6.31  ? 41  GLU A C   1 
ATOM   140  O O   . GLU A 1 18  ? -1.379  6.416   -3.401  1.00 8.44  ? 41  GLU A O   1 
ATOM   141  C CB  . GLU A 1 18  ? 0.217   4.910   -5.366  1.00 7.45  ? 41  GLU A CB  1 
ATOM   142  C CG  . GLU A 1 18  ? 0.592   3.688   -6.119  1.00 7.95  ? 41  GLU A CG  1 
ATOM   143  C CD  . GLU A 1 18  ? 0.226   3.774   -7.586  1.00 9.85  ? 41  GLU A CD  1 
ATOM   144  O OE1 . GLU A 1 18  ? -0.625  4.629   -7.991  1.00 8.81  ? 41  GLU A OE1 1 
ATOM   145  O OE2 . GLU A 1 18  ? 0.748   2.925   -8.322  1.00 10.74 ? 41  GLU A OE2 1 
ATOM   146  N N   . LYS A 1 19  ? 0.756   6.960   -2.830  1.00 5.30  ? 42  LYS A N   1 
ATOM   147  C CA  . LYS A 1 19  ? 0.386   8.316   -2.397  1.00 5.67  ? 42  LYS A CA  1 
ATOM   148  C C   . LYS A 1 19  ? 0.534   9.204   -3.636  1.00 6.64  ? 42  LYS A C   1 
ATOM   149  O O   . LYS A 1 19  ? 1.606   9.257   -4.212  1.00 5.91  ? 42  LYS A O   1 
ATOM   150  C CB  . LYS A 1 19  ? 1.301   8.769   -1.258  1.00 5.31  ? 42  LYS A CB  1 
ATOM   151  C CG  . LYS A 1 19  ? 1.000   10.193  -0.833  1.00 9.42  ? 42  LYS A CG  1 
ATOM   152  C CD  . LYS A 1 19  ? 1.935   10.587  0.274   1.00 12.48 ? 42  LYS A CD  1 
ATOM   153  C CE  . LYS A 1 19  ? 1.656   11.984  0.758   1.00 18.05 ? 42  LYS A CE  1 
ATOM   154  N NZ  . LYS A 1 19  ? 2.758   12.385  1.696   1.00 19.20 ? 42  LYS A NZ  1 
ATOM   155  N N   . ASN A 1 20  ? -0.566  9.819   -4.082  1.00 6.77  ? 43  ASN A N   1 
ATOM   156  C CA  . ASN A 1 20  ? -0.568  10.717  -5.249  1.00 7.63  ? 43  ASN A CA  1 
ATOM   157  C C   . ASN A 1 20  ? -0.035  10.061  -6.518  1.00 8.58  ? 43  ASN A C   1 
ATOM   158  O O   . ASN A 1 20  ? 0.410   10.734  -7.444  1.00 9.87  ? 43  ASN A O   1 
ATOM   159  C CB  . ASN A 1 20  ? 0.194   12.019  -4.896  1.00 8.26  ? 43  ASN A CB  1 
ATOM   160  C CG  . ASN A 1 20  ? -0.497  12.818  -3.791  1.00 9.98  ? 43  ASN A CG  1 
ATOM   161  O OD1 . ASN A 1 20  ? -1.738  12.896  -3.755  1.00 8.66  ? 43  ASN A OD1 1 
ATOM   162  N ND2 . ASN A 1 20  ? 0.297   13.431  -2.896  1.00 8.46  ? 43  ASN A ND2 1 
ATOM   163  N N   . GLY A 1 21  ? -0.102  8.738   -6.577  1.00 9.31  ? 44  GLY A N   1 
ATOM   164  C CA  . GLY A 1 21  ? 0.286   8.049   -7.780  1.00 8.42  ? 44  GLY A CA  1 
ATOM   165  C C   . GLY A 1 21  ? 1.757   8.220   -8.154  1.00 8.78  ? 44  GLY A C   1 
ATOM   166  O O   . GLY A 1 21  ? 2.099   8.112   -9.336  1.00 8.53  ? 44  GLY A O   1 
ATOM   167  N N   A ARG A 1 22  ? 2.624   8.486   -7.175  0.50 8.11  ? 45  ARG A N   1 
ATOM   168  N N   B ARG A 1 22  ? 2.620   8.461   -7.167  0.50 8.27  ? 45  ARG A N   1 
ATOM   169  C CA  A ARG A 1 22  ? 4.048   8.690   -7.419  0.50 8.16  ? 45  ARG A CA  1 
ATOM   170  C CA  B ARG A 1 22  ? 4.039   8.640   -7.406  0.50 8.49  ? 45  ARG A CA  1 
ATOM   171  C C   A ARG A 1 22  ? 4.837   8.232   -6.192  0.50 7.60  ? 45  ARG A C   1 
ATOM   172  C C   B ARG A 1 22  ? 4.804   8.142   -6.189  0.50 7.76  ? 45  ARG A C   1 
ATOM   173  O O   A ARG A 1 22  ? 4.365   8.385   -5.068  0.50 6.77  ? 45  ARG A O   1 
ATOM   174  O O   B ARG A 1 22  ? 4.293   8.194   -5.068  0.50 7.05  ? 45  ARG A O   1 
ATOM   175  C CB  A ARG A 1 22  ? 4.339   10.162  -7.750  0.50 9.26  ? 45  ARG A CB  1 
ATOM   176  C CB  B ARG A 1 22  ? 4.354   10.111  -7.676  0.50 9.68  ? 45  ARG A CB  1 
ATOM   177  C CG  A ARG A 1 22  ? 3.814   11.171  -6.736  0.50 10.21 ? 45  ARG A CG  1 
ATOM   178  C CG  B ARG A 1 22  ? 4.515   10.963  -6.436  0.50 11.58 ? 45  ARG A CG  1 
ATOM   179  C CD  A ARG A 1 22  ? 4.233   12.603  -7.100  0.50 14.41 ? 45  ARG A CD  1 
ATOM   180  C CD  B ARG A 1 22  ? 4.943   12.390  -6.833  0.50 17.10 ? 45  ARG A CD  1 
ATOM   181  N NE  A ARG A 1 22  ? 4.055   13.530  -5.980  0.50 14.10 ? 45  ARG A NE  1 
ATOM   182  N NE  B ARG A 1 22  ? 5.894   12.419  -7.946  0.50 18.06 ? 45  ARG A NE  1 
ATOM   183  C CZ  A ARG A 1 22  ? 3.052   14.398  -5.890  0.50 15.24 ? 45  ARG A CZ  1 
ATOM   184  C CZ  B ARG A 1 22  ? 7.214   12.334  -7.804  0.50 20.66 ? 45  ARG A CZ  1 
ATOM   185  N NH1 A ARG A 1 22  ? 2.953   15.207  -4.841  0.50 17.59 ? 45  ARG A NH1 1 
ATOM   186  N NH1 B ARG A 1 22  ? 8.014   12.382  -8.871  0.50 18.66 ? 45  ARG A NH1 1 
ATOM   187  N NH2 A ARG A 1 22  ? 2.139   14.454  -6.854  0.50 14.81 ? 45  ARG A NH2 1 
ATOM   188  N NH2 B ARG A 1 22  ? 7.739   12.195  -6.591  0.50 20.85 ? 45  ARG A NH2 1 
ATOM   189  N N   . TYR A 1 23  ? 6.025   7.668   -6.411  1.00 6.49  ? 46  TYR A N   1 
ATOM   190  C CA  . TYR A 1 23  ? 6.850   7.169   -5.295  1.00 6.18  ? 46  TYR A CA  1 
ATOM   191  C C   . TYR A 1 23  ? 7.170   8.294   -4.349  1.00 5.73  ? 46  TYR A C   1 
ATOM   192  O O   . TYR A 1 23  ? 7.843   9.254   -4.751  1.00 7.06  ? 46  TYR A O   1 
ATOM   193  C CB  . TYR A 1 23  ? 8.148   6.577   -5.840  1.00 3.99  ? 46  TYR A CB  1 
ATOM   194  C CG  . TYR A 1 23  ? 8.013   5.261   -6.571  1.00 5.57  ? 46  TYR A CG  1 
ATOM   195  C CD1 . TYR A 1 23  ? 7.381   4.152   -5.986  1.00 3.75  ? 46  TYR A CD1 1 
ATOM   196  C CD2 . TYR A 1 23  ? 8.598   5.097   -7.801  1.00 5.88  ? 46  TYR A CD2 1 
ATOM   197  C CE1 . TYR A 1 23  ? 7.299   2.923   -6.703  1.00 3.87  ? 46  TYR A CE1 1 
ATOM   198  C CE2 . TYR A 1 23  ? 8.527   3.905   -8.492  1.00 3.55  ? 46  TYR A CE2 1 
ATOM   199  C CZ  . TYR A 1 23  ? 7.886   2.811   -7.914  1.00 3.75  ? 46  TYR A CZ  1 
ATOM   200  O OH  . TYR A 1 23  ? 7.824   1.620   -8.598  1.00 5.64  ? 46  TYR A OH  1 
ATOM   201  N N   . SER A 1 24  ? 6.667   8.234   -3.117  1.00 5.42  ? 47  SER A N   1 
ATOM   202  C CA  . SER A 1 24  ? 6.682   9.451   -2.279  1.00 6.15  ? 47  SER A CA  1 
ATOM   203  C C   . SER A 1 24  ? 6.425   9.184   -0.801  1.00 7.57  ? 47  SER A C   1 
ATOM   204  O O   . SER A 1 24  ? 6.180   10.134  -0.021  1.00 7.13  ? 47  SER A O   1 
ATOM   205  C CB  . SER A 1 24  ? 5.649   10.477  -2.830  1.00 6.88  ? 47  SER A CB  1 
ATOM   206  O OG  . SER A 1 24  ? 4.299   9.977   -2.757  1.00 7.90  ? 47  SER A OG  1 
ATOM   207  N N   . ILE A 1 25  ? 6.521   7.910   -0.416  1.00 7.46  ? 48  ILE A N   1 
ATOM   208  C CA  . ILE A 1 25  ? 6.250   7.481   0.955   1.00 7.46  ? 48  ILE A CA  1 
ATOM   209  C C   . ILE A 1 25  ? 7.537   6.970   1.600   1.00 6.98  ? 48  ILE A C   1 
ATOM   210  O O   . ILE A 1 25  ? 8.194   6.068   1.100   1.00 5.97  ? 48  ILE A O   1 
ATOM   211  C CB  . ILE A 1 25  ? 5.166   6.372   1.051   1.00 7.33  ? 48  ILE A CB  1 
ATOM   212  C CG1 . ILE A 1 25  ? 3.868   6.747   0.299   1.00 5.74  ? 48  ILE A CG1 1 
ATOM   213  C CG2 . ILE A 1 25  ? 4.860   6.118   2.546   1.00 8.72  ? 48  ILE A CG2 1 
ATOM   214  C CD1 . ILE A 1 25  ? 2.795   5.558   0.145   1.00 4.03  ? 48  ILE A CD1 1 
ATOM   215  N N   . SER A 1 26  ? 7.886   7.537   2.736   1.00 6.78  ? 49  SER A N   1 
ATOM   216  C CA  . SER A 1 26  ? 9.058   7.044   3.470   1.00 7.49  ? 49  SER A CA  1 
ATOM   217  C C   . SER A 1 26  ? 8.694   5.834   4.304   1.00 8.32  ? 49  SER A C   1 
ATOM   218  O O   . SER A 1 26  ? 7.527   5.525   4.504   1.00 8.11  ? 49  SER A O   1 
ATOM   219  C CB  . SER A 1 26  ? 9.566   8.133   4.383   1.00 7.92  ? 49  SER A CB  1 
ATOM   220  O OG  . SER A 1 26  ? 8.664   8.347   5.459   1.00 10.80 ? 49  SER A OG  1 
ATOM   221  N N   . ARG A 1 27  ? 9.700   5.163   4.827   1.00 7.33  ? 50  ARG A N   1 
ATOM   222  C CA  . ARG A 1 27  ? 9.445   3.990   5.650   1.00 8.29  ? 50  ARG A CA  1 
ATOM   223  C C   . ARG A 1 27  ? 8.633   4.354   6.914   1.00 9.34  ? 50  ARG A C   1 
ATOM   224  O O   . ARG A 1 27  ? 7.707   3.637   7.281   1.00 10.26 ? 50  ARG A O   1 
ATOM   225  C CB  . ARG A 1 27  ? 10.779  3.348   6.010   1.00 9.81  ? 50  ARG A CB  1 
ATOM   226  C CG  . ARG A 1 27  ? 10.675  2.152   6.932   1.00 11.65 ? 50  ARG A CG  1 
ATOM   227  C CD  . ARG A 1 27  ? 9.746   1.051   6.445   1.00 19.12 ? 50  ARG A CD  1 
ATOM   228  N NE  . ARG A 1 27  ? 9.730   -0.103  7.363   1.00 24.32 ? 50  ARG A NE  1 
ATOM   229  C CZ  . ARG A 1 27  ? 9.082   -0.124  8.534   1.00 25.20 ? 50  ARG A CZ  1 
ATOM   230  N NH1 . ARG A 1 27  ? 8.399   0.940   8.948   1.00 24.00 ? 50  ARG A NH1 1 
ATOM   231  N NH2 . ARG A 1 27  ? 9.119   -1.202  9.312   1.00 22.19 ? 50  ARG A NH2 1 
ATOM   232  N N   . THR A 1 28  ? 8.919   5.495   7.538   1.00 8.87  ? 51  THR A N   1 
ATOM   233  C CA  . THR A 1 28  ? 8.107   5.889   8.691   1.00 10.13 ? 51  THR A CA  1 
ATOM   234  C C   . THR A 1 28  ? 6.658   6.237   8.292   1.00 9.68  ? 51  THR A C   1 
ATOM   235  O O   . THR A 1 28  ? 5.715   5.877   8.996   1.00 10.35 ? 51  THR A O   1 
ATOM   236  C CB  . THR A 1 28  ? 8.748   7.037   9.484   1.00 9.85  ? 51  THR A CB  1 
ATOM   237  O OG1 . THR A 1 28  ? 9.036   8.131   8.589   1.00 12.93 ? 51  THR A OG1 1 
ATOM   238  C CG2 . THR A 1 28  ? 10.019  6.545   10.107  1.00 12.28 ? 51  THR A CG2 1 
ATOM   239  N N   . GLU A 1 29  ? 6.491   6.915   7.162   1.00 8.15  ? 52  GLU A N   1 
ATOM   240  C CA  . GLU A 1 29  ? 5.152   7.269   6.701   1.00 8.05  ? 52  GLU A CA  1 
ATOM   241  C C   . GLU A 1 29  ? 4.340   6.021   6.345   1.00 9.07  ? 52  GLU A C   1 
ATOM   242  O O   . GLU A 1 29  ? 3.127   5.970   6.552   1.00 8.83  ? 52  GLU A O   1 
ATOM   243  C CB  . GLU A 1 29  ? 5.205   8.228   5.510   1.00 8.03  ? 52  GLU A CB  1 
ATOM   244  C CG  . GLU A 1 29  ? 3.831   8.675   5.083   1.00 10.60 ? 52  GLU A CG  1 
ATOM   245  C CD  . GLU A 1 29  ? 3.863   9.763   4.048   1.00 12.92 ? 52  GLU A CD  1 
ATOM   246  O OE1 . GLU A 1 29  ? 4.984   10.171  3.676   1.00 22.85 ? 52  GLU A OE1 1 
ATOM   247  O OE2 . GLU A 1 29  ? 2.801   10.196  3.571   1.00 13.90 ? 52  GLU A OE2 1 
ATOM   248  N N   . ALA A 1 30  ? 5.026   5.029   5.784   1.00 7.66  ? 53  ALA A N   1 
ATOM   249  C CA  . ALA A 1 30  ? 4.365   3.790   5.368   1.00 7.75  ? 53  ALA A CA  1 
ATOM   250  C C   . ALA A 1 30  ? 3.703   3.111   6.561   1.00 5.58  ? 53  ALA A C   1 
ATOM   251  O O   . ALA A 1 30  ? 2.539   2.716   6.470   1.00 4.48  ? 53  ALA A O   1 
ATOM   252  C CB  . ALA A 1 30  ? 5.354   2.833   4.696   1.00 6.89  ? 53  ALA A CB  1 
ATOM   253  N N   . ALA A 1 31  ? 4.437   2.952   7.672   1.00 7.34  ? 54  ALA A N   1 
ATOM   254  C CA  . ALA A 1 31  ? 3.873   2.355   8.864   1.00 7.74  ? 54  ALA A CA  1 
ATOM   255  C C   . ALA A 1 31  ? 2.663   3.135   9.345   1.00 8.14  ? 54  ALA A C   1 
ATOM   256  O O   . ALA A 1 31  ? 1.648   2.543   9.753   1.00 8.03  ? 54  ALA A O   1 
ATOM   257  C CB  . ALA A 1 31  ? 4.914   2.276   9.953   1.00 8.01  ? 54  ALA A CB  1 
ATOM   258  N N   . ASP A 1 32  ? 2.757   4.467   9.301   1.00 8.73  ? 55  ASP A N   1 
ATOM   259  C CA  . ASP A 1 32  ? 1.642   5.333   9.729   1.00 8.24  ? 55  ASP A CA  1 
ATOM   260  C C   . ASP A 1 32  ? 0.434   5.221   8.810   1.00 8.13  ? 55  ASP A C   1 
ATOM   261  O O   . ASP A 1 32  ? -0.732  5.230   9.262   1.00 6.43  ? 55  ASP A O   1 
ATOM   262  C CB  . ASP A 1 32  ? 2.102   6.797   9.843   1.00 9.30  ? 55  ASP A CB  1 
ATOM   263  C CG  . ASP A 1 32  ? 2.978   7.043   11.058  1.00 9.86  ? 55  ASP A CG  1 
ATOM   264  O OD1 . ASP A 1 32  ? 3.084   6.175   11.942  1.00 13.70 ? 55  ASP A OD1 1 
ATOM   265  O OD2 . ASP A 1 32  ? 3.553   8.143   11.124  1.00 12.72 ? 55  ASP A OD2 1 
ATOM   266  N N   . LEU A 1 33  ? 0.715   5.135   7.508   1.00 7.56  ? 56  LEU A N   1 
ATOM   267  C CA  . LEU A 1 33  ? -0.330  4.971   6.521   1.00 7.87  ? 56  LEU A CA  1 
ATOM   268  C C   . LEU A 1 33  ? -1.047  3.651   6.734   1.00 7.64  ? 56  LEU A C   1 
ATOM   269  O O   . LEU A 1 33  ? -2.261  3.626   6.778   1.00 7.15  ? 56  LEU A O   1 
ATOM   270  C CB  . LEU A 1 33  ? 0.286   4.993   5.127   1.00 6.67  ? 56  LEU A CB  1 
ATOM   271  C CG  . LEU A 1 33  ? -0.690  5.089   3.958   1.00 10.94 ? 56  LEU A CG  1 
ATOM   272  C CD1 . LEU A 1 33  ? -1.832  6.039   4.264   1.00 12.55 ? 56  LEU A CD1 1 
ATOM   273  C CD2 . LEU A 1 33  ? 0.070   5.519   2.689   1.00 9.78  ? 56  LEU A CD2 1 
ATOM   274  N N   . CYS A 1 34  ? -0.312  2.543   6.860   1.00 7.56  ? 57  CYS A N   1 
ATOM   275  C CA  . CYS A 1 34  ? -0.986  1.263   7.128   1.00 6.96  ? 57  CYS A CA  1 
ATOM   276  C C   . CYS A 1 34  ? -1.804  1.332   8.396   1.00 8.07  ? 57  CYS A C   1 
ATOM   277  O O   . CYS A 1 34  ? -2.936  0.856   8.405   1.00 8.77  ? 57  CYS A O   1 
ATOM   278  C CB  . CYS A 1 34  ? -0.031  0.063   7.174   1.00 7.76  ? 57  CYS A CB  1 
ATOM   279  S SG  . CYS A 1 34  ? 0.760   -0.199  5.569   1.00 6.62  ? 57  CYS A SG  1 
ATOM   280  N N   . GLN A 1 35  ? -1.229  1.940   9.444   1.00 8.46  ? 58  GLN A N   1 
ATOM   281  C CA  . GLN A 1 35  ? -1.970  2.126   10.699  1.00 9.12  ? 58  GLN A CA  1 
ATOM   282  C C   . GLN A 1 35  ? -3.357  2.812   10.544  1.00 8.33  ? 58  GLN A C   1 
ATOM   283  O O   . GLN A 1 35  ? -4.353  2.415   11.183  1.00 8.20  ? 58  GLN A O   1 
ATOM   284  C CB  . GLN A 1 35  ? -1.101  2.849   11.730  1.00 9.70  ? 58  GLN A CB  1 
ATOM   285  C CG  . GLN A 1 35  ? -1.872  3.270   12.959  1.00 14.19 ? 58  GLN A CG  1 
ATOM   286  C CD  . GLN A 1 35  ? -2.254  2.085   13.809  1.00 21.95 ? 58  GLN A CD  1 
ATOM   287  O OE1 . GLN A 1 35  ? -1.773  0.965   13.590  1.00 26.60 ? 58  GLN A OE1 1 
ATOM   288  N NE2 . GLN A 1 35  ? -3.131  2.310   14.784  1.00 26.16 ? 58  GLN A NE2 1 
ATOM   289  N N   . ALA A 1 36  ? -3.414  3.830   9.690   1.00 7.91  ? 59  ALA A N   1 
ATOM   290  C CA  . ALA A 1 36  ? -4.643  4.536   9.392   1.00 8.25  ? 59  ALA A CA  1 
ATOM   291  C C   . ALA A 1 36  ? -5.691  3.665   8.717   1.00 7.65  ? 59  ALA A C   1 
ATOM   292  O O   . ALA A 1 36  ? -6.893  3.960   8.811   1.00 9.39  ? 59  ALA A O   1 
ATOM   293  C CB  . ALA A 1 36  ? -4.339  5.749   8.524   1.00 9.05  ? 59  ALA A CB  1 
ATOM   294  N N   . PHE A 1 37  ? -5.233  2.612   8.022   1.00 6.58  ? 60  PHE A N   1 
ATOM   295  C CA  . PHE A 1 37  ? -6.089  1.615   7.424   1.00 6.95  ? 60  PHE A CA  1 
ATOM   296  C C   . PHE A 1 37  ? -6.380  0.461   8.372   1.00 7.53  ? 60  PHE A C   1 
ATOM   297  O O   . PHE A 1 37  ? -6.869  -0.566  7.934   1.00 8.35  ? 60  PHE A O   1 
ATOM   298  C CB  . PHE A 1 37  ? -5.424  1.008   6.174   1.00 5.51  ? 60  PHE A CB  1 
ATOM   299  C CG  . PHE A 1 37  ? -5.579  1.858   4.943   1.00 6.37  ? 60  PHE A CG  1 
ATOM   300  C CD1 . PHE A 1 37  ? -6.819  2.000   4.335   1.00 8.65  ? 60  PHE A CD1 1 
ATOM   301  C CD2 . PHE A 1 37  ? -4.463  2.502   4.405   1.00 5.16  ? 60  PHE A CD2 1 
ATOM   302  C CE1 . PHE A 1 37  ? -6.973  2.797   3.183   1.00 8.20  ? 60  PHE A CE1 1 
ATOM   303  C CE2 . PHE A 1 37  ? -4.584  3.293   3.254   1.00 6.73  ? 60  PHE A CE2 1 
ATOM   304  C CZ  . PHE A 1 37  ? -5.843  3.445   2.644   1.00 8.73  ? 60  PHE A CZ  1 
ATOM   305  N N   A ASN A 1 38  ? -6.057  0.623   9.659   0.50 7.66  ? 61  ASN A N   1 
ATOM   306  N N   B ASN A 1 38  ? -6.085  0.644   9.656   0.50 7.88  ? 61  ASN A N   1 
ATOM   307  C CA  A ASN A 1 38  ? -6.187  -0.457  10.660  0.50 8.39  ? 61  ASN A CA  1 
ATOM   308  C CA  B ASN A 1 38  ? -6.184  -0.437  10.636  0.50 8.77  ? 61  ASN A CA  1 
ATOM   309  C C   A ASN A 1 38  ? -5.380  -1.688  10.235  0.50 8.68  ? 61  ASN A C   1 
ATOM   310  C C   B ASN A 1 38  ? -5.466  -1.657  10.077  0.50 8.90  ? 61  ASN A C   1 
ATOM   311  O O   A ASN A 1 38  ? -5.763  -2.845  10.485  0.50 8.65  ? 61  ASN A O   1 
ATOM   312  O O   B ASN A 1 38  ? -6.006  -2.778  10.071  0.50 8.90  ? 61  ASN A O   1 
ATOM   313  C CB  A ASN A 1 38  ? -7.664  -0.818  10.891  0.50 8.71  ? 61  ASN A CB  1 
ATOM   314  C CB  B ASN A 1 38  ? -7.644  -0.786  10.938  0.50 9.36  ? 61  ASN A CB  1 
ATOM   315  C CG  A ASN A 1 38  ? -8.338  0.102   11.890  0.50 10.35 ? 61  ASN A CG  1 
ATOM   316  C CG  B ASN A 1 38  ? -7.776  -1.677  12.147  0.50 11.64 ? 61  ASN A CG  1 
ATOM   317  O OD1 A ASN A 1 38  ? -9.519  0.430   11.755  0.50 12.00 ? 61  ASN A OD1 1 
ATOM   318  O OD1 B ASN A 1 38  ? -6.961  -1.598  13.069  0.50 15.78 ? 61  ASN A OD1 1 
ATOM   319  N ND2 A ASN A 1 38  ? -7.593  0.516   12.905  0.50 10.78 ? 61  ASN A ND2 1 
ATOM   320  N ND2 B ASN A 1 38  ? -8.800  -2.527  12.160  0.50 13.37 ? 61  ASN A ND2 1 
ATOM   321  N N   . SER A 1 39  ? -4.252  -1.412  9.583   1.00 7.85  ? 62  SER A N   1 
ATOM   322  C CA  . SER A 1 39  ? -3.439  -2.433  8.928   1.00 7.90  ? 62  SER A CA  1 
ATOM   323  C C   . SER A 1 39  ? -1.997  -2.310  9.389   1.00 8.22  ? 62  SER A C   1 
ATOM   324  O O   . SER A 1 39  ? -1.636  -1.331  10.090  1.00 9.39  ? 62  SER A O   1 
ATOM   325  C CB  . SER A 1 39  ? -3.535  -2.246  7.420   1.00 7.52  ? 62  SER A CB  1 
ATOM   326  O OG  . SER A 1 39  ? -4.854  -2.538  6.977   1.00 8.07  ? 62  SER A OG  1 
ATOM   327  N N   . THR A 1 40  ? -1.173  -3.293  9.033   1.00 7.71  ? 63  THR A N   1 
ATOM   328  C CA  . THR A 1 40  ? 0.271   -3.299  9.351   1.00 6.90  ? 63  THR A CA  1 
ATOM   329  C C   . THR A 1 40  ? 1.067   -3.472  8.053   1.00 6.12  ? 63  THR A C   1 
ATOM   330  O O   . THR A 1 40  ? 0.509   -3.893  7.041   1.00 7.06  ? 63  THR A O   1 
ATOM   331  C CB  . THR A 1 40  ? 0.600   -4.474  10.321  1.00 8.03  ? 63  THR A CB  1 
ATOM   332  O OG1 . THR A 1 40  ? 0.041   -5.682  9.814   1.00 7.07  ? 63  THR A OG1 1 
ATOM   333  C CG2 . THR A 1 40  ? -0.034  -4.234  11.659  1.00 9.01  ? 63  THR A CG2 1 
ATOM   334  N N   A LEU A 1 41  ? 2.361   -3.167  8.080   0.50 5.64  ? 64  LEU A N   1 
ATOM   335  N N   B LEU A 1 41  ? 2.361   -3.168  8.071   0.50 5.64  ? 64  LEU A N   1 
ATOM   336  C CA  A LEU A 1 41  ? 3.224   -3.591  6.967   0.50 6.29  ? 64  LEU A CA  1 
ATOM   337  C CA  B LEU A 1 41  ? 3.199   -3.566  6.926   0.50 6.17  ? 64  LEU A CA  1 
ATOM   338  C C   A LEU A 1 41  ? 3.231   -5.109  6.914   0.50 6.34  ? 64  LEU A C   1 
ATOM   339  C C   B LEU A 1 41  ? 3.298   -5.084  6.887   0.50 6.31  ? 64  LEU A C   1 
ATOM   340  O O   A LEU A 1 41  ? 3.446   -5.761  7.947   0.50 7.33  ? 64  LEU A O   1 
ATOM   341  O O   B LEU A 1 41  ? 3.641   -5.712  7.902   0.50 7.01  ? 64  LEU A O   1 
ATOM   342  C CB  A LEU A 1 41  ? 4.651   -3.094  7.161   0.50 6.26  ? 64  LEU A CB  1 
ATOM   343  C CB  B LEU A 1 41  ? 4.589   -2.946  7.016   0.50 6.44  ? 64  LEU A CB  1 
ATOM   344  C CG  A LEU A 1 41  ? 4.896   -1.606  6.913   0.50 7.79  ? 64  LEU A CG  1 
ATOM   345  C CG  B LEU A 1 41  ? 4.591   -1.426  6.925   0.50 6.84  ? 64  LEU A CG  1 
ATOM   346  C CD1 A LEU A 1 41  ? 4.447   -1.166  5.537   0.50 4.09  ? 64  LEU A CD1 1 
ATOM   347  C CD1 B LEU A 1 41  ? 3.491   -0.906  7.775   0.50 11.56 ? 64  LEU A CD1 1 
ATOM   348  C CD2 A LEU A 1 41  ? 4.247   -0.799  7.966   0.50 9.74  ? 64  LEU A CD2 1 
ATOM   349  C CD2 B LEU A 1 41  ? 5.962   -0.894  7.395   0.50 7.42  ? 64  LEU A CD2 1 
ATOM   350  N N   . PRO A 1 42  ? 3.027   -5.695  5.715   1.00 6.18  ? 65  PRO A N   1 
ATOM   351  C CA  . PRO A 1 42  ? 2.988   -7.168  5.640   1.00 5.94  ? 65  PRO A CA  1 
ATOM   352  C C   . PRO A 1 42  ? 4.324   -7.789  5.913   1.00 6.37  ? 65  PRO A C   1 
ATOM   353  O O   . PRO A 1 42  ? 5.362   -7.208  5.639   1.00 6.56  ? 65  PRO A O   1 
ATOM   354  C CB  . PRO A 1 42  ? 2.591   -7.466  4.195   1.00 6.58  ? 65  PRO A CB  1 
ATOM   355  C CG  . PRO A 1 42  ? 2.032   -6.177  3.663   1.00 5.73  ? 65  PRO A CG  1 
ATOM   356  C CD  . PRO A 1 42  ? 2.636   -5.062  4.458   1.00 6.23  ? 65  PRO A CD  1 
ATOM   357  N N   . THR A 1 43  ? 4.298   -8.998  6.462   1.00 5.92  ? 66  THR A N   1 
ATOM   358  C CA  . THR A 1 43  ? 5.535   -9.786  6.510   1.00 6.12  ? 66  THR A CA  1 
ATOM   359  C C   . THR A 1 43  ? 5.764   -10.404 5.132   1.00 6.10  ? 66  THR A C   1 
ATOM   360  O O   . THR A 1 43  ? 4.848   -10.442 4.330   1.00 5.25  ? 66  THR A O   1 
ATOM   361  C CB  . THR A 1 43  ? 5.485   -10.904 7.558   1.00 6.23  ? 66  THR A CB  1 
ATOM   362  O OG1 . THR A 1 43  ? 4.514   -11.877 7.168   1.00 5.94  ? 66  THR A OG1 1 
ATOM   363  C CG2 . THR A 1 43  ? 5.110   -10.357 8.905   1.00 7.57  ? 66  THR A CG2 1 
ATOM   364  N N   . MET A 1 44  ? 6.975   -10.862 4.862   1.00 5.47  ? 67  MET A N   1 
ATOM   365  C CA  . MET A 1 44  ? 7.254   -11.597 3.637   1.00 6.39  ? 67  MET A CA  1 
ATOM   366  C C   . MET A 1 44  ? 6.327   -12.803 3.441   1.00 6.00  ? 67  MET A C   1 
ATOM   367  O O   . MET A 1 44  ? 5.825   -13.020 2.329   1.00 5.92  ? 67  MET A O   1 
ATOM   368  C CB  . MET A 1 44  ? 8.741   -12.015 3.595   1.00 5.45  ? 67  MET A CB  1 
ATOM   369  C CG  . MET A 1 44  ? 9.097   -12.852 2.358   1.00 9.43  ? 67  MET A CG  1 
ATOM   370  S SD  . MET A 1 44  ? 8.802   -11.964 0.800   1.00 12.45 ? 67  MET A SD  1 
ATOM   371  C CE  . MET A 1 44  ? 10.216  -10.904 0.747   1.00 10.81 ? 67  MET A CE  1 
ATOM   372  N N   . ASP A 1 45  ? 6.085   -13.573 4.508   1.00 6.92  ? 68  ASP A N   1 
ATOM   373  C CA  . ASP A 1 45  ? 5.166   -14.703 4.455   1.00 7.49  ? 68  ASP A CA  1 
ATOM   374  C C   . ASP A 1 45  ? 3.755   -14.282 4.059   1.00 5.45  ? 68  ASP A C   1 
ATOM   375  O O   . ASP A 1 45  ? 3.103   -14.938 3.260   1.00 5.93  ? 68  ASP A O   1 
ATOM   376  C CB  . ASP A 1 45  ? 5.093   -15.401 5.822   1.00 7.72  ? 68  ASP A CB  1 
ATOM   377  C CG  . ASP A 1 45  ? 4.350   -16.753 5.777   1.00 12.67 ? 68  ASP A CG  1 
ATOM   378  O OD1 . ASP A 1 45  ? 4.906   -17.776 5.271   1.00 15.59 ? 68  ASP A OD1 1 
ATOM   379  O OD2 . ASP A 1 45  ? 3.224   -16.822 6.309   1.00 13.94 ? 68  ASP A OD2 1 
ATOM   380  N N   . GLN A 1 46  ? 3.266   -13.201 4.664   1.00 6.08  ? 69  GLN A N   1 
ATOM   381  C CA  . GLN A 1 46  ? 1.939   -12.702 4.313   1.00 5.03  ? 69  GLN A CA  1 
ATOM   382  C C   . GLN A 1 46  ? 1.895   -12.264 2.852   1.00 4.64  ? 69  GLN A C   1 
ATOM   383  O O   . GLN A 1 46  ? 0.915   -12.485 2.153   1.00 3.66  ? 69  GLN A O   1 
ATOM   384  C CB  . GLN A 1 46  ? 1.572   -11.500 5.205   1.00 4.96  ? 69  GLN A CB  1 
ATOM   385  C CG  . GLN A 1 46  ? 1.204   -11.966 6.605   1.00 5.43  ? 69  GLN A CG  1 
ATOM   386  C CD  . GLN A 1 46  ? 1.156   -10.826 7.624   1.00 7.74  ? 69  GLN A CD  1 
ATOM   387  O OE1 . GLN A 1 46  ? 1.747   -9.758  7.426   1.00 6.59  ? 69  GLN A OE1 1 
ATOM   388  N NE2 . GLN A 1 46  ? 0.436   -11.052 8.732   1.00 10.31 ? 69  GLN A NE2 1 
ATOM   389  N N   . MET A 1 47  ? 2.969   -11.638 2.377   1.00 5.28  ? 70  MET A N   1 
ATOM   390  C CA  . MET A 1 47  ? 3.034   -11.230 0.994   1.00 4.89  ? 70  MET A CA  1 
ATOM   391  C C   . MET A 1 47  ? 3.089   -12.441 0.071   1.00 5.70  ? 70  MET A C   1 
ATOM   392  O O   . MET A 1 47  ? 2.445   -12.473 -0.995  1.00 4.13  ? 70  MET A O   1 
ATOM   393  C CB  . MET A 1 47  ? 4.254   -10.302 0.730   1.00 3.84  ? 70  MET A CB  1 
ATOM   394  C CG  . MET A 1 47  ? 4.386   -9.917  -0.765  1.00 4.89  ? 70  MET A CG  1 
ATOM   395  S SD  . MET A 1 47  ? 3.043   -8.909  -1.407  1.00 7.93  ? 70  MET A SD  1 
ATOM   396  C CE  . MET A 1 47  ? 3.358   -7.331  -0.647  1.00 8.60  ? 70  MET A CE  1 
ATOM   397  N N   . LYS A 1 48  ? 3.833   -13.473 0.476   1.00 4.85  ? 71  LYS A N   1 
ATOM   398  C CA  . LYS A 1 48  ? 3.875   -14.643 -0.403  1.00 4.75  ? 71  LYS A CA  1 
ATOM   399  C C   . LYS A 1 48  ? 2.484   -15.311 -0.558  1.00 4.14  ? 71  LYS A C   1 
ATOM   400  O O   . LYS A 1 48  ? 2.157   -15.853 -1.615  1.00 6.32  ? 71  LYS A O   1 
ATOM   401  C CB  . LYS A 1 48  ? 4.912   -15.640 0.124   1.00 6.25  ? 71  LYS A CB  1 
ATOM   402  C CG  . LYS A 1 48  ? 6.350   -15.227 -0.215  1.00 7.04  ? 71  LYS A CG  1 
ATOM   403  C CD  . LYS A 1 48  ? 7.363   -16.136 0.446   1.00 11.15 ? 71  LYS A CD  1 
ATOM   404  C CE  . LYS A 1 48  ? 8.793   -15.718 0.059   1.00 16.70 ? 71  LYS A CE  1 
ATOM   405  N NZ  . LYS A 1 48  ? 9.713   -16.581 0.857   1.00 19.70 ? 71  LYS A NZ  1 
ATOM   406  N N   . LEU A 1 49  ? 1.694   -15.335 0.506   1.00 5.12  ? 72  LEU A N   1 
ATOM   407  C CA  . LEU A 1 49  ? 0.364   -15.919 0.423   1.00 3.78  ? 72  LEU A CA  1 
ATOM   408  C C   . LEU A 1 49  ? -0.516  -15.033 -0.479  1.00 5.06  ? 72  LEU A C   1 
ATOM   409  O O   . LEU A 1 49  ? -1.259  -15.559 -1.268  1.00 5.58  ? 72  LEU A O   1 
ATOM   410  C CB  . LEU A 1 49  ? -0.295  -16.113 1.812   1.00 4.53  ? 72  LEU A CB  1 
ATOM   411  C CG  . LEU A 1 49  ? -1.654  -16.870 1.694   1.00 5.51  ? 72  LEU A CG  1 
ATOM   412  C CD1 . LEU A 1 49  ? -1.432  -18.288 1.187   1.00 11.08 ? 72  LEU A CD1 1 
ATOM   413  C CD2 . LEU A 1 49  ? -2.308  -16.894 3.080   1.00 8.67  ? 72  LEU A CD2 1 
ATOM   414  N N   . ALA A 1 50  ? -0.397  -13.707 -0.367  1.00 4.33  ? 73  ALA A N   1 
ATOM   415  C CA  . ALA A 1 50  ? -1.193  -12.813 -1.223  1.00 4.50  ? 73  ALA A CA  1 
ATOM   416  C C   . ALA A 1 50  ? -0.887  -13.062 -2.679  1.00 4.45  ? 73  ALA A C   1 
ATOM   417  O O   . ALA A 1 50  ? -1.814  -13.181 -3.523  1.00 3.64  ? 73  ALA A O   1 
ATOM   418  C CB  . ALA A 1 50  ? -0.937  -11.368 -0.878  1.00 3.32  ? 73  ALA A CB  1 
ATOM   419  N N   . LEU A 1 51  ? 0.418   -13.165 -2.969  1.00 5.34  ? 74  LEU A N   1 
ATOM   420  C CA  . LEU A 1 51  ? 0.891   -13.500 -4.315  1.00 6.63  ? 74  LEU A CA  1 
ATOM   421  C C   . LEU A 1 51  ? 0.195   -14.771 -4.808  1.00 6.15  ? 74  LEU A C   1 
ATOM   422  O O   . LEU A 1 51  ? -0.322  -14.824 -5.935  1.00 6.68  ? 74  LEU A O   1 
ATOM   423  C CB  . LEU A 1 51  ? 2.411   -13.669 -4.296  1.00 6.23  ? 74  LEU A CB  1 
ATOM   424  C CG  . LEU A 1 51  ? 3.053   -14.167 -5.607  1.00 12.13 ? 74  LEU A CG  1 
ATOM   425  C CD1 . LEU A 1 51  ? 2.954   -13.126 -6.655  1.00 14.25 ? 74  LEU A CD1 1 
ATOM   426  C CD2 . LEU A 1 51  ? 4.507   -14.505 -5.282  1.00 15.68 ? 74  LEU A CD2 1 
ATOM   427  N N   . SER A 1 52  ? 0.143   -15.785 -3.950  1.00 7.22  ? 75  SER A N   1 
ATOM   428  C CA  . SER A 1 52  ? -0.428  -17.060 -4.325  1.00 7.69  ? 75  SER A CA  1 
ATOM   429  C C   . SER A 1 52  ? -1.924  -16.986 -4.658  1.00 8.22  ? 75  SER A C   1 
ATOM   430  O O   . SER A 1 52  ? -2.465  -17.895 -5.366  1.00 9.24  ? 75  SER A O   1 
ATOM   431  C CB  . SER A 1 52  ? -0.115  -18.095 -3.242  1.00 7.83  ? 75  SER A CB  1 
ATOM   432  O OG  . SER A 1 52  ? -1.089  -18.028 -2.220  1.00 10.92 ? 75  SER A OG  1 
ATOM   433  N N   . LYS A 1 53  ? -2.594  -15.941 -4.144  1.00 6.87  ? 76  LYS A N   1 
ATOM   434  C CA  . LYS A 1 53  ? -4.035  -15.692 -4.359  1.00 7.26  ? 76  LYS A CA  1 
ATOM   435  C C   . LYS A 1 53  ? -4.294  -14.804 -5.581  1.00 7.16  ? 76  LYS A C   1 
ATOM   436  O O   . LYS A 1 53  ? -5.453  -14.572 -5.937  1.00 8.52  ? 76  LYS A O   1 
ATOM   437  C CB  . LYS A 1 53  ? -4.678  -15.030 -3.123  1.00 7.08  ? 76  LYS A CB  1 
ATOM   438  C CG  . LYS A 1 53  ? -4.469  -15.804 -1.845  1.00 10.00 ? 76  LYS A CG  1 
ATOM   439  C CD  . LYS A 1 53  ? -5.129  -17.140 -1.877  1.00 13.92 ? 76  LYS A CD  1 
ATOM   440  C CE  . LYS A 1 53  ? -4.970  -17.822 -0.498  1.00 13.96 ? 76  LYS A CE  1 
ATOM   441  N NZ  . LYS A 1 53  ? -5.511  -19.225 -0.456  1.00 17.86 ? 76  LYS A NZ  1 
ATOM   442  N N   . GLY A 1 54  ? -3.234  -14.308 -6.225  1.00 6.51  ? 77  GLY A N   1 
ATOM   443  C CA  . GLY A 1 54  ? -3.440  -13.505 -7.437  1.00 7.36  ? 77  GLY A CA  1 
ATOM   444  C C   . GLY A 1 54  ? -2.922  -12.087 -7.405  1.00 7.34  ? 77  GLY A C   1 
ATOM   445  O O   . GLY A 1 54  ? -3.199  -11.339 -8.341  1.00 8.43  ? 77  GLY A O   1 
ATOM   446  N N   . PHE A 1 55  ? -2.187  -11.711 -6.342  1.00 7.33  ? 78  PHE A N   1 
ATOM   447  C CA  . PHE A 1 55  ? -1.696  -10.337 -6.205  1.00 5.89  ? 78  PHE A CA  1 
ATOM   448  C C   . PHE A 1 55  ? -0.409  -10.123 -6.999  1.00 6.61  ? 78  PHE A C   1 
ATOM   449  O O   . PHE A 1 55  ? 0.566   -10.829 -6.777  1.00 7.77  ? 78  PHE A O   1 
ATOM   450  C CB  . PHE A 1 55  ? -1.428  -10.056 -4.716  1.00 5.29  ? 78  PHE A CB  1 
ATOM   451  C CG  . PHE A 1 55  ? -1.145  -8.610  -4.369  1.00 4.88  ? 78  PHE A CG  1 
ATOM   452  C CD1 . PHE A 1 55  ? -1.846  -7.558  -4.975  1.00 3.58  ? 78  PHE A CD1 1 
ATOM   453  C CD2 . PHE A 1 55  ? -0.188  -8.304  -3.411  1.00 4.85  ? 78  PHE A CD2 1 
ATOM   454  C CE1 . PHE A 1 55  ? -1.630  -6.215  -4.600  1.00 3.64  ? 78  PHE A CE1 1 
ATOM   455  C CE2 . PHE A 1 55  ? 0.064   -6.937  -3.045  1.00 5.70  ? 78  PHE A CE2 1 
ATOM   456  C CZ  . PHE A 1 55  ? -0.674  -5.912  -3.629  1.00 5.53  ? 78  PHE A CZ  1 
ATOM   457  N N   . GLU A 1 56  ? -0.424  -9.137  -7.902  1.00 5.72  ? 79  GLU A N   1 
ATOM   458  C CA  . GLU A 1 56  ? 0.804   -8.608  -8.472  1.00 6.18  ? 79  GLU A CA  1 
ATOM   459  C C   . GLU A 1 56  ? 0.651   -7.114  -8.702  1.00 5.65  ? 79  GLU A C   1 
ATOM   460  O O   . GLU A 1 56  ? -0.475  -6.622  -8.820  1.00 5.88  ? 79  GLU A O   1 
ATOM   461  C CB  . GLU A 1 56  ? 1.230   -9.375  -9.729  1.00 7.70  ? 79  GLU A CB  1 
ATOM   462  C CG  . GLU A 1 56  ? 0.313   -9.158  -10.925 1.00 7.66  ? 79  GLU A CG  1 
ATOM   463  C CD  . GLU A 1 56  ? 0.874   -9.762  -12.213 1.00 9.85  ? 79  GLU A CD  1 
ATOM   464  O OE1 . GLU A 1 56  ? 2.023   -10.300 -12.238 1.00 8.24  ? 79  GLU A OE1 1 
ATOM   465  O OE2 . GLU A 1 56  ? 0.148   -9.663  -13.229 1.00 12.58 ? 79  GLU A OE2 1 
ATOM   466  N N   . THR A 1 57  ? 1.769   -6.408  -8.648  1.00 4.58  ? 80  THR A N   1 
ATOM   467  C CA  . THR A 1 57  ? 1.798   -4.998  -9.079  1.00 4.84  ? 80  THR A CA  1 
ATOM   468  C C   . THR A 1 57  ? 3.024   -4.794  -9.942  1.00 5.48  ? 80  THR A C   1 
ATOM   469  O O   . THR A 1 57  ? 3.846   -5.713  -10.098 1.00 6.12  ? 80  THR A O   1 
ATOM   470  C CB  . THR A 1 57  ? 1.935   -4.049  -7.912  1.00 4.26  ? 80  THR A CB  1 
ATOM   471  O OG1 . THR A 1 57  ? 3.287   -4.070  -7.459  1.00 2.92  ? 80  THR A OG1 1 
ATOM   472  C CG2 . THR A 1 57  ? 1.000   -4.395  -6.716  1.00 5.56  ? 80  THR A CG2 1 
ATOM   473  N N   . CYS A 1 58  ? 3.187   -3.561  -10.439 1.00 5.27  ? 81  CYS A N   1 
ATOM   474  C CA  . CYS A 1 58  ? 4.419   -3.196  -11.140 1.00 6.12  ? 81  CYS A CA  1 
ATOM   475  C C   . CYS A 1 58  ? 5.061   -2.024  -10.413 1.00 7.05  ? 81  CYS A C   1 
ATOM   476  O O   . CYS A 1 58  ? 5.580   -1.079  -11.066 1.00 7.03  ? 81  CYS A O   1 
ATOM   477  C CB  . CYS A 1 58  ? 4.104   -2.795  -12.567 1.00 6.77  ? 81  CYS A CB  1 
ATOM   478  S SG  . CYS A 1 58  ? 5.597   -2.671  -13.581 1.00 8.86  ? 81  CYS A SG  1 
ATOM   479  N N   . ARG A 1 59  ? 4.959   -2.054  -9.080  1.00 5.18  ? 82  ARG A N   1 
ATOM   480  C CA  . ARG A 1 59  ? 5.440   -0.964  -8.221  1.00 5.55  ? 82  ARG A CA  1 
ATOM   481  C C   . ARG A 1 59  ? 6.208   -1.438  -6.964  1.00 4.64  ? 82  ARG A C   1 
ATOM   482  O O   . ARG A 1 59  ? 5.756   -2.345  -6.226  1.00 6.60  ? 82  ARG A O   1 
ATOM   483  C CB  . ARG A 1 59  ? 4.264   -0.095  -7.750  1.00 4.79  ? 82  ARG A CB  1 
ATOM   484  C CG  . ARG A 1 59  ? 3.515   0.583   -8.898  1.00 5.17  ? 82  ARG A CG  1 
ATOM   485  C CD  . ARG A 1 59  ? 4.253   1.855   -9.416  1.00 5.20  ? 82  ARG A CD  1 
ATOM   486  N NE  . ARG A 1 59  ? 4.214   2.959   -8.430  1.00 7.11  ? 82  ARG A NE  1 
ATOM   487  C CZ  . ARG A 1 59  ? 4.709   4.183   -8.614  1.00 8.55  ? 82  ARG A CZ  1 
ATOM   488  N NH1 . ARG A 1 59  ? 4.579   5.088   -7.627  1.00 7.63  ? 82  ARG A NH1 1 
ATOM   489  N NH2 . ARG A 1 59  ? 5.234   4.535   -9.795  1.00 10.76 ? 82  ARG A NH2 1 
ATOM   490  N N   . TYR A 1 60  ? 7.351   -0.793  -6.724  1.00 5.27  ? 83  TYR A N   1 
ATOM   491  C CA  . TYR A 1 60  ? 8.123   -0.969  -5.504  1.00 6.24  ? 83  TYR A CA  1 
ATOM   492  C C   . TYR A 1 60  ? 7.304   -0.484  -4.318  1.00 7.03  ? 83  TYR A C   1 
ATOM   493  O O   . TYR A 1 60  ? 6.801   0.639   -4.324  1.00 6.01  ? 83  TYR A O   1 
ATOM   494  C CB  . TYR A 1 60  ? 9.412   -0.141  -5.541  1.00 6.14  ? 83  TYR A CB  1 
ATOM   495  C CG  . TYR A 1 60  ? 10.419  -0.721  -6.478  1.00 7.42  ? 83  TYR A CG  1 
ATOM   496  C CD1 . TYR A 1 60  ? 10.905  -1.997  -6.279  1.00 9.83  ? 83  TYR A CD1 1 
ATOM   497  C CD2 . TYR A 1 60  ? 10.843  0.006   -7.610  1.00 11.13 ? 83  TYR A CD2 1 
ATOM   498  C CE1 . TYR A 1 60  ? 11.845  -2.567  -7.160  1.00 14.37 ? 83  TYR A CE1 1 
ATOM   499  C CE2 . TYR A 1 60  ? 11.787  -0.551  -8.495  1.00 14.59 ? 83  TYR A CE2 1 
ATOM   500  C CZ  . TYR A 1 60  ? 12.258  -1.842  -8.253  1.00 14.36 ? 83  TYR A CZ  1 
ATOM   501  O OH  . TYR A 1 60  ? 13.171  -2.413  -9.121  1.00 19.09 ? 83  TYR A OH  1 
ATOM   502  N N   . GLY A 1 61  ? 7.191   -1.297  -3.279  1.00 5.43  ? 84  GLY A N   1 
ATOM   503  C CA  . GLY A 1 61  ? 6.563   -0.791  -2.057  1.00 5.08  ? 84  GLY A CA  1 
ATOM   504  C C   . GLY A 1 61  ? 7.107   -1.459  -0.803  1.00 4.41  ? 84  GLY A C   1 
ATOM   505  O O   . GLY A 1 61  ? 7.593   -2.588  -0.873  1.00 5.47  ? 84  GLY A O   1 
ATOM   506  N N   . PHE A 1 62  ? 6.999   -0.775  0.345   1.00 3.65  ? 85  PHE A N   1 
ATOM   507  C CA  . PHE A 1 62  ? 7.539   -1.333  1.610   1.00 5.31  ? 85  PHE A CA  1 
ATOM   508  C C   . PHE A 1 62  ? 6.690   -2.500  2.056   1.00 5.12  ? 85  PHE A C   1 
ATOM   509  O O   . PHE A 1 62  ? 5.461   -2.484  1.955   1.00 5.14  ? 85  PHE A O   1 
ATOM   510  C CB  . PHE A 1 62  ? 7.464   -0.301  2.745   1.00 5.85  ? 85  PHE A CB  1 
ATOM   511  C CG  . PHE A 1 62  ? 8.355   0.874   2.535   1.00 6.16  ? 85  PHE A CG  1 
ATOM   512  C CD1 . PHE A 1 62  ? 9.726   0.742   2.661   1.00 8.13  ? 85  PHE A CD1 1 
ATOM   513  C CD2 . PHE A 1 62  ? 7.815   2.089   2.160   1.00 7.75  ? 85  PHE A CD2 1 
ATOM   514  C CE1 . PHE A 1 62  ? 10.560  1.846   2.487   1.00 9.71  ? 85  PHE A CE1 1 
ATOM   515  C CE2 . PHE A 1 62  ? 8.647   3.182   1.946   1.00 7.72  ? 85  PHE A CE2 1 
ATOM   516  C CZ  . PHE A 1 62  ? 9.984   3.050   2.110   1.00 6.47  ? 85  PHE A CZ  1 
ATOM   517  N N   . ILE A 1 63  ? 7.393   -3.514  2.553   1.00 4.45  ? 86  ILE A N   1 
ATOM   518  C CA  . ILE A 1 63  ? 6.805   -4.479  3.484   1.00 6.30  ? 86  ILE A CA  1 
ATOM   519  C C   . ILE A 1 63  ? 7.641   -4.362  4.779   1.00 6.99  ? 86  ILE A C   1 
ATOM   520  O O   . ILE A 1 63  ? 8.482   -3.469  4.880   1.00 7.55  ? 86  ILE A O   1 
ATOM   521  C CB  . ILE A 1 63  ? 6.759   -5.930  2.913   1.00 6.37  ? 86  ILE A CB  1 
ATOM   522  C CG1 . ILE A 1 63  ? 8.143   -6.504  2.584   1.00 7.88  ? 86  ILE A CG1 1 
ATOM   523  C CG2 . ILE A 1 63  ? 5.875   -5.977  1.698   1.00 4.19  ? 86  ILE A CG2 1 
ATOM   524  C CD1 . ILE A 1 63  ? 8.163   -8.078  2.441   1.00 5.46  ? 86  ILE A CD1 1 
ATOM   525  N N   . GLU A 1 64  ? 7.417   -5.239  5.755   1.00 8.45  ? 87  GLU A N   1 
ATOM   526  C CA  . GLU A 1 64  ? 8.215   -5.242  6.968   1.00 10.70 ? 87  GLU A CA  1 
ATOM   527  C C   . GLU A 1 64  ? 9.578   -5.783  6.548   1.00 11.89 ? 87  GLU A C   1 
ATOM   528  O O   . GLU A 1 64  ? 9.712   -6.976  6.198   1.00 14.68 ? 87  GLU A O   1 
ATOM   529  C CB  . GLU A 1 64  ? 7.580   -6.137  8.038   1.00 10.43 ? 87  GLU A CB  1 
ATOM   530  C CG  . GLU A 1 64  ? 8.278   -6.034  9.397   1.00 16.31 ? 87  GLU A CG  1 
ATOM   531  C CD  . GLU A 1 64  ? 8.145   -4.654  10.069  1.00 21.83 ? 87  GLU A CD  1 
ATOM   532  O OE1 . GLU A 1 64  ? 7.018   -4.106  10.179  1.00 22.36 ? 87  GLU A OE1 1 
ATOM   533  O OE2 . GLU A 1 64  ? 9.181   -4.118  10.537  1.00 24.78 ? 87  GLU A OE2 1 
ATOM   534  N N   . GLY A 1 65  ? 10.532  -4.864  6.516   1.00 11.34 ? 88  GLY A N   1 
ATOM   535  C CA  . GLY A 1 65  ? 11.944  -5.147  6.379   1.00 10.50 ? 88  GLY A CA  1 
ATOM   536  C C   . GLY A 1 65  ? 12.542  -5.058  4.991   1.00 8.41  ? 88  GLY A C   1 
ATOM   537  O O   . GLY A 1 65  ? 13.757  -4.994  4.850   1.00 8.99  ? 88  GLY A O   1 
ATOM   538  N N   . ASN A 1 66  ? 11.696  -4.995  3.948   1.00 7.32  ? 89  ASN A N   1 
ATOM   539  C CA  . ASN A 1 66  ? 12.234  -4.932  2.597   1.00 6.21  ? 89  ASN A CA  1 
ATOM   540  C C   . ASN A 1 66  ? 11.320  -4.086  1.734   1.00 5.81  ? 89  ASN A C   1 
ATOM   541  O O   . ASN A 1 66  ? 10.228  -3.726  2.162   1.00 6.06  ? 89  ASN A O   1 
ATOM   542  C CB  . ASN A 1 66  ? 12.404  -6.328  1.969   1.00 6.52  ? 89  ASN A CB  1 
ATOM   543  C CG  . ASN A 1 66  ? 13.579  -7.079  2.532   1.00 8.36  ? 89  ASN A CG  1 
ATOM   544  O OD1 . ASN A 1 66  ? 13.416  -7.953  3.389   1.00 9.86  ? 89  ASN A OD1 1 
ATOM   545  N ND2 . ASN A 1 66  ? 14.776  -6.742  2.073   1.00 8.38  ? 89  ASN A ND2 1 
ATOM   546  N N   . VAL A 1 67  ? 11.800  -3.774  0.532   1.00 5.36  ? 90  VAL A N   1 
ATOM   547  C CA  . VAL A 1 67  ? 11.005  -3.086  -0.500  1.00 5.62  ? 90  VAL A CA  1 
ATOM   548  C C   . VAL A 1 67  ? 10.864  -4.096  -1.627  1.00 5.56  ? 90  VAL A C   1 
ATOM   549  O O   . VAL A 1 67  ? 11.876  -4.672  -2.107  1.00 6.13  ? 90  VAL A O   1 
ATOM   550  C CB  . VAL A 1 67  ? 11.713  -1.798  -0.994  1.00 5.82  ? 90  VAL A CB  1 
ATOM   551  C CG1 . VAL A 1 67  ? 10.948  -1.176  -2.148  1.00 6.18  ? 90  VAL A CG1 1 
ATOM   552  C CG2 . VAL A 1 67  ? 11.861  -0.812  0.169   1.00 7.14  ? 90  VAL A CG2 1 
ATOM   553  N N   . VAL A 1 68  ? 9.628   -4.357  -2.056  1.00 5.42  ? 91  VAL A N   1 
ATOM   554  C CA  . VAL A 1 68  ? 9.389   -5.499  -2.966  1.00 4.98  ? 91  VAL A CA  1 
ATOM   555  C C   . VAL A 1 68  ? 8.411   -5.192  -4.091  1.00 5.96  ? 91  VAL A C   1 
ATOM   556  O O   . VAL A 1 68  ? 7.735   -4.161  -4.053  1.00 7.02  ? 91  VAL A O   1 
ATOM   557  C CB  . VAL A 1 68  ? 8.790   -6.707  -2.164  1.00 5.39  ? 91  VAL A CB  1 
ATOM   558  C CG1 . VAL A 1 68  ? 9.746   -7.113  -0.985  1.00 5.64  ? 91  VAL A CG1 1 
ATOM   559  C CG2 . VAL A 1 68  ? 7.361   -6.391  -1.657  1.00 4.87  ? 91  VAL A CG2 1 
ATOM   560  N N   . ILE A 1 69  ? 8.368   -6.093  -5.081  1.00 4.92  ? 92  ILE A N   1 
ATOM   561  C CA  . ILE A 1 69  ? 7.280   -6.092  -6.076  1.00 5.24  ? 92  ILE A CA  1 
ATOM   562  C C   . ILE A 1 69  ? 6.776   -7.520  -6.182  1.00 4.87  ? 92  ILE A C   1 
ATOM   563  O O   . ILE A 1 69  ? 7.544   -8.417  -6.525  1.00 4.98  ? 92  ILE A O   1 
ATOM   564  C CB  . ILE A 1 69  ? 7.716   -5.614  -7.517  1.00 4.70  ? 92  ILE A CB  1 
ATOM   565  C CG1 . ILE A 1 69  ? 8.386   -4.226  -7.520  1.00 6.78  ? 92  ILE A CG1 1 
ATOM   566  C CG2 . ILE A 1 69  ? 6.493   -5.532  -8.396  1.00 6.10  ? 92  ILE A CG2 1 
ATOM   567  C CD1 . ILE A 1 69  ? 8.933   -3.758  -8.859  1.00 8.54  ? 92  ILE A CD1 1 
ATOM   568  N N   . PRO A 1 70  ? 5.471   -7.751  -5.916  1.00 4.80  ? 93  PRO A N   1 
ATOM   569  C CA  . PRO A 1 70  ? 4.921   -9.070  -6.159  1.00 4.16  ? 93  PRO A CA  1 
ATOM   570  C C   . PRO A 1 70  ? 4.627   -9.252  -7.642  1.00 4.40  ? 93  PRO A C   1 
ATOM   571  O O   . PRO A 1 70  ? 3.945   -8.417  -8.250  1.00 4.16  ? 93  PRO A O   1 
ATOM   572  C CB  . PRO A 1 70  ? 3.614   -9.065  -5.330  1.00 4.85  ? 93  PRO A CB  1 
ATOM   573  C CG  . PRO A 1 70  ? 3.211   -7.645  -5.261  1.00 4.88  ? 93  PRO A CG  1 
ATOM   574  C CD  . PRO A 1 70  ? 4.470   -6.810  -5.388  1.00 4.22  ? 93  PRO A CD  1 
ATOM   575  N N   . ARG A 1 71  ? 5.121   -10.354 -8.201  1.00 4.69  ? 94  ARG A N   1 
ATOM   576  C CA  . ARG A 1 71  ? 4.967   -10.598 -9.644  1.00 5.48  ? 94  ARG A CA  1 
ATOM   577  C C   . ARG A 1 71  ? 4.438   -12.016 -9.903  1.00 6.55  ? 94  ARG A C   1 
ATOM   578  O O   . ARG A 1 71  ? 4.996   -12.985 -9.408  1.00 7.54  ? 94  ARG A O   1 
ATOM   579  C CB  . ARG A 1 71  ? 6.333   -10.394 -10.335 1.00 6.75  ? 94  ARG A CB  1 
ATOM   580  C CG  . ARG A 1 71  ? 6.875   -8.944  -10.373 1.00 7.26  ? 94  ARG A CG  1 
ATOM   581  C CD  . ARG A 1 71  ? 5.871   -7.997  -11.060 1.00 3.77  ? 94  ARG A CD  1 
ATOM   582  N NE  . ARG A 1 71  ? 5.504   -8.444  -12.420 1.00 8.42  ? 94  ARG A NE  1 
ATOM   583  C CZ  . ARG A 1 71  ? 4.458   -7.968  -13.094 1.00 10.69 ? 94  ARG A CZ  1 
ATOM   584  N NH1 . ARG A 1 71  ? 3.704   -7.004  -12.559 1.00 8.77  ? 94  ARG A NH1 1 
ATOM   585  N NH2 . ARG A 1 71  ? 4.180   -8.436  -14.321 1.00 10.85 ? 94  ARG A NH2 1 
ATOM   586  N N   . ILE A 1 72  ? 3.366   -12.114 -10.682 1.00 6.84  ? 95  ILE A N   1 
ATOM   587  C CA  . ILE A 1 72  ? 2.897   -13.415 -11.167 1.00 8.93  ? 95  ILE A CA  1 
ATOM   588  C C   . ILE A 1 72  ? 3.384   -13.652 -12.579 1.00 9.93  ? 95  ILE A C   1 
ATOM   589  O O   . ILE A 1 72  ? 3.991   -14.686 -12.854 1.00 9.98  ? 95  ILE A O   1 
ATOM   590  C CB  . ILE A 1 72  ? 1.370   -13.506 -11.072 1.00 8.87  ? 95  ILE A CB  1 
ATOM   591  C CG1 . ILE A 1 72  ? 1.003   -13.497 -9.598  1.00 9.15  ? 95  ILE A CG1 1 
ATOM   592  C CG2 . ILE A 1 72  ? 0.858   -14.791 -11.775 1.00 8.48  ? 95  ILE A CG2 1 
ATOM   593  C CD1 . ILE A 1 72  ? -0.484  -13.325 -9.332  1.00 11.42 ? 95  ILE A CD1 1 
ATOM   594  N N   . HIS A 1 73  ? 3.156   -12.660 -13.457 1.00 10.86 ? 96  HIS A N   1 
ATOM   595  C CA  . HIS A 1 73  ? 3.504   -12.780 -14.879 1.00 12.50 ? 96  HIS A CA  1 
ATOM   596  C C   . HIS A 1 73  ? 4.817   -12.094 -15.183 1.00 13.58 ? 96  HIS A C   1 
ATOM   597  O O   . HIS A 1 73  ? 5.037   -10.971 -14.744 1.00 13.77 ? 96  HIS A O   1 
ATOM   598  C CB  . HIS A 1 73  ? 2.364   -12.211 -15.741 1.00 12.72 ? 96  HIS A CB  1 
ATOM   599  C CG  . HIS A 1 73  ? 1.050   -12.861 -15.477 1.00 14.37 ? 96  HIS A CG  1 
ATOM   600  N ND1 . HIS A 1 73  ? 0.087   -12.294 -14.669 1.00 16.98 ? 96  HIS A ND1 1 
ATOM   601  C CD2 . HIS A 1 73  ? 0.556   -14.065 -15.859 1.00 17.45 ? 96  HIS A CD2 1 
ATOM   602  C CE1 . HIS A 1 73  ? -0.949  -13.108 -14.575 1.00 19.37 ? 96  HIS A CE1 1 
ATOM   603  N NE2 . HIS A 1 73  ? -0.695  -14.184 -15.298 1.00 18.20 ? 96  HIS A NE2 1 
ATOM   604  N N   . PRO A 1 74  ? 5.722   -12.770 -15.928 1.00 13.16 ? 97  PRO A N   1 
ATOM   605  C CA  . PRO A 1 74  ? 6.994   -12.149 -16.295 1.00 14.07 ? 97  PRO A CA  1 
ATOM   606  C C   . PRO A 1 74  ? 6.718   -10.952 -17.203 1.00 14.80 ? 97  PRO A C   1 
ATOM   607  O O   . PRO A 1 74  ? 6.019   -11.084 -18.215 1.00 16.06 ? 97  PRO A O   1 
ATOM   608  C CB  . PRO A 1 74  ? 7.746   -13.265 -17.065 1.00 14.59 ? 97  PRO A CB  1 
ATOM   609  C CG  . PRO A 1 74  ? 7.007   -14.502 -16.821 1.00 13.46 ? 97  PRO A CG  1 
ATOM   610  C CD  . PRO A 1 74  ? 5.642   -14.193 -16.321 1.00 13.68 ? 97  PRO A CD  1 
ATOM   611  N N   . ASN A 1 75  ? 7.200   -9.777  -16.815 1.00 15.00 ? 98  ASN A N   1 
ATOM   612  C CA  . ASN A 1 75  ? 7.096   -8.605  -17.655 1.00 15.97 ? 98  ASN A CA  1 
ATOM   613  C C   . ASN A 1 75  ? 8.439   -7.914  -17.596 1.00 16.24 ? 98  ASN A C   1 
ATOM   614  O O   . ASN A 1 75  ? 8.985   -7.690  -16.499 1.00 15.10 ? 98  ASN A O   1 
ATOM   615  C CB  . ASN A 1 75  ? 5.985   -7.676  -17.151 1.00 16.21 ? 98  ASN A CB  1 
ATOM   616  C CG  . ASN A 1 75  ? 5.672   -6.544  -18.124 1.00 18.55 ? 98  ASN A CG  1 
ATOM   617  O OD1 . ASN A 1 75  ? 6.547   -5.761  -18.490 1.00 22.97 ? 98  ASN A OD1 1 
ATOM   618  N ND2 . ASN A 1 75  ? 4.410   -6.435  -18.516 1.00 24.41 ? 98  ASN A ND2 1 
ATOM   619  N N   . ALA A 1 76  ? 8.973   -7.582  -18.774 1.00 16.09 ? 99  ALA A N   1 
ATOM   620  C CA  . ALA A 1 76  ? 10.325  -7.025  -18.887 1.00 17.20 ? 99  ALA A CA  1 
ATOM   621  C C   . ALA A 1 76  ? 10.499  -5.703  -18.147 1.00 17.08 ? 99  ALA A C   1 
ATOM   622  O O   . ALA A 1 76  ? 11.584  -5.410  -17.650 1.00 18.96 ? 99  ALA A O   1 
ATOM   623  C CB  . ALA A 1 76  ? 10.684  -6.831  -20.334 1.00 17.59 ? 99  ALA A CB  1 
ATOM   624  N N   . ILE A 1 77  ? 9.438   -4.915  -18.097 1.00 17.29 ? 100 ILE A N   1 
ATOM   625  C CA  . ILE A 1 77  ? 9.473   -3.594  -17.467 1.00 17.65 ? 100 ILE A CA  1 
ATOM   626  C C   . ILE A 1 77  ? 8.930   -3.604  -16.018 1.00 16.54 ? 100 ILE A C   1 
ATOM   627  O O   . ILE A 1 77  ? 8.733   -2.539  -15.404 1.00 16.54 ? 100 ILE A O   1 
ATOM   628  C CB  . ILE A 1 77  ? 8.793   -2.525  -18.365 1.00 18.35 ? 100 ILE A CB  1 
ATOM   629  C CG1 . ILE A 1 77  ? 7.272   -2.590  -18.251 1.00 20.29 ? 100 ILE A CG1 1 
ATOM   630  C CG2 . ILE A 1 77  ? 9.255   -2.697  -19.840 1.00 19.69 ? 100 ILE A CG2 1 
ATOM   631  C CD1 . ILE A 1 77  ? 6.551   -1.319  -18.714 1.00 22.28 ? 100 ILE A CD1 1 
ATOM   632  N N   . CYS A 1 78  ? 8.692   -4.804  -15.475 1.00 14.71 ? 101 CYS A N   1 
ATOM   633  C CA  . CYS A 1 78  ? 8.283   -4.940  -14.071 1.00 13.90 ? 101 CYS A CA  1 
ATOM   634  C C   . CYS A 1 78  ? 9.181   -5.917  -13.309 1.00 13.90 ? 101 CYS A C   1 
ATOM   635  O O   . CYS A 1 78  ? 9.106   -7.145  -13.518 1.00 13.35 ? 101 CYS A O   1 
ATOM   636  C CB  . CYS A 1 78  ? 6.837   -5.429  -13.968 1.00 12.87 ? 101 CYS A CB  1 
ATOM   637  S SG  . CYS A 1 78  ? 5.625   -4.378  -14.751 1.00 11.34 ? 101 CYS A SG  1 
ATOM   638  N N   . ALA A 1 79  ? 10.038  -5.384  -12.442 1.00 14.19 ? 102 ALA A N   1 
ATOM   639  C CA  . ALA A 1 79  ? 10.967  -6.219  -11.662 1.00 14.97 ? 102 ALA A CA  1 
ATOM   640  C C   . ALA A 1 79  ? 11.853  -7.070  -12.590 1.00 16.73 ? 102 ALA A C   1 
ATOM   641  O O   . ALA A 1 79  ? 12.179  -8.216  -12.279 1.00 17.56 ? 102 ALA A O   1 
ATOM   642  C CB  . ALA A 1 79  ? 10.218  -7.087  -10.650 1.00 15.07 ? 102 ALA A CB  1 
ATOM   643  N N   . ALA A 1 80  ? 12.221  -6.476  -13.735 1.00 18.71 ? 103 ALA A N   1 
ATOM   644  C CA  . ALA A 1 80  ? 13.154  -7.068  -14.716 1.00 19.89 ? 103 ALA A CA  1 
ATOM   645  C C   . ALA A 1 80  ? 12.823  -8.530  -15.038 1.00 19.66 ? 103 ALA A C   1 
ATOM   646  O O   . ALA A 1 80  ? 13.675  -9.425  -14.869 1.00 20.53 ? 103 ALA A O   1 
ATOM   647  C CB  . ALA A 1 80  ? 14.587  -6.949  -14.211 1.00 20.20 ? 103 ALA A CB  1 
ATOM   648  N N   . ASN A 1 81  ? 11.576  -8.766  -15.447 1.00 19.23 ? 104 ASN A N   1 
ATOM   649  C CA  . ASN A 1 81  ? 11.060  -10.094 -15.841 1.00 17.92 ? 104 ASN A CA  1 
ATOM   650  C C   . ASN A 1 81  ? 10.987  -11.182 -14.760 1.00 17.00 ? 104 ASN A C   1 
ATOM   651  O O   . ASN A 1 81  ? 10.743  -12.332 -15.092 1.00 15.87 ? 104 ASN A O   1 
ATOM   652  C CB  . ASN A 1 81  ? 11.807  -10.687 -17.062 1.00 18.53 ? 104 ASN A CB  1 
ATOM   653  C CG  . ASN A 1 81  ? 10.973  -10.689 -18.323 1.00 19.86 ? 104 ASN A CG  1 
ATOM   654  O OD1 . ASN A 1 81  ? 9.745   -10.699 -18.292 1.00 20.83 ? 104 ASN A OD1 1 
ATOM   655  N ND2 . ASN A 1 81  ? 11.660  -10.681 -19.477 1.00 26.39 ? 104 ASN A ND2 1 
ATOM   656  N N   . HIS A 1 82  ? 11.200  -10.840 -13.493 1.00 15.68 ? 105 HIS A N   1 
ATOM   657  C CA  . HIS A 1 82  ? 11.101  -11.839 -12.416 1.00 14.73 ? 105 HIS A CA  1 
ATOM   658  C C   . HIS A 1 82  ? 9.638   -12.147 -12.087 1.00 13.29 ? 105 HIS A C   1 
ATOM   659  O O   . HIS A 1 82  ? 8.740   -11.365 -12.393 1.00 13.17 ? 105 HIS A O   1 
ATOM   660  C CB  . HIS A 1 82  ? 11.807  -11.347 -11.146 1.00 16.21 ? 105 HIS A CB  1 
ATOM   661  C CG  . HIS A 1 82  ? 13.304  -11.347 -11.233 1.00 18.75 ? 105 HIS A CG  1 
ATOM   662  N ND1 . HIS A 1 82  ? 14.010  -10.396 -11.939 1.00 22.62 ? 105 HIS A ND1 1 
ATOM   663  C CD2 . HIS A 1 82  ? 14.228  -12.151 -10.657 1.00 23.11 ? 105 HIS A CD2 1 
ATOM   664  C CE1 . HIS A 1 82  ? 15.304  -10.632 -11.821 1.00 23.18 ? 105 HIS A CE1 1 
ATOM   665  N NE2 . HIS A 1 82  ? 15.465  -11.690 -11.047 1.00 23.95 ? 105 HIS A NE2 1 
ATOM   666  N N   . THR A 1 83  ? 9.435   -13.310 -11.484 1.00 12.63 ? 106 THR A N   1 
ATOM   667  C CA  . THR A 1 83  ? 8.170   -13.715 -10.852 1.00 11.37 ? 106 THR A CA  1 
ATOM   668  C C   . THR A 1 83  ? 8.465   -14.032 -9.370  1.00 10.72 ? 106 THR A C   1 
ATOM   669  O O   . THR A 1 83  ? 9.638   -14.220 -8.977  1.00 10.81 ? 106 THR A O   1 
ATOM   670  C CB  . THR A 1 83  ? 7.554   -14.975 -11.570 1.00 11.11 ? 106 THR A CB  1 
ATOM   671  O OG1 . THR A 1 83  ? 8.393   -16.121 -11.338 1.00 13.16 ? 106 THR A OG1 1 
ATOM   672  C CG2 . THR A 1 83  ? 7.465   -14.723 -13.079 1.00 11.52 ? 106 THR A CG2 1 
ATOM   673  N N   . GLY A 1 84  ? 7.409   -14.050 -8.536  1.00 8.84  ? 107 GLY A N   1 
ATOM   674  C CA  . GLY A 1 84  ? 7.537   -14.271 -7.103  1.00 9.26  ? 107 GLY A CA  1 
ATOM   675  C C   . GLY A 1 84  ? 7.598   -12.914 -6.441  1.00 9.19  ? 107 GLY A C   1 
ATOM   676  O O   . GLY A 1 84  ? 7.413   -11.896 -7.122  1.00 8.94  ? 107 GLY A O   1 
ATOM   677  N N   . VAL A 1 85  ? 7.865   -12.895 -5.143  1.00 8.98  ? 108 VAL A N   1 
ATOM   678  C CA  . VAL A 1 85  ? 8.114   -11.635 -4.457  1.00 8.62  ? 108 VAL A CA  1 
ATOM   679  C C   . VAL A 1 85  ? 9.527   -11.114 -4.790  1.00 9.22  ? 108 VAL A C   1 
ATOM   680  O O   . VAL A 1 85  ? 10.514  -11.614 -4.243  1.00 10.87 ? 108 VAL A O   1 
ATOM   681  C CB  . VAL A 1 85  ? 7.844   -11.725 -2.941  1.00 8.99  ? 108 VAL A CB  1 
ATOM   682  C CG1 . VAL A 1 85  ? 7.946   -10.308 -2.356  1.00 8.82  ? 108 VAL A CG1 1 
ATOM   683  C CG2 . VAL A 1 85  ? 6.479   -12.356 -2.672  1.00 8.86  ? 108 VAL A CG2 1 
ATOM   684  N N   . TYR A 1 86  ? 9.623   -10.140 -5.706  1.00 7.62  ? 109 TYR A N   1 
ATOM   685  C CA  . TYR A 1 86  ? 10.923  -9.593  -6.102  1.00 7.32  ? 109 TYR A CA  1 
ATOM   686  C C   . TYR A 1 86  ? 11.370  -8.614  -5.034  1.00 8.63  ? 109 TYR A C   1 
ATOM   687  O O   . TYR A 1 86  ? 10.611  -7.720  -4.660  1.00 7.48  ? 109 TYR A O   1 
ATOM   688  C CB  . TYR A 1 86  ? 10.805  -8.863  -7.435  1.00 7.78  ? 109 TYR A CB  1 
ATOM   689  C CG  . TYR A 1 86  ? 12.094  -8.208  -7.898  1.00 9.85  ? 109 TYR A CG  1 
ATOM   690  C CD1 . TYR A 1 86  ? 13.095  -8.960  -8.495  1.00 13.20 ? 109 TYR A CD1 1 
ATOM   691  C CD2 . TYR A 1 86  ? 12.276  -6.831  -7.771  1.00 15.66 ? 109 TYR A CD2 1 
ATOM   692  C CE1 . TYR A 1 86  ? 14.284  -8.348  -8.942  1.00 18.58 ? 109 TYR A CE1 1 
ATOM   693  C CE2 . TYR A 1 86  ? 13.438  -6.206  -8.218  1.00 18.55 ? 109 TYR A CE2 1 
ATOM   694  C CZ  . TYR A 1 86  ? 14.435  -6.968  -8.800  1.00 20.44 ? 109 TYR A CZ  1 
ATOM   695  O OH  . TYR A 1 86  ? 15.579  -6.335  -9.237  1.00 21.66 ? 109 TYR A OH  1 
ATOM   696  N N   . ILE A 1 87  ? 12.597  -8.785  -4.563  1.00 7.71  ? 110 ILE A N   1 
ATOM   697  C CA  . ILE A 1 87  ? 13.168  -7.912  -3.536  1.00 7.13  ? 110 ILE A CA  1 
ATOM   698  C C   . ILE A 1 87  ? 14.120  -6.910  -4.175  1.00 7.64  ? 110 ILE A C   1 
ATOM   699  O O   . ILE A 1 87  ? 15.091  -7.291  -4.868  1.00 8.33  ? 110 ILE A O   1 
ATOM   700  C CB  . ILE A 1 87  ? 13.895  -8.714  -2.430  1.00 7.51  ? 110 ILE A CB  1 
ATOM   701  C CG1 . ILE A 1 87  ? 12.948  -9.751  -1.795  1.00 7.96  ? 110 ILE A CG1 1 
ATOM   702  C CG2 . ILE A 1 87  ? 14.396  -7.755  -1.351  1.00 7.42  ? 110 ILE A CG2 1 
ATOM   703  C CD1 . ILE A 1 87  ? 13.616  -10.633 -0.845  1.00 11.51 ? 110 ILE A CD1 1 
ATOM   704  N N   . LEU A 1 88  ? 13.852  -5.622  -3.939  1.00 7.37  ? 111 LEU A N   1 
ATOM   705  C CA  . LEU A 1 88  ? 14.782  -4.547  -4.375  1.00 7.64  ? 111 LEU A CA  1 
ATOM   706  C C   . LEU A 1 88  ? 16.084  -4.658  -3.554  1.00 7.52  ? 111 LEU A C   1 
ATOM   707  O O   . LEU A 1 88  ? 16.054  -4.660  -2.306  1.00 9.00  ? 111 LEU A O   1 
ATOM   708  C CB  . LEU A 1 88  ? 14.130  -3.164  -4.165  1.00 8.17  ? 111 LEU A CB  1 
ATOM   709  C CG  . LEU A 1 88  ? 15.009  -1.943  -4.502  1.00 9.85  ? 111 LEU A CG  1 
ATOM   710  C CD1 . LEU A 1 88  ? 15.384  -1.959  -5.967  1.00 11.66 ? 111 LEU A CD1 1 
ATOM   711  C CD2 . LEU A 1 88  ? 14.247  -0.691  -4.180  1.00 10.05 ? 111 LEU A CD2 1 
ATOM   712  N N   . VAL A 1 89  ? 17.226  -4.795  -4.246  1.00 6.88  ? 112 VAL A N   1 
ATOM   713  C CA  . VAL A 1 89  ? 18.499  -5.000  -3.519  1.00 7.13  ? 112 VAL A CA  1 
ATOM   714  C C   . VAL A 1 89  ? 19.246  -3.682  -3.420  1.00 6.44  ? 112 VAL A C   1 
ATOM   715  O O   . VAL A 1 89  ? 19.599  -3.258  -2.329  1.00 7.30  ? 112 VAL A O   1 
ATOM   716  C CB  . VAL A 1 89  ? 19.353  -6.076  -4.199  1.00 7.30  ? 112 VAL A CB  1 
ATOM   717  C CG1 . VAL A 1 89  ? 20.726  -6.210  -3.498  1.00 7.12  ? 112 VAL A CG1 1 
ATOM   718  C CG2 . VAL A 1 89  ? 18.610  -7.403  -4.127  1.00 6.57  ? 112 VAL A CG2 1 
ATOM   719  N N   . THR A 1 90  ? 19.449  -3.020  -4.552  1.00 7.76  ? 113 THR A N   1 
ATOM   720  C CA  . THR A 1 90  ? 20.313  -1.837  -4.613  1.00 7.80  ? 113 THR A CA  1 
ATOM   721  C C   . THR A 1 90  ? 19.540  -0.634  -5.079  1.00 6.95  ? 113 THR A C   1 
ATOM   722  O O   . THR A 1 90  ? 19.060  -0.614  -6.232  1.00 7.31  ? 113 THR A O   1 
ATOM   723  C CB  . THR A 1 90  ? 21.479  -2.040  -5.617  1.00 8.31  ? 113 THR A CB  1 
ATOM   724  O OG1 . THR A 1 90  ? 22.212  -3.203  -5.250  1.00 11.25 ? 113 THR A OG1 1 
ATOM   725  C CG2 . THR A 1 90  ? 22.437  -0.802  -5.538  1.00 8.62  ? 113 THR A CG2 1 
ATOM   726  N N   . SER A 1 91  ? 19.434  0.377   -4.223  1.00 5.38  ? 114 SER A N   1 
ATOM   727  C CA  . SER A 1 91  ? 18.833  1.659   -4.642  1.00 6.30  ? 114 SER A CA  1 
ATOM   728  C C   . SER A 1 91  ? 19.451  2.786   -3.839  1.00 6.19  ? 114 SER A C   1 
ATOM   729  O O   . SER A 1 91  ? 19.800  2.604   -2.669  1.00 6.05  ? 114 SER A O   1 
ATOM   730  C CB  . SER A 1 91  ? 17.319  1.615   -4.400  1.00 6.92  ? 114 SER A CB  1 
ATOM   731  O OG  . SER A 1 91  ? 16.710  2.895   -4.597  1.00 5.22  ? 114 SER A OG  1 
ATOM   732  N N   . ASN A 1 92  ? 19.569  3.961   -4.465  1.00 5.01  ? 115 ASN A N   1 
ATOM   733  C CA  . ASN A 1 92  ? 20.080  5.120   -3.753  1.00 5.10  ? 115 ASN A CA  1 
ATOM   734  C C   . ASN A 1 92  ? 19.054  5.726   -2.803  1.00 5.26  ? 115 ASN A C   1 
ATOM   735  O O   . ASN A 1 92  ? 19.411  6.438   -1.875  1.00 4.76  ? 115 ASN A O   1 
ATOM   736  C CB  . ASN A 1 92  ? 20.387  6.237   -4.760  1.00 4.19  ? 115 ASN A CB  1 
ATOM   737  C CG  . ASN A 1 92  ? 21.729  6.081   -5.472  1.00 3.63  ? 115 ASN A CG  1 
ATOM   738  O OD1 . ASN A 1 92  ? 22.634  5.288   -5.107  1.00 5.29  ? 115 ASN A OD1 1 
ATOM   739  N ND2 . ASN A 1 92  ? 21.897  6.903   -6.494  1.00 2.87  ? 115 ASN A ND2 1 
ATOM   740  N N   . THR A 1 93  ? 17.782  5.507   -3.116  1.00 5.41  ? 116 THR A N   1 
ATOM   741  C CA  . THR A 1 93  ? 16.682  6.401   -2.663  1.00 4.65  ? 116 THR A CA  1 
ATOM   742  C C   . THR A 1 93  ? 15.761  5.720   -1.639  1.00 4.71  ? 116 THR A C   1 
ATOM   743  O O   . THR A 1 93  ? 15.743  4.493   -1.518  1.00 6.21  ? 116 THR A O   1 
ATOM   744  C CB  . THR A 1 93  ? 15.864  6.907   -3.863  1.00 4.33  ? 116 THR A CB  1 
ATOM   745  O OG1 . THR A 1 93  ? 15.390  5.771   -4.588  1.00 5.22  ? 116 THR A OG1 1 
ATOM   746  C CG2 . THR A 1 93  ? 16.753  7.776   -4.774  1.00 3.78  ? 116 THR A CG2 1 
ATOM   747  N N   . SER A 1 94  ? 14.991  6.534   -0.903  1.00 5.51  ? 117 SER A N   1 
ATOM   748  C CA  . SER A 1 94  ? 14.293  6.099   0.306   1.00 5.94  ? 117 SER A CA  1 
ATOM   749  C C   . SER A 1 94  ? 12.764  6.101   0.227   1.00 6.75  ? 117 SER A C   1 
ATOM   750  O O   . SER A 1 94  ? 12.105  5.708   1.187   1.00 7.27  ? 117 SER A O   1 
ATOM   751  C CB  . SER A 1 94  ? 14.724  7.013   1.446   1.00 5.84  ? 117 SER A CB  1 
ATOM   752  O OG  . SER A 1 94  ? 14.389  8.341   1.116   1.00 7.12  ? 117 SER A OG  1 
ATOM   753  N N   . HIS A 1 95  ? 12.208  6.538   -0.892  1.00 5.47  ? 118 HIS A N   1 
ATOM   754  C CA  . HIS A 1 95  ? 10.738  6.752   -1.007  1.00 6.14  ? 118 HIS A CA  1 
ATOM   755  C C   . HIS A 1 95  ? 10.094  5.879   -2.057  1.00 5.62  ? 118 HIS A C   1 
ATOM   756  O O   . HIS A 1 95  ? 10.520  5.847   -3.212  1.00 5.67  ? 118 HIS A O   1 
ATOM   757  C CB  . HIS A 1 95  ? 10.370  8.243   -1.191  1.00 6.56  ? 118 HIS A CB  1 
ATOM   758  C CG  . HIS A 1 95  ? 10.624  9.065   0.037   1.00 8.57  ? 118 HIS A CG  1 
ATOM   759  N ND1 . HIS A 1 95  ? 9.700   9.930   0.585   1.00 15.50 ? 118 HIS A ND1 1 
ATOM   760  C CD2 . HIS A 1 95  ? 11.708  9.124   0.844   1.00 7.13  ? 118 HIS A CD2 1 
ATOM   761  C CE1 . HIS A 1 95  ? 10.199  10.469  1.688   1.00 6.35  ? 118 HIS A CE1 1 
ATOM   762  N NE2 . HIS A 1 95  ? 11.421  10.005  1.854   1.00 13.10 ? 118 HIS A NE2 1 
ATOM   763  N N   . TYR A 1 96  ? 9.071   5.144   -1.635  1.00 5.30  ? 119 TYR A N   1 
ATOM   764  C CA  . TYR A 1 96  ? 8.428   4.166   -2.540  1.00 5.57  ? 119 TYR A CA  1 
ATOM   765  C C   . TYR A 1 96  ? 6.923   4.259   -2.317  1.00 4.70  ? 119 TYR A C   1 
ATOM   766  O O   . TYR A 1 96  ? 6.418   5.197   -1.687  1.00 4.83  ? 119 TYR A O   1 
ATOM   767  C CB  . TYR A 1 96  ? 8.969   2.737   -2.270  1.00 4.52  ? 119 TYR A CB  1 
ATOM   768  C CG  . TYR A 1 96  ? 10.468  2.630   -2.447  1.00 4.82  ? 119 TYR A CG  1 
ATOM   769  C CD1 . TYR A 1 96  ? 11.021  2.472   -3.733  1.00 4.80  ? 119 TYR A CD1 1 
ATOM   770  C CD2 . TYR A 1 96  ? 11.341  2.700   -1.329  1.00 4.63  ? 119 TYR A CD2 1 
ATOM   771  C CE1 . TYR A 1 96  ? 12.380  2.391   -3.913  1.00 4.29  ? 119 TYR A CE1 1 
ATOM   772  C CE2 . TYR A 1 96  ? 12.756  2.633   -1.504  1.00 4.67  ? 119 TYR A CE2 1 
ATOM   773  C CZ  . TYR A 1 96  ? 13.242  2.446   -2.802  1.00 7.79  ? 119 TYR A CZ  1 
ATOM   774  O OH  . TYR A 1 96  ? 14.584  2.357   -3.030  1.00 5.50  ? 119 TYR A OH  1 
ATOM   775  N N   . ASP A 1 97  ? 6.176   3.293   -2.822  1.00 4.64  ? 120 ASP A N   1 
ATOM   776  C CA  . ASP A 1 97  ? 4.790   3.123   -2.378  1.00 3.57  ? 120 ASP A CA  1 
ATOM   777  C C   . ASP A 1 97  ? 4.836   2.269   -1.109  1.00 3.95  ? 120 ASP A C   1 
ATOM   778  O O   . ASP A 1 97  ? 5.899   1.994   -0.555  1.00 3.84  ? 120 ASP A O   1 
ATOM   779  C CB  . ASP A 1 97  ? 3.997   2.347   -3.440  1.00 3.92  ? 120 ASP A CB  1 
ATOM   780  C CG  . ASP A 1 97  ? 3.934   3.095   -4.793  1.00 4.44  ? 120 ASP A CG  1 
ATOM   781  O OD1 . ASP A 1 97  ? 4.151   4.346   -4.846  1.00 6.49  ? 120 ASP A OD1 1 
ATOM   782  O OD2 . ASP A 1 97  ? 3.665   2.421   -5.812  1.00 4.60  ? 120 ASP A OD2 1 
ATOM   783  N N   . THR A 1 98  ? 3.664   1.843   -0.644  1.00 4.66  ? 121 THR A N   1 
ATOM   784  C CA  . THR A 1 98  ? 3.659   0.846   0.429   1.00 4.56  ? 121 THR A CA  1 
ATOM   785  C C   . THR A 1 98  ? 2.655   -0.251  0.217   1.00 4.43  ? 121 THR A C   1 
ATOM   786  O O   . THR A 1 98  ? 1.652   -0.101  -0.485  1.00 4.87  ? 121 THR A O   1 
ATOM   787  C CB  . THR A 1 98  ? 3.468   1.469   1.860   1.00 5.06  ? 121 THR A CB  1 
ATOM   788  O OG1 . THR A 1 98  ? 3.786   0.481   2.859   1.00 5.41  ? 121 THR A OG1 1 
ATOM   789  C CG2 . THR A 1 98  ? 2.014   1.956   2.088   1.00 5.63  ? 121 THR A CG2 1 
ATOM   790  N N   . TYR A 1 99  ? 2.950   -1.407  0.826   1.00 4.03  ? 122 TYR A N   1 
ATOM   791  C CA  . TYR A 1 99  ? 1.947   -2.457  0.940   1.00 5.54  ? 122 TYR A CA  1 
ATOM   792  C C   . TYR A 1 99  ? 1.442   -2.427  2.366   1.00 5.03  ? 122 TYR A C   1 
ATOM   793  O O   . TYR A 1 99  ? 2.157   -1.999  3.283   1.00 6.98  ? 122 TYR A O   1 
ATOM   794  C CB  . TYR A 1 99  ? 2.573   -3.824  0.663   1.00 4.97  ? 122 TYR A CB  1 
ATOM   795  C CG  . TYR A 1 99  ? 3.015   -3.873  -0.747  1.00 3.94  ? 122 TYR A CG  1 
ATOM   796  C CD1 . TYR A 1 99  ? 2.060   -4.072  -1.771  1.00 4.99  ? 122 TYR A CD1 1 
ATOM   797  C CD2 . TYR A 1 99  ? 4.367   -3.660  -1.092  1.00 5.67  ? 122 TYR A CD2 1 
ATOM   798  C CE1 . TYR A 1 99  ? 2.440   -4.086  -3.096  1.00 5.30  ? 122 TYR A CE1 1 
ATOM   799  C CE2 . TYR A 1 99  ? 4.761   -3.629  -2.461  1.00 6.25  ? 122 TYR A CE2 1 
ATOM   800  C CZ  . TYR A 1 99  ? 3.773   -3.861  -3.448  1.00 4.23  ? 122 TYR A CZ  1 
ATOM   801  O OH  . TYR A 1 99  ? 4.144   -3.843  -4.779  1.00 6.80  ? 122 TYR A OH  1 
ATOM   802  N N   . CYS A 1 100 ? 0.197   -2.839  2.543   1.00 5.91  ? 123 CYS A N   1 
ATOM   803  C CA  . CYS A 1 100 ? -0.444  -2.928  3.875   1.00 4.93  ? 123 CYS A CA  1 
ATOM   804  C C   . CYS A 1 100 ? -1.152  -4.272  4.021   1.00 5.64  ? 123 CYS A C   1 
ATOM   805  O O   . CYS A 1 100 ? -1.480  -4.920  3.017   1.00 5.81  ? 123 CYS A O   1 
ATOM   806  C CB  . CYS A 1 100 ? -1.462  -1.781  4.076   1.00 4.94  ? 123 CYS A CB  1 
ATOM   807  S SG  . CYS A 1 100 ? -0.717  -0.117  4.111   1.00 7.42  ? 123 CYS A SG  1 
ATOM   808  N N   . PHE A 1 101 ? -1.373  -4.687  5.261   1.00 4.40  ? 124 PHE A N   1 
ATOM   809  C CA  . PHE A 1 101 ? -2.042  -5.950  5.514   1.00 4.07  ? 124 PHE A CA  1 
ATOM   810  C C   . PHE A 1 101 ? -3.180  -5.761  6.505   1.00 5.24  ? 124 PHE A C   1 
ATOM   811  O O   . PHE A 1 101 ? -2.940  -5.301  7.604   1.00 5.63  ? 124 PHE A O   1 
ATOM   812  C CB  . PHE A 1 101 ? -1.057  -6.986  6.045   1.00 3.96  ? 124 PHE A CB  1 
ATOM   813  C CG  . PHE A 1 101 ? -1.748  -8.155  6.650   1.00 4.86  ? 124 PHE A CG  1 
ATOM   814  C CD1 . PHE A 1 101 ? -2.501  -9.027  5.840   1.00 5.91  ? 124 PHE A CD1 1 
ATOM   815  C CD2 . PHE A 1 101 ? -1.668  -8.390  8.013   1.00 7.60  ? 124 PHE A CD2 1 
ATOM   816  C CE1 . PHE A 1 101 ? -3.192  -10.112 6.423   1.00 7.87  ? 124 PHE A CE1 1 
ATOM   817  C CE2 . PHE A 1 101 ? -2.375  -9.469  8.605   1.00 10.56 ? 124 PHE A CE2 1 
ATOM   818  C CZ  . PHE A 1 101 ? -3.114  -10.332 7.808   1.00 8.01  ? 124 PHE A CZ  1 
ATOM   819  N N   A ASN A 1 102 ? -4.411  -6.077  6.106   0.50 6.07  ? 125 ASN A N   1 
ATOM   820  N N   B ASN A 1 102 ? -4.390  -6.154  6.103   0.50 6.06  ? 125 ASN A N   1 
ATOM   821  C CA  A ASN A 1 102 ? -5.540  -5.988  7.036   0.50 6.61  ? 125 ASN A CA  1 
ATOM   822  C CA  B ASN A 1 102 ? -5.597  -6.029  6.926   0.50 6.97  ? 125 ASN A CA  1 
ATOM   823  C C   A ASN A 1 102 ? -6.072  -7.376  7.316   0.50 6.68  ? 125 ASN A C   1 
ATOM   824  C C   B ASN A 1 102 ? -6.069  -7.424  7.294   0.50 6.80  ? 125 ASN A C   1 
ATOM   825  O O   A ASN A 1 102 ? -6.638  -8.053  6.419   0.50 6.42  ? 125 ASN A O   1 
ATOM   826  O O   B ASN A 1 102 ? -6.607  -8.157  6.424   0.50 6.42  ? 125 ASN A O   1 
ATOM   827  C CB  A ASN A 1 102 ? -6.664  -5.067  6.537   0.50 6.02  ? 125 ASN A CB  1 
ATOM   828  C CB  B ASN A 1 102 ? -6.701  -5.294  6.149   0.50 5.93  ? 125 ASN A CB  1 
ATOM   829  C CG  A ASN A 1 102 ? -7.657  -4.702  7.662   0.50 6.29  ? 125 ASN A CG  1 
ATOM   830  C CG  B ASN A 1 102 ? -8.057  -5.303  6.879   0.50 8.98  ? 125 ASN A CG  1 
ATOM   831  O OD1 A ASN A 1 102 ? -7.839  -5.467  8.605   0.50 7.86  ? 125 ASN A OD1 1 
ATOM   832  O OD1 B ASN A 1 102 ? -8.147  -5.631  8.061   0.50 9.09  ? 125 ASN A OD1 1 
ATOM   833  N ND2 A ASN A 1 102 ? -8.310  -3.557  7.543   0.50 8.34  ? 125 ASN A ND2 1 
ATOM   834  N ND2 B ASN A 1 102 ? -9.109  -4.925  6.168   0.50 10.74 ? 125 ASN A ND2 1 
ATOM   835  N N   . ALA A 1 103 ? -5.845  -7.810  8.554   1.00 7.21  ? 126 ALA A N   1 
ATOM   836  C CA  . ALA A 1 103 ? -6.225  -9.155  9.001   1.00 8.32  ? 126 ALA A CA  1 
ATOM   837  C C   . ALA A 1 103 ? -7.722  -9.452  8.878   1.00 8.60  ? 126 ALA A C   1 
ATOM   838  O O   . ALA A 1 103 ? -8.104  -10.620 8.757   1.00 9.23  ? 126 ALA A O   1 
ATOM   839  C CB  . ALA A 1 103 ? -5.767  -9.383  10.494  1.00 8.10  ? 126 ALA A CB  1 
ATOM   840  N N   A SER A 1 104 ? -8.556  -8.412  8.907   0.50 8.75  ? 127 SER A N   1 
ATOM   841  N N   B SER A 1 104 ? -8.572  -8.423  8.925   0.50 8.74  ? 127 SER A N   1 
ATOM   842  C CA  A SER A 1 104 ? -10.008 -8.600  8.866   0.50 8.87  ? 127 SER A CA  1 
ATOM   843  C CA  B SER A 1 104 ? -10.027 -8.646  8.870   0.50 8.85  ? 127 SER A CA  1 
ATOM   844  C C   A SER A 1 104 ? -10.594 -8.697  7.455   0.50 9.02  ? 127 SER A C   1 
ATOM   845  C C   B SER A 1 104 ? -10.583 -8.818  7.449   0.50 8.99  ? 127 SER A C   1 
ATOM   846  O O   A SER A 1 104 ? -11.815 -8.815  7.288   0.50 9.18  ? 127 SER A O   1 
ATOM   847  O O   B SER A 1 104 ? -11.775 -9.091  7.263   0.50 9.06  ? 127 SER A O   1 
ATOM   848  C CB  A SER A 1 104 ? -10.693 -7.484  9.653   0.50 9.23  ? 127 SER A CB  1 
ATOM   849  C CB  B SER A 1 104 ? -10.772 -7.508  9.577   0.50 9.26  ? 127 SER A CB  1 
ATOM   850  O OG  A SER A 1 104 ? -10.268 -7.543  10.999  0.50 9.99  ? 127 SER A OG  1 
ATOM   851  O OG  B SER A 1 104 ? -10.756 -6.339  8.786   0.50 10.18 ? 127 SER A OG  1 
ATOM   852  N N   . ALA A 1 105 ? -9.724  -8.660  6.448   1.00 9.33  ? 128 ALA A N   1 
ATOM   853  C CA  . ALA A 1 105 ? -10.130 -8.769  5.066   1.00 8.59  ? 128 ALA A CA  1 
ATOM   854  C C   . ALA A 1 105 ? -10.553 -10.202 4.699   1.00 8.01  ? 128 ALA A C   1 
ATOM   855  O O   . ALA A 1 105 ? -10.262 -11.168 5.439   1.00 8.89  ? 128 ALA A O   1 
ATOM   856  C CB  . ALA A 1 105 ? -8.988  -8.309  4.135   1.00 8.35  ? 128 ALA A CB  1 
ATOM   857  N N   . PRO A 1 106 ? -11.218 -10.363 3.542   1.00 7.89  ? 129 PRO A N   1 
ATOM   858  C CA  . PRO A 1 106 ? -11.458 -11.772 3.140   1.00 7.75  ? 129 PRO A CA  1 
ATOM   859  C C   . PRO A 1 106 ? -10.182 -12.581 2.833   1.00 6.78  ? 129 PRO A C   1 
ATOM   860  O O   . PRO A 1 106 ? -9.106  -12.000 2.582   1.00 6.40  ? 129 PRO A O   1 
ATOM   861  C CB  . PRO A 1 106 ? -12.275 -11.651 1.870   1.00 7.12  ? 129 PRO A CB  1 
ATOM   862  C CG  . PRO A 1 106 ? -12.938 -10.269 1.963   1.00 9.50  ? 129 PRO A CG  1 
ATOM   863  C CD  . PRO A 1 106 ? -11.946 -9.397  2.691   1.00 8.60  ? 129 PRO A CD  1 
ATOM   864  N N   . PRO A 1 107 ? -10.289 -13.919 2.826   1.00 6.82  ? 130 PRO A N   1 
ATOM   865  C CA  . PRO A 1 107 ? -9.022  -14.706 2.752   1.00 6.59  ? 130 PRO A CA  1 
ATOM   866  C C   . PRO A 1 107 ? -8.366  -14.791 1.390   1.00 6.54  ? 130 PRO A C   1 
ATOM   867  O O   . PRO A 1 107 ? -7.150  -15.093 1.298   1.00 7.29  ? 130 PRO A O   1 
ATOM   868  C CB  . PRO A 1 107 ? -9.452  -16.144 3.192   1.00 7.30  ? 130 PRO A CB  1 
ATOM   869  C CG  . PRO A 1 107 ? -10.975 -16.192 2.861   1.00 6.93  ? 130 PRO A CG  1 
ATOM   870  C CD  . PRO A 1 107 ? -11.474 -14.747 3.123   1.00 7.63  ? 130 PRO A CD  1 
ATOM   871  N N   . GLU A 1 108 ? -9.134  -14.525 0.331   1.00 8.18  ? 131 GLU A N   1 
ATOM   872  C CA  . GLU A 1 108 ? -8.608  -14.648 -1.027  1.00 7.57  ? 131 GLU A CA  1 
ATOM   873  C C   . GLU A 1 108 ? -8.715  -13.302 -1.738  1.00 8.03  ? 131 GLU A C   1 
ATOM   874  O O   . GLU A 1 108 ? -8.362  -12.277 -1.157  1.00 7.93  ? 131 GLU A O   1 
ATOM   875  C CB  . GLU A 1 108 ? -9.287  -15.825 -1.757  1.00 9.72  ? 131 GLU A CB  1 
ATOM   876  C CG  . GLU A 1 108 ? -8.966  -17.107 -0.972  1.00 13.87 ? 131 GLU A CG  1 
ATOM   877  C CD  . GLU A 1 108 ? -9.398  -18.389 -1.618  1.00 21.55 ? 131 GLU A CD  1 
ATOM   878  O OE1 . GLU A 1 108 ? -10.601 -18.560 -1.861  1.00 21.89 ? 131 GLU A OE1 1 
ATOM   879  O OE2 . GLU A 1 108 ? -8.513  -19.250 -1.805  1.00 23.34 ? 131 GLU A OE2 1 
ATOM   880  N N   . GLU A 1 109 ? -9.250  -13.273 -2.950  1.00 9.07  ? 132 GLU A N   1 
ATOM   881  C CA  . GLU A 1 109 ? -9.326  -11.986 -3.692  1.00 8.12  ? 132 GLU A CA  1 
ATOM   882  C C   . GLU A 1 109 ? -10.533 -11.148 -3.248  1.00 9.82  ? 132 GLU A C   1 
ATOM   883  O O   . GLU A 1 109 ? -11.672 -11.663 -3.196  1.00 9.87  ? 132 GLU A O   1 
ATOM   884  C CB  . GLU A 1 109 ? -9.383  -12.262 -5.195  1.00 10.41 ? 132 GLU A CB  1 
ATOM   885  C CG  . GLU A 1 109 ? -9.435  -10.979 -6.028  1.00 10.08 ? 132 GLU A CG  1 
ATOM   886  C CD  . GLU A 1 109 ? -9.526  -11.258 -7.533  1.00 15.58 ? 132 GLU A CD  1 
ATOM   887  O OE1 . GLU A 1 109 ? -10.613 -11.637 -8.027  1.00 20.07 ? 132 GLU A OE1 1 
ATOM   888  O OE2 . GLU A 1 109 ? -8.526  -11.060 -8.228  1.00 17.59 ? 132 GLU A OE2 1 
ATOM   889  N N   . ASP A 1 110 ? -10.289 -9.903  -2.855  1.00 7.51  ? 133 ASP A N   1 
ATOM   890  C CA  . ASP A 1 110 ? -11.363 -8.977  -2.510  1.00 8.33  ? 133 ASP A CA  1 
ATOM   891  C C   . ASP A 1 110 ? -11.165 -7.723  -3.363  1.00 8.60  ? 133 ASP A C   1 
ATOM   892  O O   . ASP A 1 110 ? -10.365 -6.860  -3.018  1.00 7.91  ? 133 ASP A O   1 
ATOM   893  C CB  . ASP A 1 110 ? -11.370 -8.626  -1.005  1.00 7.62  ? 133 ASP A CB  1 
ATOM   894  C CG  . ASP A 1 110 ? -12.458 -7.625  -0.654  1.00 10.21 ? 133 ASP A CG  1 
ATOM   895  O OD1 . ASP A 1 110 ? -13.353 -7.410  -1.508  1.00 8.99  ? 133 ASP A OD1 1 
ATOM   896  O OD2 . ASP A 1 110 ? -12.445 -7.071  0.461   1.00 11.66 ? 133 ASP A OD2 1 
ATOM   897  N N   . CYS A 1 111 ? -11.885 -7.654  -4.486  1.00 10.40 ? 134 CYS A N   1 
ATOM   898  C CA  . CYS A 1 111 ? -11.808 -6.476  -5.367  1.00 11.65 ? 134 CYS A CA  1 
ATOM   899  C C   . CYS A 1 111 ? -12.982 -5.502  -5.189  1.00 12.12 ? 134 CYS A C   1 
ATOM   900  O O   . CYS A 1 111 ? -13.312 -4.674  -6.064  1.00 14.36 ? 134 CYS A O   1 
ATOM   901  C CB  . CYS A 1 111 ? -11.616 -6.924  -6.835  1.00 11.85 ? 134 CYS A CB  1 
ATOM   902  S SG  . CYS A 1 111 ? -9.960  -7.531  -7.181  1.00 11.90 ? 134 CYS A SG  1 
ATOM   903  N N   . THR A 1 112 ? -13.619 -5.561  -4.039  1.00 12.23 ? 135 THR A N   1 
ATOM   904  C CA  . THR A 1 112 ? -14.557 -4.509  -3.689  1.00 11.00 ? 135 THR A CA  1 
ATOM   905  C C   . THR A 1 112 ? -13.797 -3.228  -3.381  1.00 12.13 ? 135 THR A C   1 
ATOM   906  O O   . THR A 1 112 ? -12.592 -3.248  -3.040  1.00 13.35 ? 135 THR A O   1 
ATOM   907  C CB  . THR A 1 112 ? -15.455 -4.888  -2.535  1.00 11.56 ? 135 THR A CB  1 
ATOM   908  O OG1 . THR A 1 112 ? -14.637 -5.124  -1.373  1.00 10.79 ? 135 THR A OG1 1 
ATOM   909  C CG2 . THR A 1 112 ? -16.277 -6.131  -2.879  1.00 10.66 ? 135 THR A CG2 1 
ATOM   910  N N   . SER A 1 113 ? -14.487 -2.108  -3.540  1.00 10.68 ? 136 SER A N   1 
ATOM   911  C CA  . SER A 1 113 ? -13.861 -0.804  -3.271  1.00 11.60 ? 136 SER A CA  1 
ATOM   912  C C   . SER A 1 113 ? -13.667 -0.534  -1.776  1.00 11.89 ? 136 SER A C   1 
ATOM   913  O O   . SER A 1 113 ? -14.382 -1.084  -0.903  1.00 12.90 ? 136 SER A O   1 
ATOM   914  C CB  . SER A 1 113 ? -14.633 0.302   -3.973  1.00 10.82 ? 136 SER A CB  1 
ATOM   915  O OG  . SER A 1 113 ? -15.997 0.193   -3.644  1.00 14.70 ? 136 SER A OG  1 
ATOM   916  N N   . VAL A 1 114 ? -12.656 0.281   -1.487  1.00 10.77 ? 137 VAL A N   1 
ATOM   917  C CA  . VAL A 1 114 ? -12.355 0.713   -0.110  1.00 11.77 ? 137 VAL A CA  1 
ATOM   918  C C   . VAL A 1 114 ? -13.056 2.048   0.090   1.00 13.28 ? 137 VAL A C   1 
ATOM   919  O O   . VAL A 1 114 ? -12.911 2.940   -0.739  1.00 12.57 ? 137 VAL A O   1 
ATOM   920  C CB  . VAL A 1 114 ? -10.831 0.873   0.078   1.00 11.99 ? 137 VAL A CB  1 
ATOM   921  C CG1 . VAL A 1 114 ? -10.517 1.452   1.477   1.00 11.48 ? 137 VAL A CG1 1 
ATOM   922  C CG2 . VAL A 1 114 ? -10.102 -0.473  -0.114  1.00 12.08 ? 137 VAL A CG2 1 
ATOM   923  N N   . THR A 1 115 ? -13.850 2.184   1.160   1.00 15.48 ? 138 THR A N   1 
ATOM   924  C CA  . THR A 1 115 ? -14.682 3.394   1.341   1.00 18.20 ? 138 THR A CA  1 
ATOM   925  C C   . THR A 1 115 ? -14.494 4.048   2.711   1.00 18.79 ? 138 THR A C   1 
ATOM   926  O O   . THR A 1 115 ? -15.380 4.779   3.185   1.00 19.26 ? 138 THR A O   1 
ATOM   927  C CB  . THR A 1 115 ? -16.211 3.155   1.117   1.00 19.53 ? 138 THR A CB  1 
ATOM   928  O OG1 . THR A 1 115 ? -16.567 1.869   1.633   1.00 23.08 ? 138 THR A OG1 1 
ATOM   929  C CG2 . THR A 1 115 ? -16.600 3.285   -0.386  1.00 20.35 ? 138 THR A CG2 1 
ATOM   930  N N   . ASP A 1 116 ? -13.371 3.751   3.353   1.00 18.50 ? 139 ASP A N   1 
ATOM   931  C CA  . ASP A 1 116 ? -12.985 4.435   4.579   1.00 20.18 ? 139 ASP A CA  1 
ATOM   932  C C   . ASP A 1 116 ? -11.504 4.333   4.866   1.00 19.32 ? 139 ASP A C   1 
ATOM   933  O O   . ASP A 1 116 ? -10.802 3.457   4.363   1.00 19.38 ? 139 ASP A O   1 
ATOM   934  C CB  . ASP A 1 116 ? -13.761 3.928   5.798   1.00 21.40 ? 139 ASP A CB  1 
ATOM   935  C CG  . ASP A 1 116 ? -13.726 4.942   6.989   1.00 24.36 ? 139 ASP A CG  1 
ATOM   936  O OD1 . ASP A 1 116 ? -13.246 6.117   6.848   1.00 27.51 ? 139 ASP A OD1 1 
ATOM   937  O OD2 . ASP A 1 116 ? -14.184 4.551   8.064   1.00 29.48 ? 139 ASP A OD2 1 
ATOM   938  N N   . LEU A 1 117 ? -11.051 5.238   5.734   1.00 18.84 ? 140 LEU A N   1 
ATOM   939  C CA  . LEU A 1 117 ? -9.725  5.235   6.282   1.00 17.59 ? 140 LEU A CA  1 
ATOM   940  C C   . LEU A 1 117 ? -10.033 5.277   7.767   1.00 17.51 ? 140 LEU A C   1 
ATOM   941  O O   . LEU A 1 117 ? -10.011 6.352   8.395   1.00 17.43 ? 140 LEU A O   1 
ATOM   942  C CB  . LEU A 1 117 ? -8.993  6.490   5.810   1.00 17.28 ? 140 LEU A CB  1 
ATOM   943  C CG  . LEU A 1 117 ? -7.549  6.641   6.255   1.00 17.51 ? 140 LEU A CG  1 
ATOM   944  C CD1 . LEU A 1 117 ? -6.729  5.517   5.650   1.00 16.32 ? 140 LEU A CD1 1 
ATOM   945  C CD2 . LEU A 1 117 ? -7.015  7.996   5.806   1.00 20.69 ? 140 LEU A CD2 1 
ATOM   946  N N   . PRO A 1 118 ? -10.396 4.110   8.322   1.00 16.74 ? 141 PRO A N   1 
ATOM   947  C CA  . PRO A 1 118 ? -11.068 3.997   9.612   1.00 16.03 ? 141 PRO A CA  1 
ATOM   948  C C   . PRO A 1 118 ? -10.287 4.570   10.781  1.00 15.75 ? 141 PRO A C   1 
ATOM   949  O O   . PRO A 1 118 ? -10.890 4.963   11.797  1.00 15.76 ? 141 PRO A O   1 
ATOM   950  C CB  . PRO A 1 118 ? -11.228 2.477   9.797   1.00 16.82 ? 141 PRO A CB  1 
ATOM   951  C CG  . PRO A 1 118 ? -10.268 1.863   8.845   1.00 17.35 ? 141 PRO A CG  1 
ATOM   952  C CD  . PRO A 1 118 ? -10.182 2.790   7.693   1.00 17.32 ? 141 PRO A CD  1 
ATOM   953  N N   . ASN A 1 119 ? -8.964  4.594   10.668  1.00 12.95 ? 142 ASN A N   1 
ATOM   954  C CA  . ASN A 1 119 ? -8.137  4.963   11.808  1.00 13.21 ? 142 ASN A CA  1 
ATOM   955  C C   . ASN A 1 119 ? -7.262  6.213   11.592  1.00 11.81 ? 142 ASN A C   1 
ATOM   956  O O   . ASN A 1 119 ? -6.257  6.403   12.296  1.00 11.40 ? 142 ASN A O   1 
ATOM   957  C CB  . ASN A 1 119 ? -7.296  3.742   12.192  1.00 14.28 ? 142 ASN A CB  1 
ATOM   958  C CG  . ASN A 1 119 ? -6.807  3.797   13.602  1.00 16.56 ? 142 ASN A CG  1 
ATOM   959  O OD1 . ASN A 1 119 ? -7.544  4.196   14.540  1.00 20.99 ? 142 ASN A OD1 1 
ATOM   960  N ND2 . ASN A 1 119 ? -5.558  3.390   13.792  1.00 18.58 ? 142 ASN A ND2 1 
ATOM   961  N N   . SER A 1 120 ? -7.629  7.053   10.616  1.00 11.18 ? 143 SER A N   1 
ATOM   962  C CA  . SER A 1 120 ? -7.001  8.381   10.462  1.00 10.91 ? 143 SER A CA  1 
ATOM   963  C C   . SER A 1 120 ? -7.403  9.207   11.671  1.00 11.00 ? 143 SER A C   1 
ATOM   964  O O   . SER A 1 120 ? -8.429  8.917   12.310  1.00 10.92 ? 143 SER A O   1 
ATOM   965  C CB  . SER A 1 120 ? -7.474  9.062   9.184   1.00 11.05 ? 143 SER A CB  1 
ATOM   966  O OG  . SER A 1 120 ? -8.864  9.245   9.236   1.00 13.07 ? 143 SER A OG  1 
ATOM   967  N N   . PHE A 1 121 ? -6.579  10.191  12.010  1.00 10.05 ? 144 PHE A N   1 
ATOM   968  C CA  . PHE A 1 121 ? -6.860  11.022  13.165  1.00 10.00 ? 144 PHE A CA  1 
ATOM   969  C C   . PHE A 1 121 ? -7.240  12.418  12.721  1.00 9.59  ? 144 PHE A C   1 
ATOM   970  O O   . PHE A 1 121 ? -7.168  12.752  11.539  1.00 9.10  ? 144 PHE A O   1 
ATOM   971  C CB  . PHE A 1 121 ? -5.744  11.000  14.218  1.00 11.22 ? 144 PHE A CB  1 
ATOM   972  C CG  . PHE A 1 121 ? -4.341  11.229  13.692  1.00 11.15 ? 144 PHE A CG  1 
ATOM   973  C CD1 . PHE A 1 121 ? -3.839  12.526  13.488  1.00 12.39 ? 144 PHE A CD1 1 
ATOM   974  C CD2 . PHE A 1 121 ? -3.495  10.137  13.457  1.00 12.94 ? 144 PHE A CD2 1 
ATOM   975  C CE1 . PHE A 1 121 ? -2.513  12.719  13.030  1.00 12.93 ? 144 PHE A CE1 1 
ATOM   976  C CE2 . PHE A 1 121 ? -2.191  10.320  13.027  1.00 13.00 ? 144 PHE A CE2 1 
ATOM   977  C CZ  . PHE A 1 121 ? -1.696  11.608  12.792  1.00 13.17 ? 144 PHE A CZ  1 
ATOM   978  N N   . ASP A 1 122 ? -7.667  13.237  13.668  1.00 8.78  ? 145 ASP A N   1 
ATOM   979  C CA  . ASP A 1 122 ? -8.068  14.608  13.361  1.00 8.31  ? 145 ASP A CA  1 
ATOM   980  C C   . ASP A 1 122 ? -6.922  15.391  12.649  1.00 8.14  ? 145 ASP A C   1 
ATOM   981  O O   . ASP A 1 122 ? -5.760  15.315  13.021  1.00 8.66  ? 145 ASP A O   1 
ATOM   982  C CB  . ASP A 1 122 ? -8.459  15.327  14.653  1.00 7.92  ? 145 ASP A CB  1 
ATOM   983  C CG  . ASP A 1 122 ? -8.959  16.745  14.398  1.00 8.32  ? 145 ASP A CG  1 
ATOM   984  O OD1 . ASP A 1 122 ? -10.150 16.896  14.052  1.00 12.70 ? 145 ASP A OD1 1 
ATOM   985  O OD2 . ASP A 1 122 ? -8.182  17.705  14.531  1.00 12.72 ? 145 ASP A OD2 1 
ATOM   986  N N   . GLY A 1 123 ? -7.277  16.148  11.631  1.00 7.87  ? 146 GLY A N   1 
ATOM   987  C CA  . GLY A 1 123 ? -6.262  16.879  10.905  1.00 9.78  ? 146 GLY A CA  1 
ATOM   988  C C   . GLY A 1 123 ? -6.858  17.714  9.812   1.00 9.94  ? 146 GLY A C   1 
ATOM   989  O O   . GLY A 1 123 ? -8.074  17.670  9.575   1.00 10.50 ? 146 GLY A O   1 
ATOM   990  N N   . PRO A 1 124 ? -6.000  18.472  9.126   1.00 11.11 ? 147 PRO A N   1 
ATOM   991  C CA  . PRO A 1 124 ? -6.380  19.478  8.151   1.00 11.92 ? 147 PRO A CA  1 
ATOM   992  C C   . PRO A 1 124 ? -6.413  19.002  6.684   1.00 11.69 ? 147 PRO A C   1 
ATOM   993  O O   . PRO A 1 124 ? -6.854  19.758  5.811   1.00 13.80 ? 147 PRO A O   1 
ATOM   994  C CB  . PRO A 1 124 ? -5.269  20.515  8.328   1.00 11.98 ? 147 PRO A CB  1 
ATOM   995  C CG  . PRO A 1 124 ? -4.085  19.674  8.525   1.00 12.47 ? 147 PRO A CG  1 
ATOM   996  C CD  . PRO A 1 124 ? -4.558  18.528  9.413   1.00 11.12 ? 147 PRO A CD  1 
ATOM   997  N N   . VAL A 1 125 ? -5.965  17.779  6.439   1.00 11.23 ? 148 VAL A N   1 
ATOM   998  C CA  . VAL A 1 125 ? -5.770  17.285  5.082   1.00 10.93 ? 148 VAL A CA  1 
ATOM   999  C C   . VAL A 1 125 ? -7.049  16.685  4.534   1.00 11.11 ? 148 VAL A C   1 
ATOM   1000 O O   . VAL A 1 125 ? -7.723  15.915  5.211   1.00 11.09 ? 148 VAL A O   1 
ATOM   1001 C CB  . VAL A 1 125 ? -4.621  16.243  5.020   1.00 10.49 ? 148 VAL A CB  1 
ATOM   1002 C CG1 . VAL A 1 125 ? -4.309  15.872  3.553   1.00 11.56 ? 148 VAL A CG1 1 
ATOM   1003 C CG2 . VAL A 1 125 ? -3.362  16.779  5.755   1.00 10.97 ? 148 VAL A CG2 1 
ATOM   1004 N N   . THR A 1 126 ? -7.382  17.019  3.292   1.00 10.28 ? 149 THR A N   1 
ATOM   1005 C CA  . THR A 1 126 ? -8.427  16.297  2.572   1.00 9.88  ? 149 THR A CA  1 
ATOM   1006 C C   . THR A 1 126 ? -7.762  15.061  1.975   1.00 8.97  ? 149 THR A C   1 
ATOM   1007 O O   . THR A 1 126 ? -6.974  15.166  1.032   1.00 8.49  ? 149 THR A O   1 
ATOM   1008 C CB  . THR A 1 126 ? -9.042  17.164  1.455   1.00 10.04 ? 149 THR A CB  1 
ATOM   1009 O OG1 . THR A 1 126 ? -9.722  18.272  2.087   1.00 11.88 ? 149 THR A OG1 1 
ATOM   1010 C CG2 . THR A 1 126 ? -10.066 16.347  0.634   1.00 12.62 ? 149 THR A CG2 1 
ATOM   1011 N N   . ILE A 1 127 ? -8.064  13.916  2.580   1.00 7.93  ? 150 ILE A N   1 
ATOM   1012 C CA  . ILE A 1 127 ? -7.510  12.617  2.154   1.00 8.89  ? 150 ILE A CA  1 
ATOM   1013 C C   . ILE A 1 127 ? -8.552  11.904  1.305   1.00 9.33  ? 150 ILE A C   1 
ATOM   1014 O O   . ILE A 1 127 ? -9.681  11.655  1.773   1.00 9.50  ? 150 ILE A O   1 
ATOM   1015 C CB  . ILE A 1 127 ? -7.156  11.731  3.374   1.00 9.06  ? 150 ILE A CB  1 
ATOM   1016 C CG1 . ILE A 1 127 ? -6.170  12.464  4.291   1.00 9.73  ? 150 ILE A CG1 1 
ATOM   1017 C CG2 . ILE A 1 127 ? -6.599  10.368  2.910   1.00 9.91  ? 150 ILE A CG2 1 
ATOM   1018 C CD1 . ILE A 1 127 ? -6.067  11.822  5.704   1.00 10.08 ? 150 ILE A CD1 1 
ATOM   1019 N N   . THR A 1 128 ? -8.164  11.512  0.092   1.00 7.64  ? 151 THR A N   1 
ATOM   1020 C CA  . THR A 1 128 ? -9.118  10.865  -0.799  1.00 7.67  ? 151 THR A CA  1 
ATOM   1021 C C   . THR A 1 128 ? -8.606  9.464   -1.100  1.00 8.29  ? 151 THR A C   1 
ATOM   1022 O O   . THR A 1 128 ? -7.512  9.313   -1.638  1.00 7.54  ? 151 THR A O   1 
ATOM   1023 C CB  . THR A 1 128 ? -9.300  11.672  -2.103  1.00 8.23  ? 151 THR A CB  1 
ATOM   1024 O OG1 . THR A 1 128 ? -9.813  12.991  -1.786  1.00 10.18 ? 151 THR A OG1 1 
ATOM   1025 C CG2 . THR A 1 128 ? -10.280 10.974  -3.016  1.00 8.80  ? 151 THR A CG2 1 
ATOM   1026 N N   . ILE A 1 129 ? -9.385  8.456   -0.697  1.00 7.13  ? 152 ILE A N   1 
ATOM   1027 C CA  . ILE A 1 129 ? -9.174  7.084   -1.139  1.00 7.31  ? 152 ILE A CA  1 
ATOM   1028 C C   . ILE A 1 129 ? -9.633  6.957   -2.574  1.00 6.71  ? 152 ILE A C   1 
ATOM   1029 O O   . ILE A 1 129 ? -10.788 7.268   -2.895  1.00 6.98  ? 152 ILE A O   1 
ATOM   1030 C CB  . ILE A 1 129 ? -9.959  6.059   -0.256  1.00 7.99  ? 152 ILE A CB  1 
ATOM   1031 C CG1 . ILE A 1 129 ? -9.603  6.200   1.247   1.00 10.91 ? 152 ILE A CG1 1 
ATOM   1032 C CG2 . ILE A 1 129 ? -9.713  4.642   -0.782  1.00 8.48  ? 152 ILE A CG2 1 
ATOM   1033 C CD1 . ILE A 1 129 ? -8.121  6.390   1.544   1.00 17.38 ? 152 ILE A CD1 1 
ATOM   1034 N N   . VAL A 1 130 ? -8.741  6.512   -3.462  1.00 5.48  ? 153 VAL A N   1 
ATOM   1035 C CA  . VAL A 1 130 ? -9.106  6.376   -4.885  1.00 4.91  ? 153 VAL A CA  1 
ATOM   1036 C C   . VAL A 1 130 ? -9.007  4.909   -5.253  1.00 5.26  ? 153 VAL A C   1 
ATOM   1037 O O   . VAL A 1 130 ? -7.903  4.338   -5.241  1.00 5.19  ? 153 VAL A O   1 
ATOM   1038 C CB  . VAL A 1 130 ? -8.196  7.219   -5.823  1.00 3.56  ? 153 VAL A CB  1 
ATOM   1039 C CG1 . VAL A 1 130 ? -8.702  7.114   -7.292  1.00 6.50  ? 153 VAL A CG1 1 
ATOM   1040 C CG2 . VAL A 1 130 ? -8.106  8.700   -5.328  1.00 4.45  ? 153 VAL A CG2 1 
ATOM   1041 N N   . ASN A 1 131 ? -10.150 4.299   -5.599  1.00 4.78  ? 154 ASN A N   1 
ATOM   1042 C CA  . ASN A 1 131 ? -10.145 2.909   -6.047  1.00 4.37  ? 154 ASN A CA  1 
ATOM   1043 C C   . ASN A 1 131 ? -9.805  2.780   -7.518  1.00 4.23  ? 154 ASN A C   1 
ATOM   1044 O O   . ASN A 1 131 ? -9.865  3.768   -8.266  1.00 5.02  ? 154 ASN A O   1 
ATOM   1045 C CB  . ASN A 1 131 ? -11.499 2.288   -5.728  1.00 5.12  ? 154 ASN A CB  1 
ATOM   1046 C CG  . ASN A 1 131 ? -11.683 2.143   -4.255  1.00 5.61  ? 154 ASN A CG  1 
ATOM   1047 O OD1 . ASN A 1 131 ? -11.192 1.167   -3.648  1.00 7.37  ? 154 ASN A OD1 1 
ATOM   1048 N ND2 . ASN A 1 131 ? -12.333 3.136   -3.634  1.00 6.16  ? 154 ASN A ND2 1 
ATOM   1049 N N   . ARG A 1 132 ? -9.403  1.587   -7.934  1.00 4.44  ? 155 ARG A N   1 
ATOM   1050 C CA  . ARG A 1 132 ? -8.995  1.406   -9.310  1.00 5.17  ? 155 ARG A CA  1 
ATOM   1051 C C   . ARG A 1 132 ? -10.163 1.603   -10.282 1.00 5.85  ? 155 ARG A C   1 
ATOM   1052 O O   . ARG A 1 132 ? -9.949  2.040   -11.399 1.00 5.62  ? 155 ARG A O   1 
ATOM   1053 C CB  . ARG A 1 132 ? -8.247  0.075   -9.522  1.00 5.95  ? 155 ARG A CB  1 
ATOM   1054 C CG  . ARG A 1 132 ? -7.791  -0.190  -10.945 1.00 5.31  ? 155 ARG A CG  1 
ATOM   1055 C CD  . ARG A 1 132 ? -6.702  0.766   -11.420 1.00 8.76  ? 155 ARG A CD  1 
ATOM   1056 N NE  . ARG A 1 132 ? -7.233  2.091   -11.802 1.00 8.07  ? 155 ARG A NE  1 
ATOM   1057 C CZ  . ARG A 1 132 ? -6.544  2.971   -12.533 1.00 7.90  ? 155 ARG A CZ  1 
ATOM   1058 N NH1 . ARG A 1 132 ? -5.339  2.648   -12.977 1.00 9.22  ? 155 ARG A NH1 1 
ATOM   1059 N NH2 . ARG A 1 132 ? -7.054  4.145   -12.825 1.00 8.06  ? 155 ARG A NH2 1 
ATOM   1060 N N   . ASP A 1 133 ? -11.401 1.329   -9.829  1.00 5.49  ? 156 ASP A N   1 
ATOM   1061 C CA  . ASP A 1 133 ? -12.591 1.629   -10.665 1.00 5.48  ? 156 ASP A CA  1 
ATOM   1062 C C   . ASP A 1 133 ? -13.086 3.071   -10.591 1.00 6.14  ? 156 ASP A C   1 
ATOM   1063 O O   . ASP A 1 133 ? -14.115 3.404   -11.198 1.00 4.92  ? 156 ASP A O   1 
ATOM   1064 C CB  . ASP A 1 133 ? -13.739 0.658   -10.344 1.00 6.90  ? 156 ASP A CB  1 
ATOM   1065 C CG  . ASP A 1 133 ? -14.357 0.891   -8.963  1.00 8.03  ? 156 ASP A CG  1 
ATOM   1066 O OD1 . ASP A 1 133 ? -13.923 1.843   -8.258  1.00 9.17  ? 156 ASP A OD1 1 
ATOM   1067 O OD2 . ASP A 1 133 ? -15.248 0.064   -8.581  1.00 7.49  ? 156 ASP A OD2 1 
ATOM   1068 N N   . GLY A 1 134 ? -12.318 3.920   -9.897  1.00 5.92  ? 157 GLY A N   1 
ATOM   1069 C CA  . GLY A 1 134 ? -12.549 5.349   -9.848  1.00 6.20  ? 157 GLY A CA  1 
ATOM   1070 C C   . GLY A 1 134 ? -13.387 5.756   -8.662  1.00 5.92  ? 157 GLY A C   1 
ATOM   1071 O O   . GLY A 1 134 ? -13.489 6.934   -8.380  1.00 6.63  ? 157 GLY A O   1 
ATOM   1072 N N   . THR A 1 135 ? -13.976 4.781   -7.958  1.00 5.49  ? 158 THR A N   1 
ATOM   1073 C CA  . THR A 1 135 ? -14.780 5.106   -6.784  1.00 7.67  ? 158 THR A CA  1 
ATOM   1074 C C   . THR A 1 135 ? -13.922 5.869   -5.764  1.00 6.45  ? 158 THR A C   1 
ATOM   1075 O O   . THR A 1 135 ? -12.794 5.465   -5.482  1.00 6.56  ? 158 THR A O   1 
ATOM   1076 C CB  . THR A 1 135 ? -15.350 3.811   -6.112  1.00 5.98  ? 158 THR A CB  1 
ATOM   1077 O OG1 . THR A 1 135 ? -16.053 3.008   -7.069  1.00 13.64 ? 158 THR A OG1 1 
ATOM   1078 C CG2 . THR A 1 135 ? -16.345 4.225   -5.023  1.00 10.96 ? 158 THR A CG2 1 
ATOM   1079 N N   A ARG A 1 136 ? -14.467 6.942   -5.185  0.50 6.56  ? 159 ARG A N   1 
ATOM   1080 N N   B ARG A 1 136 ? -14.484 6.914   -5.157  0.50 6.54  ? 159 ARG A N   1 
ATOM   1081 C CA  A ARG A 1 136 ? -13.712 7.774   -4.234  0.50 6.88  ? 159 ARG A CA  1 
ATOM   1082 C CA  B ARG A 1 136 ? -13.720 7.749   -4.230  0.50 6.96  ? 159 ARG A CA  1 
ATOM   1083 C C   A ARG A 1 136 ? -14.448 7.977   -2.924  0.50 8.02  ? 159 ARG A C   1 
ATOM   1084 C C   B ARG A 1 136 ? -14.450 7.980   -2.923  0.50 8.06  ? 159 ARG A C   1 
ATOM   1085 O O   A ARG A 1 136 ? -15.697 8.036   -2.893  0.50 7.37  ? 159 ARG A O   1 
ATOM   1086 O O   B ARG A 1 136 ? -15.696 8.060   -2.891  0.50 7.43  ? 159 ARG A O   1 
ATOM   1087 C CB  A ARG A 1 136 ? -13.328 9.142   -4.814  0.50 6.88  ? 159 ARG A CB  1 
ATOM   1088 C CB  B ARG A 1 136 ? -13.354 9.096   -4.850  0.50 7.00  ? 159 ARG A CB  1 
ATOM   1089 C CG  A ARG A 1 136 ? -12.031 9.131   -5.651  0.50 6.52  ? 159 ARG A CG  1 
ATOM   1090 C CG  B ARG A 1 136 ? -12.295 9.006   -5.963  0.50 6.75  ? 159 ARG A CG  1 
ATOM   1091 C CD  A ARG A 1 136 ? -11.760 10.532  -6.280  0.50 7.02  ? 159 ARG A CD  1 
ATOM   1092 C CD  B ARG A 1 136 ? -12.222 10.356  -6.679  0.50 7.37  ? 159 ARG A CD  1 
ATOM   1093 N NE  A ARG A 1 136 ? -10.820 10.433  -7.396  0.50 7.50  ? 159 ARG A NE  1 
ATOM   1094 N NE  B ARG A 1 136 ? -11.004 10.543  -7.463  0.50 8.38  ? 159 ARG A NE  1 
ATOM   1095 C CZ  A ARG A 1 136 ? -9.702  11.139  -7.536  0.50 7.68  ? 159 ARG A CZ  1 
ATOM   1096 C CZ  B ARG A 1 136 ? -10.796 9.997   -8.653  0.50 7.17  ? 159 ARG A CZ  1 
ATOM   1097 N NH1 A ARG A 1 136 ? -9.318  12.082  -6.628  0.50 3.66  ? 159 ARG A NH1 1 
ATOM   1098 N NH1 B ARG A 1 136 ? -9.656  10.269  -9.303  0.50 5.18  ? 159 ARG A NH1 1 
ATOM   1099 N NH2 A ARG A 1 136 ? -8.969  10.904  -8.621  0.50 8.62  ? 159 ARG A NH2 1 
ATOM   1100 N NH2 B ARG A 1 136 ? -11.726 9.208   -9.206  0.50 5.71  ? 159 ARG A NH2 1 
ATOM   1101 N N   . TYR A 1 137 ? -13.654 8.049   -1.852  1.00 8.43  ? 160 TYR A N   1 
ATOM   1102 C CA  . TYR A 1 137 ? -14.147 8.429   -0.534  1.00 11.89 ? 160 TYR A CA  1 
ATOM   1103 C C   . TYR A 1 137 ? -13.180 9.465   0.025   1.00 11.73 ? 160 TYR A C   1 
ATOM   1104 O O   . TYR A 1 137 ? -11.966 9.249   0.036   1.00 12.64 ? 160 TYR A O   1 
ATOM   1105 C CB  . TYR A 1 137 ? -14.242 7.196   0.368   1.00 11.73 ? 160 TYR A CB  1 
ATOM   1106 C CG  . TYR A 1 137 ? -14.356 7.525   1.837   1.00 19.03 ? 160 TYR A CG  1 
ATOM   1107 C CD1 . TYR A 1 137 ? -15.587 7.901   2.387   1.00 24.21 ? 160 TYR A CD1 1 
ATOM   1108 C CD2 . TYR A 1 137 ? -13.233 7.489   2.677   1.00 21.62 ? 160 TYR A CD2 1 
ATOM   1109 C CE1 . TYR A 1 137 ? -15.703 8.227   3.732   1.00 24.85 ? 160 TYR A CE1 1 
ATOM   1110 C CE2 . TYR A 1 137 ? -13.343 7.819   4.044   1.00 23.70 ? 160 TYR A CE2 1 
ATOM   1111 C CZ  . TYR A 1 137 ? -14.592 8.173   4.557   1.00 25.70 ? 160 TYR A CZ  1 
ATOM   1112 O OH  . TYR A 1 137 ? -14.764 8.501   5.888   1.00 28.03 ? 160 TYR A OH  1 
ATOM   1113 N N   . SER A 1 138 ? -13.697 10.605  0.480   1.00 12.29 ? 161 SER A N   1 
ATOM   1114 C CA  . SER A 1 138 ? -12.794 11.607  1.020   1.00 12.70 ? 161 SER A CA  1 
ATOM   1115 C C   . SER A 1 138 ? -13.161 11.908  2.469   1.00 12.83 ? 161 SER A C   1 
ATOM   1116 O O   . SER A 1 138 ? -14.332 11.769  2.883   1.00 13.22 ? 161 SER A O   1 
ATOM   1117 C CB  . SER A 1 138 ? -12.850 12.916  0.240   1.00 13.51 ? 161 SER A CB  1 
ATOM   1118 O OG  . SER A 1 138 ? -12.405 12.786  -1.106  1.00 16.31 ? 161 SER A OG  1 
ATOM   1119 N N   . LYS A 1 139 ? -12.161 12.318  3.227   1.00 12.56 ? 162 LYS A N   1 
ATOM   1120 C CA  . LYS A 1 139 ? -12.372 12.795  4.587   1.00 13.32 ? 162 LYS A CA  1 
ATOM   1121 C C   . LYS A 1 139 ? -11.263 13.748  4.960   1.00 13.19 ? 162 LYS A C   1 
ATOM   1122 O O   . LYS A 1 139 ? -10.141 13.646  4.426   1.00 13.84 ? 162 LYS A O   1 
ATOM   1123 C CB  . LYS A 1 139 ? -12.388 11.638  5.589   1.00 13.04 ? 162 LYS A CB  1 
ATOM   1124 C CG  . LYS A 1 139 ? -11.073 10.887  5.744   1.00 14.96 ? 162 LYS A CG  1 
ATOM   1125 C CD  . LYS A 1 139 ? -11.258 9.610   6.549   1.00 16.91 ? 162 LYS A CD  1 
ATOM   1126 C CE  . LYS A 1 139 ? -11.810 9.854   7.942   1.00 18.28 ? 162 LYS A CE  1 
ATOM   1127 N NZ  . LYS A 1 139 ? -11.776 8.609   8.756   1.00 20.71 ? 162 LYS A NZ  1 
ATOM   1128 N N   . LYS A 1 140 ? -11.565 14.650  5.898   1.00 12.52 ? 163 LYS A N   1 
ATOM   1129 C CA  . LYS A 1 140 ? -10.558 15.539  6.463   1.00 12.54 ? 163 LYS A CA  1 
ATOM   1130 C C   . LYS A 1 140 ? -9.871  14.834  7.618   1.00 11.11 ? 163 LYS A C   1 
ATOM   1131 O O   . LYS A 1 140 ? -10.526 14.213  8.469   1.00 12.59 ? 163 LYS A O   1 
ATOM   1132 C CB  . LYS A 1 140 ? -11.170 16.869  6.939   1.00 13.04 ? 163 LYS A CB  1 
ATOM   1133 C CG  . LYS A 1 140 ? -11.264 17.949  5.860   1.00 18.19 ? 163 LYS A CG  1 
ATOM   1134 C CD  . LYS A 1 140 ? -9.935  18.733  5.732   1.00 22.21 ? 163 LYS A CD  1 
ATOM   1135 C CE  . LYS A 1 140 ? -10.021 19.926  4.732   1.00 25.08 ? 163 LYS A CE  1 
ATOM   1136 N NZ  . LYS A 1 140 ? -8.775  20.113  3.850   1.00 22.51 ? 163 LYS A NZ  1 
ATOM   1137 N N   . GLY A 1 141 ? -8.544  14.867  7.622   1.00 10.66 ? 164 GLY A N   1 
ATOM   1138 C CA  . GLY A 1 141 ? -7.807  14.171  8.667   1.00 9.60  ? 164 GLY A CA  1 
ATOM   1139 C C   . GLY A 1 141 ? -6.310  14.228  8.498   1.00 9.53  ? 164 GLY A C   1 
ATOM   1140 O O   . GLY A 1 141 ? -5.786  15.073  7.752   1.00 9.46  ? 164 GLY A O   1 
ATOM   1141 N N   . GLU A 1 142 ? -5.613  13.326  9.196   1.00 8.66  ? 165 GLU A N   1 
ATOM   1142 C CA  . GLU A 1 142 ? -4.165  13.212  9.078   1.00 8.74  ? 165 GLU A CA  1 
ATOM   1143 C C   . GLU A 1 142 ? -3.819  11.764  9.470   1.00 8.59  ? 165 GLU A C   1 
ATOM   1144 O O   . GLU A 1 142 ? -4.633  11.113  10.144  1.00 9.08  ? 165 GLU A O   1 
ATOM   1145 C CB  . GLU A 1 142 ? -3.470  14.278  9.956   1.00 8.06  ? 165 GLU A CB  1 
ATOM   1146 C CG  . GLU A 1 142 ? -1.937  14.212  9.999   1.00 9.39  ? 165 GLU A CG  1 
ATOM   1147 C CD  . GLU A 1 142 ? -1.329  14.418  8.610   1.00 12.54 ? 165 GLU A CD  1 
ATOM   1148 O OE1 . GLU A 1 142 ? -1.107  15.597  8.218   1.00 12.17 ? 165 GLU A OE1 1 
ATOM   1149 O OE2 . GLU A 1 142 ? -1.059  13.389  7.928   1.00 11.52 ? 165 GLU A OE2 1 
ATOM   1150 N N   . TYR A 1 143 ? -2.685  11.246  8.976   1.00 9.04  ? 166 TYR A N   1 
ATOM   1151 C CA  . TYR A 1 143 ? -2.154  9.936   9.385   1.00 8.70  ? 166 TYR A CA  1 
ATOM   1152 C C   . TYR A 1 143 ? -0.655  9.992   9.722   1.00 9.98  ? 166 TYR A C   1 
ATOM   1153 O O   . TYR A 1 143 ? -0.135  9.086   10.347  1.00 8.63  ? 166 TYR A O   1 
ATOM   1154 C CB  . TYR A 1 143 ? -2.447  8.840   8.314   1.00 9.01  ? 166 TYR A CB  1 
ATOM   1155 C CG  . TYR A 1 143 ? -1.738  9.131   7.015   1.00 8.44  ? 166 TYR A CG  1 
ATOM   1156 C CD1 . TYR A 1 143 ? -0.438  8.657   6.777   1.00 9.11  ? 166 TYR A CD1 1 
ATOM   1157 C CD2 . TYR A 1 143 ? -2.359  9.904   6.026   1.00 8.55  ? 166 TYR A CD2 1 
ATOM   1158 C CE1 . TYR A 1 143 ? 0.236   8.975   5.574   1.00 9.19  ? 166 TYR A CE1 1 
ATOM   1159 C CE2 . TYR A 1 143 ? -1.691  10.210  4.809   1.00 11.03 ? 166 TYR A CE2 1 
ATOM   1160 C CZ  . TYR A 1 143 ? -0.408  9.756   4.618   1.00 9.27  ? 166 TYR A CZ  1 
ATOM   1161 O OH  . TYR A 1 143 ? 0.259   10.062  3.463   1.00 11.80 ? 166 TYR A OH  1 
ATOM   1162 N N   . ARG A 1 144 ? 0.023   11.079  9.349   1.00 10.27 ? 167 ARG A N   1 
ATOM   1163 C CA  . ARG A 1 144 ? 1.478   11.166  9.552   1.00 11.42 ? 167 ARG A CA  1 
ATOM   1164 C C   . ARG A 1 144 ? 1.784   11.611  10.975  1.00 12.50 ? 167 ARG A C   1 
ATOM   1165 O O   . ARG A 1 144 ? 1.305   12.669  11.427  1.00 13.85 ? 167 ARG A O   1 
ATOM   1166 C CB  . ARG A 1 144 ? 2.118   12.097  8.519   1.00 11.10 ? 167 ARG A CB  1 
ATOM   1167 C CG  . ARG A 1 144 ? 1.955   11.599  7.085   1.00 11.21 ? 167 ARG A CG  1 
ATOM   1168 C CD  . ARG A 1 144 ? 2.109   12.708  6.047   1.00 13.59 ? 167 ARG A CD  1 
ATOM   1169 N NE  . ARG A 1 144 ? 1.109   13.782  6.219   1.00 13.33 ? 167 ARG A NE  1 
ATOM   1170 C CZ  . ARG A 1 144 ? 1.103   14.899  5.502   1.00 15.92 ? 167 ARG A CZ  1 
ATOM   1171 N NH1 . ARG A 1 144 ? 2.018   15.081  4.541   1.00 16.52 ? 167 ARG A NH1 1 
ATOM   1172 N NH2 . ARG A 1 144 ? 0.197   15.838  5.734   1.00 15.76 ? 167 ARG A NH2 1 
ATOM   1173 N N   . THR A 1 145 ? 2.567   10.797  11.673  1.00 12.91 ? 168 THR A N   1 
ATOM   1174 C CA  . THR A 1 145 ? 2.984   11.109  13.039  1.00 14.92 ? 168 THR A CA  1 
ATOM   1175 C C   . THR A 1 145 ? 4.400   11.671  13.146  1.00 16.27 ? 168 THR A C   1 
ATOM   1176 O O   . THR A 1 145 ? 4.778   12.163  14.206  1.00 17.65 ? 168 THR A O   1 
ATOM   1177 C CB  . THR A 1 145 ? 2.838   9.899   13.993  1.00 15.48 ? 168 THR A CB  1 
ATOM   1178 O OG1 . THR A 1 145 ? 3.834   8.911   13.700  1.00 14.91 ? 168 THR A OG1 1 
ATOM   1179 C CG2 . THR A 1 145 ? 1.463   9.286   13.878  1.00 14.69 ? 168 THR A CG2 1 
ATOM   1180 N N   . HIS A 1 146 ? 5.179   11.587  12.069  1.00 17.20 ? 169 HIS A N   1 
ATOM   1181 C CA  . HIS A 1 146 ? 6.576   12.075  12.040  1.00 18.28 ? 169 HIS A CA  1 
ATOM   1182 C C   . HIS A 1 146 ? 6.686   13.404  11.307  1.00 19.58 ? 169 HIS A C   1 
ATOM   1183 O O   . HIS A 1 146 ? 6.357   13.505  10.127  1.00 19.08 ? 169 HIS A O   1 
ATOM   1184 C CB  . HIS A 1 146 ? 7.479   11.027  11.378  1.00 18.44 ? 169 HIS A CB  1 
ATOM   1185 C CG  . HIS A 1 146 ? 7.488   9.716   12.092  1.00 20.04 ? 169 HIS A CG  1 
ATOM   1186 N ND1 . HIS A 1 146 ? 8.433   9.397   13.041  1.00 22.40 ? 169 HIS A ND1 1 
ATOM   1187 C CD2 . HIS A 1 146 ? 6.650   8.654   12.022  1.00 20.35 ? 169 HIS A CD2 1 
ATOM   1188 C CE1 . HIS A 1 146 ? 8.190   8.183   13.507  1.00 25.33 ? 169 HIS A CE1 1 
ATOM   1189 N NE2 . HIS A 1 146 ? 7.114   7.712   12.908  1.00 22.63 ? 169 HIS A NE2 1 
ATOM   1190 N N   . GLN A 1 147 ? 7.146   14.440  12.007  1.00 21.60 ? 170 GLN A N   1 
ATOM   1191 C CA  . GLN A 1 147 ? 7.259   15.768  11.394  1.00 23.17 ? 170 GLN A CA  1 
ATOM   1192 C C   . GLN A 1 147 ? 8.085   15.750  10.101  1.00 23.53 ? 170 GLN A C   1 
ATOM   1193 O O   . GLN A 1 147 ? 7.749   16.458  9.135   1.00 24.49 ? 170 GLN A O   1 
ATOM   1194 C CB  . GLN A 1 147 ? 7.823   16.789  12.403  1.00 24.48 ? 170 GLN A CB  1 
ATOM   1195 C CG  . GLN A 1 147 ? 7.692   18.263  11.952  1.00 26.73 ? 170 GLN A CG  1 
ATOM   1196 C CD  . GLN A 1 147 ? 6.285   18.647  11.463  1.00 30.79 ? 170 GLN A CD  1 
ATOM   1197 O OE1 . GLN A 1 147 ? 5.283   18.428  12.151  1.00 33.32 ? 170 GLN A OE1 1 
ATOM   1198 N NE2 . GLN A 1 147 ? 6.215   19.244  10.272  1.00 30.63 ? 170 GLN A NE2 1 
ATOM   1199 N N   . GLU A 1 148 ? 9.150   14.944  10.084  1.00 23.67 ? 171 GLU A N   1 
ATOM   1200 C CA  . GLU A 1 148 ? 10.007  14.766  8.883   1.00 24.85 ? 171 GLU A CA  1 
ATOM   1201 C C   . GLU A 1 148 ? 9.202   14.372  7.648   1.00 24.05 ? 171 GLU A C   1 
ATOM   1202 O O   . GLU A 1 148 ? 9.601   14.680  6.521   1.00 23.70 ? 171 GLU A O   1 
ATOM   1203 C CB  . GLU A 1 148 ? 11.088  13.707  9.121   1.00 25.47 ? 171 GLU A CB  1 
ATOM   1204 C CG  . GLU A 1 148 ? 12.067  14.029  10.249  1.00 30.31 ? 171 GLU A CG  1 
ATOM   1205 C CD  . GLU A 1 148 ? 11.429  14.017  11.648  1.00 34.84 ? 171 GLU A CD  1 
ATOM   1206 O OE1 . GLU A 1 148 ? 10.460  13.249  11.888  1.00 35.74 ? 171 GLU A OE1 1 
ATOM   1207 O OE2 . GLU A 1 148 ? 11.911  14.783  12.516  1.00 36.60 ? 171 GLU A OE2 1 
ATOM   1208 N N   . ASP A 1 149 ? 8.063   13.711  7.857   1.00 22.78 ? 172 ASP A N   1 
ATOM   1209 C CA  . ASP A 1 149 ? 7.214   13.275  6.734   1.00 22.63 ? 172 ASP A CA  1 
ATOM   1210 C C   . ASP A 1 149 ? 6.195   14.288  6.187   1.00 23.56 ? 172 ASP A C   1 
ATOM   1211 O O   . ASP A 1 149 ? 5.584   14.054  5.124   1.00 24.80 ? 172 ASP A O   1 
ATOM   1212 C CB  . ASP A 1 149 ? 6.500   11.955  7.088   1.00 21.17 ? 172 ASP A CB  1 
ATOM   1213 C CG  . ASP A 1 149 ? 7.465   10.799  7.268   1.00 18.91 ? 172 ASP A CG  1 
ATOM   1214 O OD1 . ASP A 1 149 ? 8.449   10.726  6.504   1.00 15.86 ? 172 ASP A OD1 1 
ATOM   1215 O OD2 . ASP A 1 149 ? 7.258   9.952   8.169   1.00 14.33 ? 172 ASP A OD2 1 
ATOM   1216 N N   A ILE A 1 150 ? 6.006   15.399  6.886   0.50 23.55 ? 173 ILE A N   1 
ATOM   1217 N N   B ILE A 1 150 ? 6.018   15.396  6.902   0.50 23.62 ? 173 ILE A N   1 
ATOM   1218 C CA  A ILE A 1 150 ? 4.996   16.366  6.470   0.50 23.33 ? 173 ILE A CA  1 
ATOM   1219 C CA  B ILE A 1 150 ? 5.010   16.392  6.546   0.50 23.47 ? 173 ILE A CA  1 
ATOM   1220 C C   A ILE A 1 150 ? 5.546   17.521  5.625   0.50 23.48 ? 173 ILE A C   1 
ATOM   1221 C C   B ILE A 1 150 ? 5.586   17.671  5.928   0.50 23.68 ? 173 ILE A C   1 
ATOM   1222 O O   A ILE A 1 150 ? 5.071   17.761  4.512   0.50 23.09 ? 173 ILE A O   1 
ATOM   1223 O O   B ILE A 1 150 ? 6.742   18.020  6.151   0.50 23.54 ? 173 ILE A O   1 
ATOM   1224 C CB  A ILE A 1 150 ? 4.234   16.895  7.673   0.50 23.42 ? 173 ILE A CB  1 
ATOM   1225 C CB  B ILE A 1 150 ? 4.165   16.757  7.763   0.50 23.53 ? 173 ILE A CB  1 
ATOM   1226 C CG1 A ILE A 1 150 ? 3.588   15.719  8.414   0.50 22.45 ? 173 ILE A CG1 1 
ATOM   1227 C CG1 B ILE A 1 150 ? 3.570   15.488  8.377   0.50 22.30 ? 173 ILE A CG1 1 
ATOM   1228 C CG2 A ILE A 1 150 ? 3.202   17.933  7.227   0.50 23.33 ? 173 ILE A CG2 1 
ATOM   1229 C CG2 B ILE A 1 150 ? 3.081   17.767  7.375   0.50 23.64 ? 173 ILE A CG2 1 
ATOM   1230 C CD1 A ILE A 1 150 ? 2.887   16.104  9.687   0.50 22.20 ? 173 ILE A CD1 1 
ATOM   1231 C CD1 B ILE A 1 150 ? 2.702   15.731  9.588   0.50 21.80 ? 173 ILE A CD1 1 
HETATM 1232 C CAG . 24W B 2 .   ? -2.928  4.270   -10.547 1.00 11.17 ? 201 24W A CAG 1 
HETATM 1233 N NAH . 24W B 2 .   ? -1.645  3.511   -10.410 1.00 8.89  ? 201 24W A NAH 1 
HETATM 1234 C CAE . 24W B 2 .   ? -1.936  2.069   -10.338 1.00 8.45  ? 201 24W A CAE 1 
HETATM 1235 C CAF . 24W B 2 .   ? -2.761  1.753   -9.094  1.00 6.94  ? 201 24W A CAF 1 
HETATM 1236 C CAK . 24W B 2 .   ? -3.922  2.596   -8.988  1.00 6.39  ? 201 24W A CAK 1 
HETATM 1237 C CAJ . 24W B 2 .   ? -3.987  3.831   -9.677  1.00 9.42  ? 201 24W A CAJ 1 
HETATM 1238 C CAD . 24W B 2 .   ? -5.145  4.614   -9.506  1.00 6.74  ? 201 24W A CAD 1 
HETATM 1239 C CAB . 24W B 2 .   ? -6.201  4.207   -8.676  1.00 6.50  ? 201 24W A CAB 1 
HETATM 1240 C CAC . 24W B 2 .   ? -6.121  2.989   -7.961  1.00 6.92  ? 201 24W A CAC 1 
HETATM 1241 C CAI . 24W B 2 .   ? -4.983  2.209   -8.144  1.00 5.57  ? 201 24W A CAI 1 
HETATM 1242 N NAA . 24W B 2 .   ? -4.872  1.007   -7.474  1.00 7.22  ? 201 24W A NAA 1 
HETATM 1243 S S   . DMS C 3 .   ? -11.836 -1.391  -6.633  1.00 15.11 ? 202 DMS A S   1 
HETATM 1244 O O   . DMS C 3 .   ? -11.398 -0.725  -8.148  1.00 11.97 ? 202 DMS A O   1 
HETATM 1245 C C1  . DMS C 3 .   ? -13.602 -1.826  -6.784  1.00 11.35 ? 202 DMS A C1  1 
HETATM 1246 C C2  . DMS C 3 .   ? -10.867 -2.927  -6.638  1.00 13.45 ? 202 DMS A C2  1 
HETATM 1247 C C1  . GOL D 4 .   ? 10.513  -1.223  -11.787 1.00 28.32 ? 203 GOL A C1  1 
HETATM 1248 O O1  . GOL D 4 .   ? 10.223  -2.513  -12.280 1.00 26.02 ? 203 GOL A O1  1 
HETATM 1249 C C2  . GOL D 4 .   ? 9.231   -0.536  -11.335 1.00 26.99 ? 203 GOL A C2  1 
HETATM 1250 O O2  . GOL D 4 .   ? 8.415   -0.254  -12.443 1.00 28.82 ? 203 GOL A O2  1 
HETATM 1251 C C3  . GOL D 4 .   ? 9.577   0.810   -10.717 1.00 24.07 ? 203 GOL A C3  1 
HETATM 1252 O O3  . GOL D 4 .   ? 8.584   1.709   -11.104 1.00 18.41 ? 203 GOL A O3  1 
HETATM 1253 C C1  . GOL E 4 .   ? 1.635   4.385   -13.859 1.00 25.03 ? 204 GOL A C1  1 
HETATM 1254 O O1  . GOL E 4 .   ? 0.684   4.461   -14.891 1.00 26.19 ? 204 GOL A O1  1 
HETATM 1255 C C2  . GOL E 4 .   ? 0.879   4.264   -12.551 1.00 22.66 ? 204 GOL A C2  1 
HETATM 1256 O O2  . GOL E 4 .   ? -0.184  5.194   -12.337 1.00 18.64 ? 204 GOL A O2  1 
HETATM 1257 C C3  . GOL E 4 .   ? 1.794   4.137   -11.353 1.00 17.53 ? 204 GOL A C3  1 
HETATM 1258 O O3  . GOL E 4 .   ? 1.307   2.983   -10.736 1.00 12.52 ? 204 GOL A O3  1 
HETATM 1259 S S   . SO4 F 5 .   ? -8.702  -2.454  3.867   1.00 42.78 ? 205 SO4 A S   1 
HETATM 1260 O O1  . SO4 F 5 .   ? -10.094 -2.276  4.318   1.00 43.00 ? 205 SO4 A O1  1 
HETATM 1261 O O2  . SO4 F 5 .   ? -8.536  -3.851  3.478   1.00 43.12 ? 205 SO4 A O2  1 
HETATM 1262 O O3  . SO4 F 5 .   ? -8.447  -1.571  2.731   1.00 43.54 ? 205 SO4 A O3  1 
HETATM 1263 O O4  . SO4 F 5 .   ? -7.824  -2.087  4.982   1.00 39.98 ? 205 SO4 A O4  1 
HETATM 1264 O O   . HOH G 6 .   ? -2.372  1.276   -5.727  1.00 4.41  ? 301 HOH A O   1 
HETATM 1265 O O   . HOH G 6 .   ? 3.552   6.449   -3.366  1.00 5.33  ? 302 HOH A O   1 
HETATM 1266 O O   . HOH G 6 .   ? -8.312  -10.090 0.913   1.00 6.37  ? 303 HOH A O   1 
HETATM 1267 O O   . HOH G 6 .   ? -9.036  5.266   -10.547 1.00 5.93  ? 304 HOH A O   1 
HETATM 1268 O O   . HOH G 6 .   ? -2.850  9.159   -8.727  1.00 11.33 ? 305 HOH A O   1 
HETATM 1269 O O   . HOH G 6 .   ? 4.542   -13.813 8.951   1.00 8.95  ? 306 HOH A O   1 
HETATM 1270 O O   . HOH G 6 .   ? -5.110  -1.380  -9.016  1.00 8.77  ? 307 HOH A O   1 
HETATM 1271 O O   . HOH G 6 .   ? -5.799  -15.978 3.401   1.00 9.21  ? 308 HOH A O   1 
HETATM 1272 O O   . HOH G 6 .   ? 11.007  -1.970  4.938   1.00 11.13 ? 309 HOH A O   1 
HETATM 1273 O O   . HOH G 6 .   ? -17.050 0.451   -6.373  1.00 6.55  ? 310 HOH A O   1 
HETATM 1274 O O   . HOH G 6 .   ? -6.602  -3.385  -7.927  1.00 7.37  ? 311 HOH A O   1 
HETATM 1275 O O   . HOH G 6 .   ? 12.841  6.341   -3.869  1.00 8.84  ? 312 HOH A O   1 
HETATM 1276 O O   . HOH G 6 .   ? -8.472  -3.825  -9.970  1.00 9.83  ? 313 HOH A O   1 
HETATM 1277 O O   . HOH G 6 .   ? -5.570  8.741   -8.536  1.00 14.11 ? 314 HOH A O   1 
HETATM 1278 O O   . HOH G 6 .   ? 8.060   -13.518 6.786   1.00 8.09  ? 315 HOH A O   1 
HETATM 1279 O O   . HOH G 6 .   ? -0.787  -1.419  -8.346  1.00 10.22 ? 316 HOH A O   1 
HETATM 1280 O O   . HOH G 6 .   ? -15.543 -2.165  -9.902  1.00 11.64 ? 317 HOH A O   1 
HETATM 1281 O O   . HOH G 6 .   ? -11.895 15.193  13.008  1.00 11.81 ? 318 HOH A O   1 
HETATM 1282 O O   . HOH G 6 .   ? -5.208  -5.749  -7.842  1.00 13.44 ? 319 HOH A O   1 
HETATM 1283 O O   . HOH G 6 .   ? 1.004   -1.615  -10.425 1.00 8.40  ? 320 HOH A O   1 
HETATM 1284 O O   . HOH G 6 .   ? 12.725  5.259   3.792   1.00 12.45 ? 321 HOH A O   1 
HETATM 1285 O O   . HOH G 6 .   ? -12.010 -14.360 -0.157  1.00 9.61  ? 322 HOH A O   1 
HETATM 1286 O O   . HOH G 6 .   ? 2.236   -15.154 8.134   1.00 12.88 ? 323 HOH A O   1 
HETATM 1287 O O   . HOH G 6 .   ? 4.728   9.963   9.431   1.00 11.77 ? 324 HOH A O   1 
HETATM 1288 O O   . HOH G 6 .   ? -2.792  11.797  -7.552  1.00 13.30 ? 325 HOH A O   1 
HETATM 1289 O O   . HOH G 6 .   ? 1.974   -7.793  9.212   1.00 11.21 ? 326 HOH A O   1 
HETATM 1290 O O   . HOH G 6 .   ? -10.900 -2.268  -10.113 1.00 11.99 ? 327 HOH A O   1 
HETATM 1291 O O   . HOH G 6 .   ? -13.005 -4.017  -10.047 1.00 13.43 ? 328 HOH A O   1 
HETATM 1292 O O   . HOH G 6 .   ? 14.227  -11.207 -5.429  1.00 11.53 ? 329 HOH A O   1 
HETATM 1293 O O   . HOH G 6 .   ? -3.336  -8.627  -8.883  1.00 14.61 ? 330 HOH A O   1 
HETATM 1294 O O   . HOH G 6 .   ? 1.673   0.624   -11.936 1.00 15.60 ? 331 HOH A O   1 
HETATM 1295 O O   . HOH G 6 .   ? -10.729 -5.984  2.205   1.00 12.19 ? 332 HOH A O   1 
HETATM 1296 O O   . HOH G 6 .   ? -3.738  0.246   -13.209 1.00 16.86 ? 333 HOH A O   1 
HETATM 1297 O O   . HOH G 6 .   ? 14.991  -10.279 3.196   1.00 18.21 ? 334 HOH A O   1 
HETATM 1298 O O   . HOH G 6 .   ? 7.862   -9.476  -14.010 1.00 11.61 ? 335 HOH A O   1 
HETATM 1299 O O   . HOH G 6 .   ? 3.279   12.562  -3.122  1.00 13.03 ? 336 HOH A O   1 
HETATM 1300 O O   . HOH G 6 .   ? 3.816   -17.546 -3.016  1.00 14.77 ? 337 HOH A O   1 
HETATM 1301 O O   . HOH G 6 .   ? -1.483  6.710   11.433  1.00 16.23 ? 338 HOH A O   1 
HETATM 1302 O O   . HOH G 6 .   ? -14.029 -9.430  -5.008  1.00 10.84 ? 339 HOH A O   1 
HETATM 1303 O O   . HOH G 6 .   ? 17.405  1.172   -7.986  1.00 16.54 ? 340 HOH A O   1 
HETATM 1304 O O   . HOH G 6 .   ? 6.570   7.433   -9.437  1.00 16.69 ? 341 HOH A O   1 
HETATM 1305 O O   . HOH G 6 .   ? 11.147  -9.025  4.172   1.00 15.20 ? 342 HOH A O   1 
HETATM 1306 O O   . HOH G 6 .   ? 0.325   7.517   -11.280 1.00 16.35 ? 343 HOH A O   1 
HETATM 1307 O O   . HOH G 6 .   ? -12.355 -6.667  -10.438 1.00 13.73 ? 344 HOH A O   1 
HETATM 1308 O O   . HOH G 6 .   ? -9.430  -6.450  -10.646 1.00 17.76 ? 345 HOH A O   1 
HETATM 1309 O O   . HOH G 6 .   ? -10.294 15.818  10.818  1.00 15.46 ? 346 HOH A O   1 
HETATM 1310 O O   . HOH G 6 .   ? -6.832  7.660   -10.587 1.00 18.28 ? 347 HOH A O   1 
HETATM 1311 O O   . HOH G 6 .   ? -5.704  17.865  15.860  1.00 16.88 ? 348 HOH A O   1 
HETATM 1312 O O   . HOH G 6 .   ? 3.329   -2.151  10.688  1.00 13.53 ? 349 HOH A O   1 
HETATM 1313 O O   . HOH G 6 .   ? -9.216  -0.421  -5.917  1.00 11.11 ? 350 HOH A O   1 
HETATM 1314 O O   . HOH G 6 .   ? -9.619  11.658  10.209  1.00 14.68 ? 351 HOH A O   1 
HETATM 1315 O O   . HOH G 6 .   ? 16.419  -9.777  -5.217  1.00 15.43 ? 352 HOH A O   1 
HETATM 1316 O O   . HOH G 6 .   ? 5.589   3.083   -12.383 1.00 18.20 ? 353 HOH A O   1 
HETATM 1317 O O   . HOH G 6 .   ? 12.169  -14.999 -11.206 1.00 22.80 ? 354 HOH A O   1 
HETATM 1318 O O   . HOH G 6 .   ? -7.789  -15.953 -5.034  1.00 18.59 ? 355 HOH A O   1 
HETATM 1319 O O   . HOH G 6 .   ? 1.691   0.027   10.774  1.00 18.47 ? 356 HOH A O   1 
HETATM 1320 O O   . HOH G 6 .   ? -11.042 8.552   11.758  1.00 20.10 ? 357 HOH A O   1 
HETATM 1321 O O   . HOH G 6 .   ? 4.474   0.742   -12.887 1.00 17.15 ? 358 HOH A O   1 
HETATM 1322 O O   . HOH G 6 .   ? 1.039   -5.627  -13.158 1.00 18.38 ? 359 HOH A O   1 
HETATM 1323 O O   . HOH G 6 .   ? 4.522   8.121   -10.957 1.00 15.70 ? 360 HOH A O   1 
HETATM 1324 O O   . HOH G 6 .   ? -6.447  -3.743  -11.979 1.00 18.36 ? 361 HOH A O   1 
HETATM 1325 O O   . HOH G 6 .   ? 15.216  10.486  2.529   1.00 19.10 ? 362 HOH A O   1 
HETATM 1326 O O   . HOH G 6 .   ? 8.229   -15.399 -3.786  1.00 18.42 ? 363 HOH A O   1 
HETATM 1327 O O   . HOH G 6 .   ? 4.773   -5.605  10.305  1.00 15.66 ? 364 HOH A O   1 
HETATM 1328 O O   . HOH G 6 .   ? 6.048   5.300   12.023  1.00 22.47 ? 365 HOH A O   1 
HETATM 1329 O O   . HOH G 6 .   ? -5.672  -5.487  10.721  1.00 22.55 ? 366 HOH A O   1 
HETATM 1330 O O   . HOH G 6 .   ? -1.499  -7.536  11.468  1.00 20.23 ? 367 HOH A O   1 
HETATM 1331 O O   . HOH G 6 .   ? -14.569 -3.110  0.936   1.00 20.72 ? 368 HOH A O   1 
HETATM 1332 O O   . HOH G 6 .   ? -2.833  -20.124 -1.859  1.00 24.67 ? 369 HOH A O   1 
HETATM 1333 O O   . HOH G 6 .   ? -3.582  -6.340  10.200  1.00 21.21 ? 370 HOH A O   1 
HETATM 1334 O O   . HOH G 6 .   ? 3.136   -18.380 2.314   1.00 28.36 ? 371 HOH A O   1 
HETATM 1335 O O   . HOH G 6 .   ? 18.410  -4.272  -7.429  1.00 24.57 ? 372 HOH A O   1 
HETATM 1336 O O   . HOH G 6 .   ? 21.872  -5.210  -6.884  1.00 24.41 ? 373 HOH A O   1 
HETATM 1337 O O   . HOH G 6 .   ? -4.302  -21.345 1.399   1.00 19.88 ? 374 HOH A O   1 
HETATM 1338 O O   . HOH G 6 .   ? -0.112  15.813  -1.286  1.00 20.21 ? 375 HOH A O   1 
HETATM 1339 O O   . HOH G 6 .   ? -1.266  17.837  9.496   1.00 25.15 ? 376 HOH A O   1 
HETATM 1340 O O   . HOH G 6 .   ? 24.311  3.129   -4.974  1.00 17.38 ? 377 HOH A O   1 
HETATM 1341 O O   . HOH G 6 .   ? 2.129   6.197   -16.694 1.00 27.61 ? 378 HOH A O   1 
HETATM 1342 O O   . HOH G 6 .   ? -0.109  5.914   13.433  1.00 30.15 ? 379 HOH A O   1 
HETATM 1343 O O   . HOH G 6 .   ? 7.144   10.429  3.149   1.00 24.40 ? 380 HOH A O   1 
HETATM 1344 O O   . HOH G 6 .   ? 17.639  -10.656 -3.085  1.00 20.04 ? 381 HOH A O   1 
HETATM 1345 O O   . HOH G 6 .   ? -8.368  20.178  13.592  1.00 23.49 ? 382 HOH A O   1 
HETATM 1346 O O   . HOH G 6 .   ? -0.156  -0.653  12.397  1.00 23.05 ? 383 HOH A O   1 
HETATM 1347 O O   . HOH G 6 .   ? 3.864   7.386   -14.510 1.00 28.70 ? 384 HOH A O   1 
HETATM 1348 O O   . HOH G 6 .   ? -4.002  -17.428 -8.040  1.00 24.24 ? 385 HOH A O   1 
# 
